data_9NFG
# 
_entry.id   9NFG 
# 
_audit_conform.dict_name       mmcif_pdbx.dic 
_audit_conform.dict_version    5.403 
_audit_conform.dict_location   http://mmcif.pdb.org/dictionaries/ascii/mmcif_pdbx.dic 
# 
loop_
_database_2.database_id 
_database_2.database_code 
_database_2.pdbx_database_accession 
_database_2.pdbx_DOI 
PDB   9NFG         pdb_00009nfg 10.2210/pdb9nfg/pdb 
WWPDB D_1000293245 ?            ?                   
# 
_pdbx_audit_revision_history.ordinal             1 
_pdbx_audit_revision_history.data_content_type   'Structure model' 
_pdbx_audit_revision_history.major_revision      1 
_pdbx_audit_revision_history.minor_revision      0 
_pdbx_audit_revision_history.revision_date       2025-04-09 
_pdbx_audit_revision_history.part_number         ? 
# 
_pdbx_audit_revision_details.ordinal             1 
_pdbx_audit_revision_details.revision_ordinal    1 
_pdbx_audit_revision_details.data_content_type   'Structure model' 
_pdbx_audit_revision_details.provider            repository 
_pdbx_audit_revision_details.type                'Initial release' 
_pdbx_audit_revision_details.description         ? 
_pdbx_audit_revision_details.details             ? 
# 
_pdbx_database_status.status_code                     REL 
_pdbx_database_status.status_code_sf                  REL 
_pdbx_database_status.status_code_mr                  ? 
_pdbx_database_status.entry_id                        9NFG 
_pdbx_database_status.recvd_initial_deposition_date   2025-02-21 
_pdbx_database_status.SG_entry                        N 
_pdbx_database_status.deposit_site                    RCSB 
_pdbx_database_status.process_site                    RCSB 
_pdbx_database_status.status_code_cs                  ? 
_pdbx_database_status.status_code_nmr_data            ? 
_pdbx_database_status.methods_development_category    ? 
_pdbx_database_status.pdb_format_compatible           Y 
# 
_pdbx_contact_author.id                 2 
_pdbx_contact_author.email              rs17@nyu.edu 
_pdbx_contact_author.name_first         Ruojie 
_pdbx_contact_author.name_last          Sha 
_pdbx_contact_author.name_mi            ? 
_pdbx_contact_author.role               'principal investigator/group leader' 
_pdbx_contact_author.identifier_ORCID   0000-0002-0807-734X 
# 
loop_
_audit_author.name 
_audit_author.pdbx_ordinal 
_audit_author.identifier_ORCID 
'Abi Rizk, J.'  1 0009-0000-0766-7631 
'Horvath, A.'   2 0009-0008-5770-8014 
'Vecchioni, S.' 3 0000-0001-8243-650X 
'Woloszyn, K.'  4 0000-0003-1200-583X 
'Ohayon, Y.P.'  5 0000-0001-7500-4282 
'Sha, R.'       6 0000-0002-0807-734X 
# 
_citation.abstract                  ? 
_citation.abstract_id_CAS           ? 
_citation.book_id_ISBN              ? 
_citation.book_publisher            ? 
_citation.book_publisher_city       ? 
_citation.book_title                ? 
_citation.coordinate_linkage        ? 
_citation.country                   ? 
_citation.database_id_Medline       ? 
_citation.details                   ? 
_citation.id                        primary 
_citation.journal_abbrev            'To Be Published' 
_citation.journal_id_ASTM           ? 
_citation.journal_id_CSD            0353 
_citation.journal_id_ISSN           ? 
_citation.journal_full              ? 
_citation.journal_issue             ? 
_citation.journal_volume            ? 
_citation.language                  ? 
_citation.page_first                ? 
_citation.page_last                 ? 
_citation.title                     'Shifted tensegrity triangles' 
_citation.year                      ? 
_citation.database_id_CSD           ? 
_citation.pdbx_database_id_DOI      ? 
_citation.pdbx_database_id_PubMed   ? 
_citation.pdbx_database_id_patent   ? 
_citation.unpublished_flag          ? 
# 
loop_
_citation_author.citation_id 
_citation_author.name 
_citation_author.ordinal 
_citation_author.identifier_ORCID 
primary 'Abi Rizk, J.'  1 0009-0000-0766-7631 
primary 'Horvath, A.'   2 0009-0008-5770-8014 
primary 'Vecchioni, S.' 3 0000-0001-8243-650X 
primary 'Woloszyn, K.'  4 0000-0003-1200-583X 
primary 'Ohayon, Y.P.'  5 0000-0001-7500-4282 
primary 'Sha, R.'       6 0000-0002-0807-734X 
# 
loop_
_entity.id 
_entity.type 
_entity.src_method 
_entity.pdbx_description 
_entity.formula_weight 
_entity.pdbx_number_of_molecules 
_entity.pdbx_ec 
_entity.pdbx_mutation 
_entity.pdbx_fragment 
_entity.details 
1 polymer syn 
;DNA (5'-D(P*AP*CP*GP*GP*AP*CP*AP*CP*GP*TP*CP*A)-3')
;
3656.407 1 ? ? ? ? 
2 polymer syn 
;DNA (5'-D(P*CP*AP*CP*AP*CP*CP*GP*T)-3')
;
2371.582 1 ? ? ? ? 
3 polymer syn 
;DNA (5'-D(P*C*TP*GP*AP*CP*GP*TP*GP*TP*GP*CP*TP*C)-3')
;
3958.571 1 ? ? ? ? 
4 polymer syn 
;DNA (5'-D(P*GP*GP*AP*GP*CP*TP*GP*TP*G)-3')
;
2811.846 1 ? ? ? ? 
# 
loop_
_entity_poly.entity_id 
_entity_poly.type 
_entity_poly.nstd_linkage 
_entity_poly.nstd_monomer 
_entity_poly.pdbx_seq_one_letter_code 
_entity_poly.pdbx_seq_one_letter_code_can 
_entity_poly.pdbx_strand_id 
_entity_poly.pdbx_target_identifier 
1 polydeoxyribonucleotide no no '(DA)(DC)(DG)(DG)(DA)(DC)(DA)(DC)(DG)(DT)(DC)(DA)'     ACGGACACGTCA  A ? 
2 polydeoxyribonucleotide no no '(DC)(DA)(DC)(DA)(DC)(DC)(DG)(DT)'                     CACACCGT      B ? 
3 polydeoxyribonucleotide no no '(DC)(DT)(DG)(DA)(DC)(DG)(DT)(DG)(DT)(DG)(DC)(DT)(DC)' CTGACGTGTGCTC D ? 
4 polydeoxyribonucleotide no no '(DG)(DG)(DA)(DG)(DC)(DT)(DG)(DT)(DG)'                 GGAGCTGTG     X ? 
# 
loop_
_entity_poly_seq.entity_id 
_entity_poly_seq.num 
_entity_poly_seq.mon_id 
_entity_poly_seq.hetero 
1 1  DA n 
1 2  DC n 
1 3  DG n 
1 4  DG n 
1 5  DA n 
1 6  DC n 
1 7  DA n 
1 8  DC n 
1 9  DG n 
1 10 DT n 
1 11 DC n 
1 12 DA n 
2 1  DC n 
2 2  DA n 
2 3  DC n 
2 4  DA n 
2 5  DC n 
2 6  DC n 
2 7  DG n 
2 8  DT n 
3 1  DC n 
3 2  DT n 
3 3  DG n 
3 4  DA n 
3 5  DC n 
3 6  DG n 
3 7  DT n 
3 8  DG n 
3 9  DT n 
3 10 DG n 
3 11 DC n 
3 12 DT n 
3 13 DC n 
4 1  DG n 
4 2  DG n 
4 3  DA n 
4 4  DG n 
4 5  DC n 
4 6  DT n 
4 7  DG n 
4 8  DT n 
4 9  DG n 
# 
loop_
_pdbx_entity_src_syn.entity_id 
_pdbx_entity_src_syn.pdbx_src_id 
_pdbx_entity_src_syn.pdbx_alt_source_flag 
_pdbx_entity_src_syn.pdbx_beg_seq_num 
_pdbx_entity_src_syn.pdbx_end_seq_num 
_pdbx_entity_src_syn.organism_scientific 
_pdbx_entity_src_syn.organism_common_name 
_pdbx_entity_src_syn.ncbi_taxonomy_id 
_pdbx_entity_src_syn.details 
1 1 sample 1 12 'synthetic construct' ? 32630 ? 
2 1 sample 1 8  'synthetic construct' ? 32630 ? 
3 1 sample 1 13 'synthetic construct' ? 32630 ? 
4 1 sample 1 9  'synthetic construct' ? 32630 ? 
# 
loop_
_chem_comp.id 
_chem_comp.type 
_chem_comp.mon_nstd_flag 
_chem_comp.name 
_chem_comp.pdbx_synonyms 
_chem_comp.formula 
_chem_comp.formula_weight 
DA 'DNA linking' y "2'-DEOXYADENOSINE-5'-MONOPHOSPHATE" ? 'C10 H14 N5 O6 P' 331.222 
DC 'DNA linking' y "2'-DEOXYCYTIDINE-5'-MONOPHOSPHATE"  ? 'C9 H14 N3 O7 P'  307.197 
DG 'DNA linking' y "2'-DEOXYGUANOSINE-5'-MONOPHOSPHATE" ? 'C10 H14 N5 O7 P' 347.221 
DT 'DNA linking' y "THYMIDINE-5'-MONOPHOSPHATE"         ? 'C10 H15 N2 O8 P' 322.208 
# 
loop_
_pdbx_poly_seq_scheme.asym_id 
_pdbx_poly_seq_scheme.entity_id 
_pdbx_poly_seq_scheme.seq_id 
_pdbx_poly_seq_scheme.mon_id 
_pdbx_poly_seq_scheme.ndb_seq_num 
_pdbx_poly_seq_scheme.pdb_seq_num 
_pdbx_poly_seq_scheme.auth_seq_num 
_pdbx_poly_seq_scheme.pdb_mon_id 
_pdbx_poly_seq_scheme.auth_mon_id 
_pdbx_poly_seq_scheme.pdb_strand_id 
_pdbx_poly_seq_scheme.pdb_ins_code 
_pdbx_poly_seq_scheme.hetero 
A 1 1  DA 1  112 112 DA DA A . n 
A 1 2  DC 2  113 113 DC DC A . n 
A 1 3  DG 3  114 114 DG DG A . n 
A 1 4  DG 4  115 115 DG DG A . n 
A 1 5  DA 5  116 116 DA DA A . n 
A 1 6  DC 6  117 117 DC DC A . n 
A 1 7  DA 7  118 118 DA DA A . n 
A 1 8  DC 8  119 119 DC DC A . n 
A 1 9  DG 9  120 120 DG DG A . n 
A 1 10 DT 10 121 121 DT DT A . n 
A 1 11 DC 11 122 122 DC DC A . n 
A 1 12 DA 12 123 123 DA DA A . n 
B 2 1  DC 1  131 131 DC DC B . n 
B 2 2  DA 2  132 132 DA DA B . n 
B 2 3  DC 3  133 133 DC DC B . n 
B 2 4  DA 4  134 134 DA DA B . n 
B 2 5  DC 5  135 135 DC DC B . n 
B 2 6  DC 6  136 136 DC DC B . n 
B 2 7  DG 7  137 137 DG DG B . n 
B 2 8  DT 8  138 138 DT DT B . n 
C 3 1  DC 1  200 200 DC DC D . n 
C 3 2  DT 2  201 201 DT DT D . n 
C 3 3  DG 3  202 202 DG DG D . n 
C 3 4  DA 4  203 203 DA DA D . n 
C 3 5  DC 5  204 204 DC DC D . n 
C 3 6  DG 6  205 205 DG DG D . n 
C 3 7  DT 7  206 206 DT DT D . n 
C 3 8  DG 8  207 207 DG DG D . n 
C 3 9  DT 9  208 208 DT DT D . n 
C 3 10 DG 10 209 209 DG DG D . n 
C 3 11 DC 11 210 210 DC DC D . n 
C 3 12 DT 12 211 211 DT DT D . n 
C 3 13 DC 13 212 212 DC DC D . n 
D 4 1  DG 1  103 103 DG DG X . n 
D 4 2  DG 2  104 104 DG DG X . n 
D 4 3  DA 3  105 105 DA DA X . n 
D 4 4  DG 4  106 106 DG DG X . n 
D 4 5  DC 5  107 107 DC DC X . n 
D 4 6  DT 6  108 108 DT DT X . n 
D 4 7  DG 7  109 109 DG DG X . n 
D 4 8  DT 8  110 110 DT DT X . n 
D 4 9  DG 9  111 111 DG DG X . n 
# 
loop_
_software.citation_id 
_software.classification 
_software.compiler_name 
_software.compiler_version 
_software.contact_author 
_software.contact_author_email 
_software.date 
_software.description 
_software.dependencies 
_software.hardware 
_software.language 
_software.location 
_software.mods 
_software.name 
_software.os 
_software.os_version 
_software.type 
_software.version 
_software.pdbx_ordinal 
? refinement       ? ? ? ? ? ? ? ? ? ? ? PHENIX    ? ? ? 1.20.1_4487 1 
? 'data reduction' ? ? ? ? ? ? ? ? ? ? ? autoPROC  ? ? ? .           2 
? 'data scaling'   ? ? ? ? ? ? ? ? ? ? ? STARANISO ? ? ? .           3 
? phasing          ? ? ? ? ? ? ? ? ? ? ? PHASER    ? ? ? .           4 
# 
_cell.angle_alpha                  90.000 
_cell.angle_alpha_esd              ? 
_cell.angle_beta                   90.000 
_cell.angle_beta_esd               ? 
_cell.angle_gamma                  120.000 
_cell.angle_gamma_esd              ? 
_cell.entry_id                     9NFG 
_cell.details                      ? 
_cell.formula_units_Z              ? 
_cell.length_a                     135.133 
_cell.length_a_esd                 ? 
_cell.length_b                     135.133 
_cell.length_b_esd                 ? 
_cell.length_c                     42.844 
_cell.length_c_esd                 ? 
_cell.volume                       677553.322 
_cell.volume_esd                   ? 
_cell.Z_PDB                        6 
_cell.reciprocal_angle_alpha       ? 
_cell.reciprocal_angle_beta        ? 
_cell.reciprocal_angle_gamma       ? 
_cell.reciprocal_angle_alpha_esd   ? 
_cell.reciprocal_angle_beta_esd    ? 
_cell.reciprocal_angle_gamma_esd   ? 
_cell.reciprocal_length_a          ? 
_cell.reciprocal_length_b          ? 
_cell.reciprocal_length_c          ? 
_cell.reciprocal_length_a_esd      ? 
_cell.reciprocal_length_b_esd      ? 
_cell.reciprocal_length_c_esd      ? 
_cell.pdbx_unique_axis             ? 
_cell.pdbx_esd_method              ? 
# 
_symmetry.entry_id                         9NFG 
_symmetry.cell_setting                     ? 
_symmetry.Int_Tables_number                173 
_symmetry.space_group_name_Hall            'P 6c' 
_symmetry.space_group_name_H-M             'P 63' 
_symmetry.pdbx_full_space_group_name_H-M   ? 
# 
_exptl.absorpt_coefficient_mu     ? 
_exptl.absorpt_correction_T_max   ? 
_exptl.absorpt_correction_T_min   ? 
_exptl.absorpt_correction_type    ? 
_exptl.absorpt_process_details    ? 
_exptl.entry_id                   9NFG 
_exptl.crystals_number            1 
_exptl.details                    ? 
_exptl.method                     'X-RAY DIFFRACTION' 
_exptl.method_details             ? 
# 
_exptl_crystal.colour                       ? 
_exptl_crystal.density_diffrn               ? 
_exptl_crystal.density_Matthews             ? 
_exptl_crystal.density_method               ? 
_exptl_crystal.density_percent_sol          ? 
_exptl_crystal.description                  ? 
_exptl_crystal.F_000                        ? 
_exptl_crystal.id                           1 
_exptl_crystal.preparation                  ? 
_exptl_crystal.size_max                     ? 
_exptl_crystal.size_mid                     ? 
_exptl_crystal.size_min                     ? 
_exptl_crystal.size_rad                     ? 
_exptl_crystal.colour_lustre                ? 
_exptl_crystal.colour_modifier              ? 
_exptl_crystal.colour_primary               ? 
_exptl_crystal.density_meas                 ? 
_exptl_crystal.density_meas_esd             ? 
_exptl_crystal.density_meas_gt              ? 
_exptl_crystal.density_meas_lt              ? 
_exptl_crystal.density_meas_temp            ? 
_exptl_crystal.density_meas_temp_esd        ? 
_exptl_crystal.density_meas_temp_gt         ? 
_exptl_crystal.density_meas_temp_lt         ? 
_exptl_crystal.pdbx_crystal_image_url       ? 
_exptl_crystal.pdbx_crystal_image_format    ? 
_exptl_crystal.pdbx_mosaicity               ? 
_exptl_crystal.pdbx_mosaicity_esd           ? 
_exptl_crystal.pdbx_mosaic_method           ? 
_exptl_crystal.pdbx_mosaic_block_size       ? 
_exptl_crystal.pdbx_mosaic_block_size_esd   ? 
# 
_exptl_crystal_grow.apparatus       ? 
_exptl_crystal_grow.atmosphere      ? 
_exptl_crystal_grow.crystal_id      1 
_exptl_crystal_grow.details         ? 
_exptl_crystal_grow.method          'VAPOR DIFFUSION, HANGING DROP' 
_exptl_crystal_grow.method_ref      ? 
_exptl_crystal_grow.pH              ? 
_exptl_crystal_grow.pressure        ? 
_exptl_crystal_grow.pressure_esd    ? 
_exptl_crystal_grow.seeding         ? 
_exptl_crystal_grow.seeding_ref     ? 
_exptl_crystal_grow.temp_details    '338-293 at 0.4/hr' 
_exptl_crystal_grow.temp_esd        ? 
_exptl_crystal_grow.time            ? 
_exptl_crystal_grow.pdbx_details    '100 mM MOPS, 1.25 M magnesium sulfate' 
_exptl_crystal_grow.pdbx_pH_range   ? 
_exptl_crystal_grow.temp            293 
# 
_diffrn.ambient_environment              ? 
_diffrn.ambient_temp                     100 
_diffrn.ambient_temp_details             ? 
_diffrn.ambient_temp_esd                 ? 
_diffrn.crystal_id                       1 
_diffrn.crystal_support                  ? 
_diffrn.crystal_treatment                ? 
_diffrn.details                          ? 
_diffrn.id                               1 
_diffrn.ambient_pressure                 ? 
_diffrn.ambient_pressure_esd             ? 
_diffrn.ambient_pressure_gt              ? 
_diffrn.ambient_pressure_lt              ? 
_diffrn.ambient_temp_gt                  ? 
_diffrn.ambient_temp_lt                  ? 
_diffrn.pdbx_serial_crystal_experiment   N 
# 
_diffrn_detector.details                      ? 
_diffrn_detector.detector                     PIXEL 
_diffrn_detector.diffrn_id                    1 
_diffrn_detector.type                         'DECTRIS EIGER X 9M' 
_diffrn_detector.area_resol_mean              ? 
_diffrn_detector.dtime                        ? 
_diffrn_detector.pdbx_frames_total            ? 
_diffrn_detector.pdbx_collection_time_total   ? 
_diffrn_detector.pdbx_collection_date         2023-03-19 
_diffrn_detector.pdbx_frequency               ? 
_diffrn_detector.id                           ? 
_diffrn_detector.number_of_axes               ? 
# 
_diffrn_radiation.collimation                      ? 
_diffrn_radiation.diffrn_id                        1 
_diffrn_radiation.filter_edge                      ? 
_diffrn_radiation.inhomogeneity                    ? 
_diffrn_radiation.monochromator                    ? 
_diffrn_radiation.polarisn_norm                    ? 
_diffrn_radiation.polarisn_ratio                   ? 
_diffrn_radiation.probe                            ? 
_diffrn_radiation.type                             ? 
_diffrn_radiation.xray_symbol                      ? 
_diffrn_radiation.wavelength_id                    1 
_diffrn_radiation.pdbx_monochromatic_or_laue_m_l   M 
_diffrn_radiation.pdbx_wavelength_list             ? 
_diffrn_radiation.pdbx_wavelength                  ? 
_diffrn_radiation.pdbx_diffrn_protocol             'SINGLE WAVELENGTH' 
_diffrn_radiation.pdbx_analyzer                    ? 
_diffrn_radiation.pdbx_scattering_type             x-ray 
# 
_diffrn_radiation_wavelength.id           1 
_diffrn_radiation_wavelength.wavelength   0.991870 
_diffrn_radiation_wavelength.wt           1.0 
# 
_diffrn_source.current                     ? 
_diffrn_source.details                     ? 
_diffrn_source.diffrn_id                   1 
_diffrn_source.power                       ? 
_diffrn_source.size                        ? 
_diffrn_source.source                      SYNCHROTRON 
_diffrn_source.target                      ? 
_diffrn_source.type                        'APS BEAMLINE 17-ID' 
_diffrn_source.voltage                     ? 
_diffrn_source.take-off_angle              ? 
_diffrn_source.pdbx_wavelength_list        0.991870 
_diffrn_source.pdbx_wavelength             ? 
_diffrn_source.pdbx_synchrotron_beamline   17-ID 
_diffrn_source.pdbx_synchrotron_site       APS 
# 
_reflns.B_iso_Wilson_estimate                          379.43 
_reflns.entry_id                                       9NFG 
_reflns.data_reduction_details                         ? 
_reflns.data_reduction_method                          ? 
_reflns.d_resolution_high                              5.766 
_reflns.d_resolution_low                               67.567 
_reflns.details                                        ? 
_reflns.limit_h_max                                    ? 
_reflns.limit_h_min                                    ? 
_reflns.limit_k_max                                    ? 
_reflns.limit_k_min                                    ? 
_reflns.limit_l_max                                    ? 
_reflns.limit_l_min                                    ? 
_reflns.number_all                                     ? 
_reflns.number_obs                                     964 
_reflns.observed_criterion                             ? 
_reflns.observed_criterion_F_max                       ? 
_reflns.observed_criterion_F_min                       ? 
_reflns.observed_criterion_I_max                       ? 
_reflns.observed_criterion_I_min                       ? 
_reflns.observed_criterion_sigma_F                     ? 
_reflns.observed_criterion_sigma_I                     ? 
_reflns.percent_possible_obs                           85.8 
_reflns.R_free_details                                 ? 
_reflns.Rmerge_F_all                                   ? 
_reflns.Rmerge_F_obs                                   ? 
_reflns.Friedel_coverage                               ? 
_reflns.number_gt                                      ? 
_reflns.threshold_expression                           ? 
_reflns.pdbx_redundancy                                18 
_reflns.pdbx_netI_over_av_sigmaI                       ? 
_reflns.pdbx_netI_over_sigmaI                          9.0 
_reflns.pdbx_res_netI_over_av_sigmaI_2                 ? 
_reflns.pdbx_res_netI_over_sigmaI_2                    ? 
_reflns.pdbx_chi_squared                               ? 
_reflns.pdbx_scaling_rejects                           ? 
_reflns.pdbx_d_res_high_opt                            ? 
_reflns.pdbx_d_res_low_opt                             ? 
_reflns.pdbx_d_res_opt_method                          ? 
_reflns.phase_calculation_details                      ? 
_reflns.pdbx_Rrim_I_all                                ? 
_reflns.pdbx_Rpim_I_all                                ? 
_reflns.pdbx_d_opt                                     ? 
_reflns.pdbx_number_measured_all                       ? 
_reflns.pdbx_diffrn_id                                 1 
_reflns.pdbx_ordinal                                   1 
_reflns.pdbx_CC_half                                   .998 
_reflns.pdbx_CC_star                                   ? 
_reflns.pdbx_R_split                                   ? 
_reflns.pdbx_Rmerge_I_obs                              ? 
_reflns.pdbx_Rmerge_I_all                              ? 
_reflns.pdbx_Rsym_value                                ? 
_reflns.pdbx_CC_split_method                           ? 
_reflns.pdbx_aniso_diffraction_limit_axis_1_ortho[1]   ? 
_reflns.pdbx_aniso_diffraction_limit_axis_1_ortho[2]   ? 
_reflns.pdbx_aniso_diffraction_limit_axis_1_ortho[3]   ? 
_reflns.pdbx_aniso_diffraction_limit_axis_2_ortho[1]   ? 
_reflns.pdbx_aniso_diffraction_limit_axis_2_ortho[2]   ? 
_reflns.pdbx_aniso_diffraction_limit_axis_2_ortho[3]   ? 
_reflns.pdbx_aniso_diffraction_limit_axis_3_ortho[1]   ? 
_reflns.pdbx_aniso_diffraction_limit_axis_3_ortho[2]   ? 
_reflns.pdbx_aniso_diffraction_limit_axis_3_ortho[3]   ? 
_reflns.pdbx_aniso_diffraction_limit_1                 ? 
_reflns.pdbx_aniso_diffraction_limit_2                 ? 
_reflns.pdbx_aniso_diffraction_limit_3                 ? 
_reflns.pdbx_aniso_B_tensor_eigenvector_1_ortho[1]     ? 
_reflns.pdbx_aniso_B_tensor_eigenvector_1_ortho[2]     ? 
_reflns.pdbx_aniso_B_tensor_eigenvector_1_ortho[3]     ? 
_reflns.pdbx_aniso_B_tensor_eigenvector_2_ortho[1]     ? 
_reflns.pdbx_aniso_B_tensor_eigenvector_2_ortho[2]     ? 
_reflns.pdbx_aniso_B_tensor_eigenvector_2_ortho[3]     ? 
_reflns.pdbx_aniso_B_tensor_eigenvector_3_ortho[1]     ? 
_reflns.pdbx_aniso_B_tensor_eigenvector_3_ortho[2]     ? 
_reflns.pdbx_aniso_B_tensor_eigenvector_3_ortho[3]     ? 
_reflns.pdbx_aniso_B_tensor_eigenvalue_1               ? 
_reflns.pdbx_aniso_B_tensor_eigenvalue_2               ? 
_reflns.pdbx_aniso_B_tensor_eigenvalue_3               ? 
_reflns.pdbx_orthogonalization_convention              ? 
_reflns.pdbx_percent_possible_ellipsoidal              ? 
_reflns.pdbx_percent_possible_spherical                ? 
_reflns.pdbx_percent_possible_ellipsoidal_anomalous    ? 
_reflns.pdbx_percent_possible_spherical_anomalous      ? 
_reflns.pdbx_redundancy_anomalous                      ? 
_reflns.pdbx_CC_half_anomalous                         ? 
_reflns.pdbx_absDiff_over_sigma_anomalous              ? 
_reflns.pdbx_percent_possible_anomalous                ? 
_reflns.pdbx_observed_signal_threshold                 ? 
_reflns.pdbx_signal_type                               ? 
_reflns.pdbx_signal_details                            ? 
_reflns.pdbx_signal_software_id                        ? 
# 
loop_
_reflns_shell.d_res_high 
_reflns_shell.d_res_low 
_reflns_shell.meanI_over_sigI_all 
_reflns_shell.meanI_over_sigI_obs 
_reflns_shell.number_measured_all 
_reflns_shell.number_measured_obs 
_reflns_shell.number_possible 
_reflns_shell.number_unique_all 
_reflns_shell.number_unique_obs 
_reflns_shell.percent_possible_obs 
_reflns_shell.Rmerge_F_all 
_reflns_shell.Rmerge_F_obs 
_reflns_shell.meanI_over_sigI_gt 
_reflns_shell.meanI_over_uI_all 
_reflns_shell.meanI_over_uI_gt 
_reflns_shell.number_measured_gt 
_reflns_shell.number_unique_gt 
_reflns_shell.percent_possible_gt 
_reflns_shell.Rmerge_F_gt 
_reflns_shell.Rmerge_I_gt 
_reflns_shell.pdbx_redundancy 
_reflns_shell.pdbx_chi_squared 
_reflns_shell.pdbx_netI_over_sigmaI_all 
_reflns_shell.pdbx_netI_over_sigmaI_obs 
_reflns_shell.pdbx_Rrim_I_all 
_reflns_shell.pdbx_Rpim_I_all 
_reflns_shell.pdbx_rejects 
_reflns_shell.pdbx_ordinal 
_reflns_shell.pdbx_diffrn_id 
_reflns_shell.pdbx_CC_half 
_reflns_shell.pdbx_CC_star 
_reflns_shell.pdbx_R_split 
_reflns_shell.percent_possible_all 
_reflns_shell.Rmerge_I_all 
_reflns_shell.Rmerge_I_obs 
_reflns_shell.pdbx_Rsym_value 
_reflns_shell.pdbx_percent_possible_ellipsoidal 
_reflns_shell.pdbx_percent_possible_spherical 
_reflns_shell.pdbx_percent_possible_ellipsoidal_anomalous 
_reflns_shell.pdbx_percent_possible_spherical_anomalous 
_reflns_shell.pdbx_redundancy_anomalous 
_reflns_shell.pdbx_CC_half_anomalous 
_reflns_shell.pdbx_absDiff_over_sigma_anomalous 
_reflns_shell.pdbx_percent_possible_anomalous 
5.766  6.681  ? ? ? ? ? ? 194 ? ? ? ? ? ? ? ? ? ? ? ? ? ? ? ? ? ? 1 1 .727 ? ? ? ? ? ? ? ? ? ? ? ? ? ? 
11.289 67.566 ? ? ? ? ? ? 193 ? ? ? ? ? ? ? ? ? ? ? ? ? ? ? ? ? ? 2 1 .998 ? ? ? ? ? ? ? ? ? ? ? ? ? ? 
# 
_refine.aniso_B[1][1]                            ? 
_refine.aniso_B[1][2]                            ? 
_refine.aniso_B[1][3]                            ? 
_refine.aniso_B[2][2]                            ? 
_refine.aniso_B[2][3]                            ? 
_refine.aniso_B[3][3]                            ? 
_refine.B_iso_max                                ? 
_refine.B_iso_mean                               440.48 
_refine.B_iso_min                                ? 
_refine.correlation_coeff_Fo_to_Fc               ? 
_refine.correlation_coeff_Fo_to_Fc_free          ? 
_refine.details                                  ? 
_refine.diff_density_max                         ? 
_refine.diff_density_max_esd                     ? 
_refine.diff_density_min                         ? 
_refine.diff_density_min_esd                     ? 
_refine.diff_density_rms                         ? 
_refine.diff_density_rms_esd                     ? 
_refine.entry_id                                 9NFG 
_refine.pdbx_refine_id                           'X-RAY DIFFRACTION' 
_refine.ls_abs_structure_details                 ? 
_refine.ls_abs_structure_Flack                   ? 
_refine.ls_abs_structure_Flack_esd               ? 
_refine.ls_abs_structure_Rogers                  ? 
_refine.ls_abs_structure_Rogers_esd              ? 
_refine.ls_d_res_high                            5.77 
_refine.ls_d_res_low                             39.01 
_refine.ls_extinction_coef                       ? 
_refine.ls_extinction_coef_esd                   ? 
_refine.ls_extinction_expression                 ? 
_refine.ls_extinction_method                     ? 
_refine.ls_goodness_of_fit_all                   ? 
_refine.ls_goodness_of_fit_all_esd               ? 
_refine.ls_goodness_of_fit_obs                   ? 
_refine.ls_goodness_of_fit_obs_esd               ? 
_refine.ls_hydrogen_treatment                    ? 
_refine.ls_matrix_type                           ? 
_refine.ls_number_constraints                    ? 
_refine.ls_number_parameters                     ? 
_refine.ls_number_reflns_all                     ? 
_refine.ls_number_reflns_obs                     955 
_refine.ls_number_reflns_R_free                  55 
_refine.ls_number_reflns_R_work                  900 
_refine.ls_number_restraints                     ? 
_refine.ls_percent_reflns_obs                    70.07 
_refine.ls_percent_reflns_R_free                 5.76 
_refine.ls_R_factor_all                          ? 
_refine.ls_R_factor_obs                          0.1912 
_refine.ls_R_factor_R_free                       0.2875 
_refine.ls_R_factor_R_free_error                 ? 
_refine.ls_R_factor_R_free_error_details         ? 
_refine.ls_R_factor_R_work                       0.1869 
_refine.ls_R_Fsqd_factor_obs                     ? 
_refine.ls_R_I_factor_obs                        ? 
_refine.ls_redundancy_reflns_all                 ? 
_refine.ls_redundancy_reflns_obs                 ? 
_refine.ls_restrained_S_all                      ? 
_refine.ls_restrained_S_obs                      ? 
_refine.ls_shift_over_esd_max                    ? 
_refine.ls_shift_over_esd_mean                   ? 
_refine.ls_structure_factor_coef                 ? 
_refine.ls_weighting_details                     ? 
_refine.ls_weighting_scheme                      ? 
_refine.ls_wR_factor_all                         ? 
_refine.ls_wR_factor_obs                         ? 
_refine.ls_wR_factor_R_free                      ? 
_refine.ls_wR_factor_R_work                      ? 
_refine.occupancy_max                            ? 
_refine.occupancy_min                            ? 
_refine.solvent_model_details                    'FLAT BULK SOLVENT MODEL' 
_refine.solvent_model_param_bsol                 ? 
_refine.solvent_model_param_ksol                 ? 
_refine.correlation_coeff_I_to_Fcsqd_work        ? 
_refine.correlation_coeff_I_to_Fcsqd_free        ? 
_refine.pdbx_R_complete                          ? 
_refine.ls_R_factor_gt                           ? 
_refine.ls_goodness_of_fit_gt                    ? 
_refine.ls_goodness_of_fit_ref                   ? 
_refine.ls_shift_over_su_max                     ? 
_refine.ls_shift_over_su_max_lt                  ? 
_refine.ls_shift_over_su_mean                    ? 
_refine.ls_shift_over_su_mean_lt                 ? 
_refine.pdbx_ls_sigma_I                          ? 
_refine.pdbx_ls_sigma_F                          1.39 
_refine.pdbx_ls_sigma_Fsqd                       ? 
_refine.pdbx_data_cutoff_high_absF               ? 
_refine.pdbx_data_cutoff_high_rms_absF           ? 
_refine.pdbx_data_cutoff_low_absF                ? 
_refine.pdbx_isotropic_thermal_model             ? 
_refine.pdbx_ls_cross_valid_method               'FREE R-VALUE' 
_refine.pdbx_method_to_determine_struct          'MOLECULAR REPLACEMENT' 
_refine.pdbx_starting_model                      ? 
_refine.pdbx_stereochemistry_target_values       'GeoStd + Monomer Library + CDL v1.2' 
_refine.pdbx_R_Free_selection_details            ? 
_refine.pdbx_stereochem_target_val_spec_case     ? 
_refine.pdbx_overall_ESU_R                       ? 
_refine.pdbx_overall_ESU_R_Free                  ? 
_refine.pdbx_solvent_vdw_probe_radii             1.1000 
_refine.pdbx_solvent_ion_probe_radii             ? 
_refine.pdbx_solvent_shrinkage_radii             0.9000 
_refine.pdbx_real_space_R                        ? 
_refine.pdbx_density_correlation                 ? 
_refine.pdbx_pd_number_of_powder_patterns        ? 
_refine.pdbx_pd_number_of_points                 ? 
_refine.pdbx_pd_meas_number_of_points            ? 
_refine.pdbx_pd_proc_ls_prof_R_factor            ? 
_refine.pdbx_pd_proc_ls_prof_wR_factor           ? 
_refine.pdbx_pd_Marquardt_correlation_coeff      ? 
_refine.pdbx_pd_Fsqrd_R_factor                   ? 
_refine.pdbx_pd_ls_matrix_band_width             ? 
_refine.pdbx_overall_phase_error                 33.4596 
_refine.pdbx_overall_SU_R_free_Cruickshank_DPI   ? 
_refine.pdbx_overall_SU_R_free_Blow_DPI          ? 
_refine.pdbx_overall_SU_R_Blow_DPI               ? 
_refine.pdbx_TLS_residual_ADP_flag               ? 
_refine.pdbx_diffrn_id                           1 
_refine.overall_SU_B                             ? 
_refine.overall_SU_ML                            0.0000 
_refine.overall_SU_R_Cruickshank_DPI             ? 
_refine.overall_SU_R_free                        ? 
_refine.overall_FOM_free_R_set                   ? 
_refine.overall_FOM_work_R_set                   ? 
_refine.pdbx_average_fsc_overall                 ? 
_refine.pdbx_average_fsc_work                    ? 
_refine.pdbx_average_fsc_free                    ? 
# 
_refine_hist.pdbx_refine_id                   'X-RAY DIFFRACTION' 
_refine_hist.cycle_id                         LAST 
_refine_hist.details                          ? 
_refine_hist.d_res_high                       5.77 
_refine_hist.d_res_low                        39.01 
_refine_hist.number_atoms_solvent             0 
_refine_hist.number_atoms_total               855 
_refine_hist.number_reflns_all                ? 
_refine_hist.number_reflns_obs                ? 
_refine_hist.number_reflns_R_free             ? 
_refine_hist.number_reflns_R_work             ? 
_refine_hist.R_factor_all                     ? 
_refine_hist.R_factor_obs                     ? 
_refine_hist.R_factor_R_free                  ? 
_refine_hist.R_factor_R_work                  ? 
_refine_hist.pdbx_number_residues_total       ? 
_refine_hist.pdbx_B_iso_mean_ligand           ? 
_refine_hist.pdbx_B_iso_mean_solvent          ? 
_refine_hist.pdbx_number_atoms_protein        0 
_refine_hist.pdbx_number_atoms_nucleic_acid   855 
_refine_hist.pdbx_number_atoms_ligand         0 
_refine_hist.pdbx_number_atoms_lipid          ? 
_refine_hist.pdbx_number_atoms_carb           ? 
_refine_hist.pdbx_pseudo_atom_details         ? 
# 
loop_
_refine_ls_restr.pdbx_refine_id 
_refine_ls_restr.criterion 
_refine_ls_restr.dev_ideal 
_refine_ls_restr.dev_ideal_target 
_refine_ls_restr.number 
_refine_ls_restr.rejects 
_refine_ls_restr.type 
_refine_ls_restr.weight 
_refine_ls_restr.pdbx_restraint_function 
'X-RAY DIFFRACTION' ? 0.0071  ? 956  ? f_bond_d           ? ? 
'X-RAY DIFFRACTION' ? 0.9526  ? 1467 ? f_angle_d          ? ? 
'X-RAY DIFFRACTION' ? 0.0535  ? 166  ? f_chiral_restr     ? ? 
'X-RAY DIFFRACTION' ? 0.0063  ? 42   ? f_plane_restr      ? ? 
'X-RAY DIFFRACTION' ? 40.2741 ? 406  ? f_dihedral_angle_d ? ? 
# 
_refine_ls_shell.pdbx_refine_id                      'X-RAY DIFFRACTION' 
_refine_ls_shell.d_res_high                          5.77 
_refine_ls_shell.d_res_low                           39.01 
_refine_ls_shell.number_reflns_all                   ? 
_refine_ls_shell.number_reflns_obs                   ? 
_refine_ls_shell.number_reflns_R_free                55 
_refine_ls_shell.number_reflns_R_work                900 
_refine_ls_shell.percent_reflns_obs                  70.07 
_refine_ls_shell.percent_reflns_R_free               ? 
_refine_ls_shell.R_factor_all                        ? 
_refine_ls_shell.R_factor_obs                        ? 
_refine_ls_shell.R_factor_R_free_error               ? 
_refine_ls_shell.R_factor_R_work                     0.1869 
_refine_ls_shell.redundancy_reflns_all               ? 
_refine_ls_shell.redundancy_reflns_obs               ? 
_refine_ls_shell.wR_factor_all                       ? 
_refine_ls_shell.wR_factor_obs                       ? 
_refine_ls_shell.wR_factor_R_free                    ? 
_refine_ls_shell.wR_factor_R_work                    ? 
_refine_ls_shell.pdbx_R_complete                     ? 
_refine_ls_shell.correlation_coeff_Fo_to_Fc          ? 
_refine_ls_shell.correlation_coeff_Fo_to_Fc_free     ? 
_refine_ls_shell.correlation_coeff_I_to_Fcsqd_work   ? 
_refine_ls_shell.correlation_coeff_I_to_Fcsqd_free   ? 
_refine_ls_shell.pdbx_total_number_of_bins_used      ? 
_refine_ls_shell.pdbx_phase_error                    ? 
_refine_ls_shell.pdbx_fsc_work                       ? 
_refine_ls_shell.pdbx_fsc_free                       ? 
_refine_ls_shell.R_factor_R_free                     0.2875 
# 
_struct.entry_id                     9NFG 
_struct.title                        
'[4,8,8-1] Shifted tensegrity triangle with an (arm,center,arm) distribution of (4,8,8) base pairs and 1 nt sticky ends' 
_struct.pdbx_model_details           ? 
_struct.pdbx_formula_weight          ? 
_struct.pdbx_formula_weight_method   ? 
_struct.pdbx_model_type_details      ? 
_struct.pdbx_CASP_flag               N 
# 
_struct_keywords.entry_id        9NFG 
_struct_keywords.text            'tensegrity triangle, DNA' 
_struct_keywords.pdbx_keywords   DNA 
# 
loop_
_struct_asym.id 
_struct_asym.pdbx_blank_PDB_chainid_flag 
_struct_asym.pdbx_modified 
_struct_asym.entity_id 
_struct_asym.details 
A N N 1 ? 
B N N 2 ? 
C N N 3 ? 
D N N 4 ? 
# 
loop_
_struct_ref.id 
_struct_ref.db_name 
_struct_ref.db_code 
_struct_ref.pdbx_db_accession 
_struct_ref.pdbx_db_isoform 
_struct_ref.entity_id 
_struct_ref.pdbx_seq_one_letter_code 
_struct_ref.pdbx_align_begin 
1 PDB 9NFG 9NFG ? 1 ? 1 
2 PDB 9NFG 9NFG ? 2 ? 1 
3 PDB 9NFG 9NFG ? 3 ? 1 
4 PDB 9NFG 9NFG ? 4 ? 1 
# 
loop_
_struct_ref_seq.align_id 
_struct_ref_seq.ref_id 
_struct_ref_seq.pdbx_PDB_id_code 
_struct_ref_seq.pdbx_strand_id 
_struct_ref_seq.seq_align_beg 
_struct_ref_seq.pdbx_seq_align_beg_ins_code 
_struct_ref_seq.seq_align_end 
_struct_ref_seq.pdbx_seq_align_end_ins_code 
_struct_ref_seq.pdbx_db_accession 
_struct_ref_seq.db_align_beg 
_struct_ref_seq.pdbx_db_align_beg_ins_code 
_struct_ref_seq.db_align_end 
_struct_ref_seq.pdbx_db_align_end_ins_code 
_struct_ref_seq.pdbx_auth_seq_align_beg 
_struct_ref_seq.pdbx_auth_seq_align_end 
1 1 9NFG A 1 ? 12 ? 9NFG 112 ? 123 ? 112 123 
2 2 9NFG B 1 ? 8  ? 9NFG 131 ? 138 ? 131 138 
3 3 9NFG D 1 ? 13 ? 9NFG 200 ? 212 ? 200 212 
4 4 9NFG X 1 ? 9  ? 9NFG 103 ? 111 ? 103 111 
# 
_pdbx_struct_assembly.id                   1 
_pdbx_struct_assembly.details              author_defined_assembly 
_pdbx_struct_assembly.method_details       ? 
_pdbx_struct_assembly.oligomeric_details   dodecameric 
_pdbx_struct_assembly.oligomeric_count     12 
# 
loop_
_pdbx_struct_assembly_gen.assembly_id 
_pdbx_struct_assembly_gen.oper_expression 
_pdbx_struct_assembly_gen.asym_id_list 
1 1 A,B,C,D 
1 2 A,B,C,D 
1 3 A,B,C,D 
# 
_pdbx_struct_assembly_auth_evidence.id                     1 
_pdbx_struct_assembly_auth_evidence.assembly_id            1 
_pdbx_struct_assembly_auth_evidence.experimental_support   'native gel electrophoresis' 
_pdbx_struct_assembly_auth_evidence.details                ? 
# 
loop_
_pdbx_struct_oper_list.id 
_pdbx_struct_oper_list.type 
_pdbx_struct_oper_list.name 
_pdbx_struct_oper_list.symmetry_operation 
_pdbx_struct_oper_list.matrix[1][1] 
_pdbx_struct_oper_list.matrix[1][2] 
_pdbx_struct_oper_list.matrix[1][3] 
_pdbx_struct_oper_list.vector[1] 
_pdbx_struct_oper_list.matrix[2][1] 
_pdbx_struct_oper_list.matrix[2][2] 
_pdbx_struct_oper_list.matrix[2][3] 
_pdbx_struct_oper_list.vector[2] 
_pdbx_struct_oper_list.matrix[3][1] 
_pdbx_struct_oper_list.matrix[3][2] 
_pdbx_struct_oper_list.matrix[3][3] 
_pdbx_struct_oper_list.vector[3] 
1 'identity operation'         1_555 x,y,z       1.0000000000  0.0000000000  0.0000000000  0.0000000000  0.0000000000  1.0000000000 0.0000000000  0.0000000000   0.0000000000  0.0000000000  1.0000000000 0.0000000000   
2 'crystal symmetry operation' 2_545 -y,x-y-1,z  -0.2364232630 -0.9504925313 -0.2016630573 4.1865267852  0.1025442534  0.1819800281 -0.9779406656 -24.6208712414 0.9662239476  -0.2518873108 0.0544432349 -30.1927129725 
3 'crystal symmetry operation' 3_655 -x+y+1,-x,z -0.2364232630 0.1025442534  0.9662239476  32.6874434985 -0.9504925313 0.1819800281 -0.2518873108 0.8546080038   -0.2016630573 -0.9779406656 0.0544432349 -21.5896944554 
# 
loop_
_struct_conn.id 
_struct_conn.conn_type_id 
_struct_conn.pdbx_leaving_atom_flag 
_struct_conn.pdbx_PDB_id 
_struct_conn.ptnr1_label_asym_id 
_struct_conn.ptnr1_label_comp_id 
_struct_conn.ptnr1_label_seq_id 
_struct_conn.ptnr1_label_atom_id 
_struct_conn.pdbx_ptnr1_label_alt_id 
_struct_conn.pdbx_ptnr1_PDB_ins_code 
_struct_conn.pdbx_ptnr1_standard_comp_id 
_struct_conn.ptnr1_symmetry 
_struct_conn.ptnr2_label_asym_id 
_struct_conn.ptnr2_label_comp_id 
_struct_conn.ptnr2_label_seq_id 
_struct_conn.ptnr2_label_atom_id 
_struct_conn.pdbx_ptnr2_label_alt_id 
_struct_conn.pdbx_ptnr2_PDB_ins_code 
_struct_conn.ptnr1_auth_asym_id 
_struct_conn.ptnr1_auth_comp_id 
_struct_conn.ptnr1_auth_seq_id 
_struct_conn.ptnr2_auth_asym_id 
_struct_conn.ptnr2_auth_comp_id 
_struct_conn.ptnr2_auth_seq_id 
_struct_conn.ptnr2_symmetry 
_struct_conn.pdbx_ptnr3_label_atom_id 
_struct_conn.pdbx_ptnr3_label_seq_id 
_struct_conn.pdbx_ptnr3_label_comp_id 
_struct_conn.pdbx_ptnr3_label_asym_id 
_struct_conn.pdbx_ptnr3_label_alt_id 
_struct_conn.pdbx_ptnr3_PDB_ins_code 
_struct_conn.details 
_struct_conn.pdbx_dist_value 
_struct_conn.pdbx_value_order 
_struct_conn.pdbx_role 
hydrog1  hydrog ? ? A DA 1  N1 ? ? ? 1_555 B DT 8 N3 ? ? A DA 112 B DT 138 1_555 ? ? ? ? ? ? WATSON-CRICK ? ? ? 
hydrog2  hydrog ? ? A DA 1  N6 ? ? ? 1_555 B DT 8 O4 ? ? A DA 112 B DT 138 1_555 ? ? ? ? ? ? WATSON-CRICK ? ? ? 
hydrog3  hydrog ? ? A DC 2  N3 ? ? ? 1_555 B DG 7 N1 ? ? A DC 113 B DG 137 1_555 ? ? ? ? ? ? WATSON-CRICK ? ? ? 
hydrog4  hydrog ? ? A DC 2  N4 ? ? ? 1_555 B DG 7 O6 ? ? A DC 113 B DG 137 1_555 ? ? ? ? ? ? WATSON-CRICK ? ? ? 
hydrog5  hydrog ? ? A DC 2  O2 ? ? ? 1_555 B DG 7 N2 ? ? A DC 113 B DG 137 1_555 ? ? ? ? ? ? WATSON-CRICK ? ? ? 
hydrog6  hydrog ? ? A DG 3  N1 ? ? ? 1_555 B DC 6 N3 ? ? A DG 114 B DC 136 1_555 ? ? ? ? ? ? WATSON-CRICK ? ? ? 
hydrog7  hydrog ? ? A DG 3  N2 ? ? ? 1_555 B DC 6 O2 ? ? A DG 114 B DC 136 1_555 ? ? ? ? ? ? WATSON-CRICK ? ? ? 
hydrog8  hydrog ? ? A DG 3  O6 ? ? ? 1_555 B DC 6 N4 ? ? A DG 114 B DC 136 1_555 ? ? ? ? ? ? WATSON-CRICK ? ? ? 
hydrog9  hydrog ? ? A DG 4  N1 ? ? ? 1_555 B DC 5 N3 ? ? A DG 115 B DC 135 1_555 ? ? ? ? ? ? WATSON-CRICK ? ? ? 
hydrog10 hydrog ? ? A DG 4  N2 ? ? ? 1_555 B DC 5 O2 ? ? A DG 115 B DC 135 1_555 ? ? ? ? ? ? WATSON-CRICK ? ? ? 
hydrog11 hydrog ? ? A DG 4  O6 ? ? ? 1_555 B DC 5 N4 ? ? A DG 115 B DC 135 1_555 ? ? ? ? ? ? WATSON-CRICK ? ? ? 
hydrog12 hydrog ? ? A DA 5  N1 ? ? ? 1_555 C DG 8 N1 ? ? A DA 116 D DG 207 1_555 ? ? ? ? ? ? TYPE_8_PAIR  ? ? ? 
hydrog13 hydrog ? ? A DA 5  N6 ? ? ? 1_555 C DG 8 O6 ? ? A DA 116 D DG 207 1_555 ? ? ? ? ? ? TYPE_8_PAIR  ? ? ? 
hydrog14 hydrog ? ? A DA 5  N1 ? ? ? 1_555 C DT 9 N3 ? ? A DA 116 D DT 208 1_555 ? ? ? ? ? ? WATSON-CRICK ? ? ? 
hydrog15 hydrog ? ? A DA 5  N6 ? ? ? 1_555 C DT 9 O4 ? ? A DA 116 D DT 208 1_555 ? ? ? ? ? ? WATSON-CRICK ? ? ? 
hydrog16 hydrog ? ? A DC 6  N3 ? ? ? 1_555 C DG 8 N1 ? ? A DC 117 D DG 207 1_555 ? ? ? ? ? ? WATSON-CRICK ? ? ? 
hydrog17 hydrog ? ? A DC 6  N4 ? ? ? 1_555 C DG 8 O6 ? ? A DC 117 D DG 207 1_555 ? ? ? ? ? ? WATSON-CRICK ? ? ? 
hydrog18 hydrog ? ? A DC 6  O2 ? ? ? 1_555 C DG 8 N2 ? ? A DC 117 D DG 207 1_555 ? ? ? ? ? ? WATSON-CRICK ? ? ? 
hydrog19 hydrog ? ? A DA 7  N1 ? ? ? 1_555 C DT 7 N3 ? ? A DA 118 D DT 206 1_555 ? ? ? ? ? ? WATSON-CRICK ? ? ? 
hydrog20 hydrog ? ? A DA 7  N6 ? ? ? 1_555 C DT 7 O4 ? ? A DA 118 D DT 206 1_555 ? ? ? ? ? ? WATSON-CRICK ? ? ? 
hydrog21 hydrog ? ? A DC 8  N3 ? ? ? 1_555 C DG 6 N1 ? ? A DC 119 D DG 205 1_555 ? ? ? ? ? ? WATSON-CRICK ? ? ? 
hydrog22 hydrog ? ? A DC 8  N4 ? ? ? 1_555 C DG 6 O6 ? ? A DC 119 D DG 205 1_555 ? ? ? ? ? ? WATSON-CRICK ? ? ? 
hydrog23 hydrog ? ? A DC 8  O2 ? ? ? 1_555 C DG 6 N2 ? ? A DC 119 D DG 205 1_555 ? ? ? ? ? ? WATSON-CRICK ? ? ? 
hydrog24 hydrog ? ? A DG 9  N1 ? ? ? 1_555 C DC 5 N3 ? ? A DG 120 D DC 204 1_555 ? ? ? ? ? ? WATSON-CRICK ? ? ? 
hydrog25 hydrog ? ? A DG 9  N2 ? ? ? 1_555 C DC 5 O2 ? ? A DG 120 D DC 204 1_555 ? ? ? ? ? ? WATSON-CRICK ? ? ? 
hydrog26 hydrog ? ? A DG 9  O6 ? ? ? 1_555 C DC 5 N4 ? ? A DG 120 D DC 204 1_555 ? ? ? ? ? ? WATSON-CRICK ? ? ? 
hydrog27 hydrog ? ? A DT 10 N3 ? ? ? 1_555 C DA 4 N1 ? ? A DT 121 D DA 203 1_555 ? ? ? ? ? ? WATSON-CRICK ? ? ? 
hydrog28 hydrog ? ? A DT 10 O4 ? ? ? 1_555 C DA 4 N6 ? ? A DT 121 D DA 203 1_555 ? ? ? ? ? ? WATSON-CRICK ? ? ? 
hydrog29 hydrog ? ? A DT 10 N3 ? ? ? 1_555 C DC 5 N3 ? ? A DT 121 D DC 204 1_555 ? ? ? ? ? ? TYPE_18_PAIR ? ? ? 
hydrog30 hydrog ? ? A DT 10 O4 ? ? ? 1_555 C DC 5 N4 ? ? A DT 121 D DC 204 1_555 ? ? ? ? ? ? TYPE_18_PAIR ? ? ? 
hydrog31 hydrog ? ? A DC 11 N3 ? ? ? 1_555 C DG 3 N1 ? ? A DC 122 D DG 202 1_555 ? ? ? ? ? ? WATSON-CRICK ? ? ? 
hydrog32 hydrog ? ? A DC 11 N4 ? ? ? 1_555 C DG 3 O6 ? ? A DC 122 D DG 202 1_555 ? ? ? ? ? ? WATSON-CRICK ? ? ? 
hydrog33 hydrog ? ? A DC 11 O2 ? ? ? 1_555 C DG 3 N2 ? ? A DC 122 D DG 202 1_555 ? ? ? ? ? ? WATSON-CRICK ? ? ? 
hydrog34 hydrog ? ? B DC 1  N3 ? ? ? 1_555 D DG 9 N1 ? ? B DC 131 X DG 111 1_555 ? ? ? ? ? ? WATSON-CRICK ? ? ? 
hydrog35 hydrog ? ? B DC 1  N4 ? ? ? 1_555 D DG 9 O6 ? ? B DC 131 X DG 111 1_555 ? ? ? ? ? ? WATSON-CRICK ? ? ? 
hydrog36 hydrog ? ? B DC 1  O2 ? ? ? 1_555 D DG 9 N2 ? ? B DC 131 X DG 111 1_555 ? ? ? ? ? ? WATSON-CRICK ? ? ? 
hydrog37 hydrog ? ? B DA 2  N1 ? ? ? 1_555 D DT 8 N3 ? ? B DA 132 X DT 110 1_555 ? ? ? ? ? ? WATSON-CRICK ? ? ? 
hydrog38 hydrog ? ? B DA 2  N6 ? ? ? 1_555 D DT 8 O4 ? ? B DA 132 X DT 110 1_555 ? ? ? ? ? ? WATSON-CRICK ? ? ? 
hydrog39 hydrog ? ? B DC 3  N3 ? ? ? 1_555 D DG 7 N1 ? ? B DC 133 X DG 109 1_555 ? ? ? ? ? ? WATSON-CRICK ? ? ? 
hydrog40 hydrog ? ? B DC 3  N4 ? ? ? 1_555 D DG 7 O6 ? ? B DC 133 X DG 109 1_555 ? ? ? ? ? ? WATSON-CRICK ? ? ? 
hydrog41 hydrog ? ? B DC 3  O2 ? ? ? 1_555 D DG 7 N2 ? ? B DC 133 X DG 109 1_555 ? ? ? ? ? ? WATSON-CRICK ? ? ? 
hydrog42 hydrog ? ? B DA 4  N1 ? ? ? 1_555 D DT 6 N3 ? ? B DA 134 X DT 108 1_555 ? ? ? ? ? ? WATSON-CRICK ? ? ? 
hydrog43 hydrog ? ? B DA 4  N6 ? ? ? 1_555 D DT 6 O4 ? ? B DA 134 X DT 108 1_555 ? ? ? ? ? ? WATSON-CRICK ? ? ? 
hydrog44 hydrog ? ? C DG 10 N1 ? ? ? 1_555 D DC 5 N3 ? ? D DG 209 X DC 107 1_555 ? ? ? ? ? ? WATSON-CRICK ? ? ? 
hydrog45 hydrog ? ? C DG 10 N2 ? ? ? 1_555 D DC 5 O2 ? ? D DG 209 X DC 107 1_555 ? ? ? ? ? ? WATSON-CRICK ? ? ? 
hydrog46 hydrog ? ? C DG 10 O6 ? ? ? 1_555 D DC 5 N4 ? ? D DG 209 X DC 107 1_555 ? ? ? ? ? ? WATSON-CRICK ? ? ? 
hydrog47 hydrog ? ? C DC 11 N3 ? ? ? 1_555 D DG 4 N1 ? ? D DC 210 X DG 106 1_555 ? ? ? ? ? ? WATSON-CRICK ? ? ? 
hydrog48 hydrog ? ? C DC 11 N4 ? ? ? 1_555 D DG 4 O6 ? ? D DC 210 X DG 106 1_555 ? ? ? ? ? ? WATSON-CRICK ? ? ? 
hydrog49 hydrog ? ? C DC 11 O2 ? ? ? 1_555 D DG 4 N2 ? ? D DC 210 X DG 106 1_555 ? ? ? ? ? ? WATSON-CRICK ? ? ? 
hydrog50 hydrog ? ? C DT 12 N3 ? ? ? 1_555 D DA 3 N1 ? ? D DT 211 X DA 105 1_555 ? ? ? ? ? ? WATSON-CRICK ? ? ? 
hydrog51 hydrog ? ? C DT 12 O4 ? ? ? 1_555 D DA 3 N6 ? ? D DT 211 X DA 105 1_555 ? ? ? ? ? ? WATSON-CRICK ? ? ? 
hydrog52 hydrog ? ? C DC 13 N3 ? ? ? 1_555 D DG 2 N1 ? ? D DC 212 X DG 104 1_555 ? ? ? ? ? ? WATSON-CRICK ? ? ? 
hydrog53 hydrog ? ? C DC 13 N4 ? ? ? 1_555 D DG 2 O6 ? ? D DC 212 X DG 104 1_555 ? ? ? ? ? ? WATSON-CRICK ? ? ? 
hydrog54 hydrog ? ? C DC 13 O2 ? ? ? 1_555 D DG 2 N2 ? ? D DC 212 X DG 104 1_555 ? ? ? ? ? ? WATSON-CRICK ? ? ? 
# 
_struct_conn_type.id          hydrog 
_struct_conn_type.criteria    ? 
_struct_conn_type.reference   ? 
# 
_pdbx_entry_details.entry_id                   9NFG 
_pdbx_entry_details.compound_details           ? 
_pdbx_entry_details.source_details             ? 
_pdbx_entry_details.nonpolymer_details         ? 
_pdbx_entry_details.sequence_details           ? 
_pdbx_entry_details.has_ligand_of_interest     ? 
_pdbx_entry_details.has_protein_modification   N 
# 
loop_
_pdbx_validate_rmsd_angle.id 
_pdbx_validate_rmsd_angle.PDB_model_num 
_pdbx_validate_rmsd_angle.auth_atom_id_1 
_pdbx_validate_rmsd_angle.auth_asym_id_1 
_pdbx_validate_rmsd_angle.auth_comp_id_1 
_pdbx_validate_rmsd_angle.auth_seq_id_1 
_pdbx_validate_rmsd_angle.PDB_ins_code_1 
_pdbx_validate_rmsd_angle.label_alt_id_1 
_pdbx_validate_rmsd_angle.auth_atom_id_2 
_pdbx_validate_rmsd_angle.auth_asym_id_2 
_pdbx_validate_rmsd_angle.auth_comp_id_2 
_pdbx_validate_rmsd_angle.auth_seq_id_2 
_pdbx_validate_rmsd_angle.PDB_ins_code_2 
_pdbx_validate_rmsd_angle.label_alt_id_2 
_pdbx_validate_rmsd_angle.auth_atom_id_3 
_pdbx_validate_rmsd_angle.auth_asym_id_3 
_pdbx_validate_rmsd_angle.auth_comp_id_3 
_pdbx_validate_rmsd_angle.auth_seq_id_3 
_pdbx_validate_rmsd_angle.PDB_ins_code_3 
_pdbx_validate_rmsd_angle.label_alt_id_3 
_pdbx_validate_rmsd_angle.angle_value 
_pdbx_validate_rmsd_angle.angle_target_value 
_pdbx_validate_rmsd_angle.angle_deviation 
_pdbx_validate_rmsd_angle.angle_standard_deviation 
_pdbx_validate_rmsd_angle.linker_flag 
1 1 "O4'" A DG 114 ? ? "C1'" A DG 114 ? ? N9 A DG 114 ? ? 110.12 108.30 1.82 0.30 N 
2 1 "O4'" A DG 115 ? ? "C1'" A DG 115 ? ? N9 A DG 115 ? ? 110.30 108.30 2.00 0.30 N 
3 1 "O4'" A DC 117 ? ? "C1'" A DC 117 ? ? N1 A DC 117 ? ? 111.16 108.30 2.86 0.30 N 
4 1 "O4'" A DC 119 ? ? "C1'" A DC 119 ? ? N1 A DC 119 ? ? 111.12 108.30 2.82 0.30 N 
5 1 "O4'" D DG 202 ? ? "C1'" D DG 202 ? ? N9 D DG 202 ? ? 110.60 108.30 2.30 0.30 N 
# 
loop_
_space_group_symop.id 
_space_group_symop.operation_xyz 
1 x,y,z        
2 x-y,x,z+1/2  
3 y,-x+y,z+1/2 
4 -y,x-y,z     
5 -x+y,-x,z    
6 -x,-y,z+1/2  
# 
loop_
_pdbx_refine_tls.id 
_pdbx_refine_tls.pdbx_refine_id 
_pdbx_refine_tls.details 
_pdbx_refine_tls.method 
_pdbx_refine_tls.origin_x 
_pdbx_refine_tls.origin_y 
_pdbx_refine_tls.origin_z 
_pdbx_refine_tls.T[1][1] 
_pdbx_refine_tls.T[1][1]_esd 
_pdbx_refine_tls.T[1][2] 
_pdbx_refine_tls.T[1][2]_esd 
_pdbx_refine_tls.T[1][3] 
_pdbx_refine_tls.T[1][3]_esd 
_pdbx_refine_tls.T[2][2] 
_pdbx_refine_tls.T[2][2]_esd 
_pdbx_refine_tls.T[2][3] 
_pdbx_refine_tls.T[2][3]_esd 
_pdbx_refine_tls.T[3][3] 
_pdbx_refine_tls.T[3][3]_esd 
_pdbx_refine_tls.L[1][1] 
_pdbx_refine_tls.L[1][1]_esd 
_pdbx_refine_tls.L[1][2] 
_pdbx_refine_tls.L[1][2]_esd 
_pdbx_refine_tls.L[1][3] 
_pdbx_refine_tls.L[1][3]_esd 
_pdbx_refine_tls.L[2][2] 
_pdbx_refine_tls.L[2][2]_esd 
_pdbx_refine_tls.L[2][3] 
_pdbx_refine_tls.L[2][3]_esd 
_pdbx_refine_tls.L[3][3] 
_pdbx_refine_tls.L[3][3]_esd 
_pdbx_refine_tls.S[1][1] 
_pdbx_refine_tls.S[1][1]_esd 
_pdbx_refine_tls.S[1][2] 
_pdbx_refine_tls.S[1][2]_esd 
_pdbx_refine_tls.S[1][3] 
_pdbx_refine_tls.S[1][3]_esd 
_pdbx_refine_tls.S[2][1] 
_pdbx_refine_tls.S[2][1]_esd 
_pdbx_refine_tls.S[2][2] 
_pdbx_refine_tls.S[2][2]_esd 
_pdbx_refine_tls.S[2][3] 
_pdbx_refine_tls.S[2][3]_esd 
_pdbx_refine_tls.S[3][1] 
_pdbx_refine_tls.S[3][1]_esd 
_pdbx_refine_tls.S[3][2] 
_pdbx_refine_tls.S[3][2]_esd 
_pdbx_refine_tls.S[3][3] 
_pdbx_refine_tls.S[3][3]_esd 
1 'X-RAY DIFFRACTION' ? refined -6.4748066564 0.3935566586  -2.4579801968  4.59744301231 ? -0.37663060686  ? 1.752961569165 ? 5.41917590130 ? -2.295014566330 ? 3.25772238214 ? 5.51141657746 ? 0.67822459285  ? -3.48691593284 ? 2.70968623606  ? -2.206702359379 ? 3.32762573911  ? 3.47229800369  ? 6.54336575096   ? -0.445598216890 ? -0.26591540122  ? -2.98867188312  ? 3.64281033628  ? -0.86196378563  ? -6.04701473761 ? 0.27374085134  ? 
2 'X-RAY DIFFRACTION' ? refined 3.470199408   -5.3668997776 -6.191040831   5.76297906140 ? 0.850502061187  ? 3.04084256700  ? 2.41498859650 ? -0.56271213357  ? 7.47495885066 ? 1.45423926846 ? -0.31327464721 ? 2.27870025437  ? 1.201585718248 ? -0.45482826722  ? 3.52022704531  ? 0.09380549265  ? -0.19794372270  ? -1.26429220295  ? 1.687038945521  ? 2.236252207507  ? -0.37594770467 ? -2.59916287031  ? 0.346266353702 ? -2.62992776389 ? 
3 'X-RAY DIFFRACTION' ? refined -4.685296056  3.0621413984  3.43686184     3.1171642830  ? 3.047503717332  ? 0.27421684308  ? 5.67542055363 ? -1.28966116252  ? 3.80365060074 ? 0.14182189147 ? 0.92087669219  ? -0.66694696681 ? 9.93170761041  ? -0.451335074014 ? 5.07919639264  ? -2.39584184579 ? -1.094090566123 ? -1.14640939557  ? -0.552081048480 ? -4.510595843056 ? 2.80349472577  ? -1.779361821151 ? 3.161881214483 ? -2.82644568204 ? 
4 'X-RAY DIFFRACTION' ? refined 12.2047877825 -0.2703066031 3.588477124190 3.48787169160 ? -0.058731664990 ? -0.22934826397 ? 7.68608429069 ? -1.255442801590 ? 5.3145737036  ? 7.37068701301 ? 0.34462995256  ? -0.70994730512 ? -2.13634863279 ? -7.55570524182  ? 10.74652611448 ? 2.89568938294  ? -1.23513468986  ? 0.90479978063   ? 1.55679611570   ? -5.66262673421  ? -3.97661612424 ? -6.501104752492 ? -1.41290367932 ? 6.64714624580  ? 
# 
loop_
_pdbx_refine_tls_group.id 
_pdbx_refine_tls_group.pdbx_refine_id 
_pdbx_refine_tls_group.refine_tls_id 
_pdbx_refine_tls_group.beg_label_asym_id 
_pdbx_refine_tls_group.beg_label_seq_id 
_pdbx_refine_tls_group.beg_auth_asym_id 
_pdbx_refine_tls_group.beg_auth_seq_id 
_pdbx_refine_tls_group.beg_PDB_ins_code 
_pdbx_refine_tls_group.end_label_asym_id 
_pdbx_refine_tls_group.end_label_seq_id 
_pdbx_refine_tls_group.end_auth_asym_id 
_pdbx_refine_tls_group.end_auth_seq_id 
_pdbx_refine_tls_group.end_PDB_ins_code 
_pdbx_refine_tls_group.selection 
_pdbx_refine_tls_group.selection_details 
1 'X-RAY DIFFRACTION' 1 A ? A 112 ? A ? A 123 ? ? 
;chain 'A' and (resid 112 through 123 )
;
2 'X-RAY DIFFRACTION' 2 B ? B 131 ? B ? B 138 ? ? 
;chain 'B' and (resid 131 through 138 )
;
3 'X-RAY DIFFRACTION' 3 C ? D 200 ? C ? D 212 ? ? 
;chain 'D' and (resid 200 through 212 )
;
4 'X-RAY DIFFRACTION' 4 D ? X 103 ? D ? X 111 ? ? 
;chain 'X' and (resid 103 through 111 )
;
# 
loop_
_chem_comp_atom.comp_id 
_chem_comp_atom.atom_id 
_chem_comp_atom.type_symbol 
_chem_comp_atom.pdbx_aromatic_flag 
_chem_comp_atom.pdbx_stereo_config 
_chem_comp_atom.pdbx_ordinal 
DA OP3    O N N 1   
DA P      P N N 2   
DA OP1    O N N 3   
DA OP2    O N N 4   
DA "O5'"  O N N 5   
DA "C5'"  C N N 6   
DA "C4'"  C N R 7   
DA "O4'"  O N N 8   
DA "C3'"  C N S 9   
DA "O3'"  O N N 10  
DA "C2'"  C N N 11  
DA "C1'"  C N R 12  
DA N9     N Y N 13  
DA C8     C Y N 14  
DA N7     N Y N 15  
DA C5     C Y N 16  
DA C6     C Y N 17  
DA N6     N N N 18  
DA N1     N Y N 19  
DA C2     C Y N 20  
DA N3     N Y N 21  
DA C4     C Y N 22  
DA HOP3   H N N 23  
DA HOP2   H N N 24  
DA "H5'"  H N N 25  
DA "H5''" H N N 26  
DA "H4'"  H N N 27  
DA "H3'"  H N N 28  
DA "HO3'" H N N 29  
DA "H2'"  H N N 30  
DA "H2''" H N N 31  
DA "H1'"  H N N 32  
DA H8     H N N 33  
DA H61    H N N 34  
DA H62    H N N 35  
DA H2     H N N 36  
DC OP3    O N N 37  
DC P      P N N 38  
DC OP1    O N N 39  
DC OP2    O N N 40  
DC "O5'"  O N N 41  
DC "C5'"  C N N 42  
DC "C4'"  C N R 43  
DC "O4'"  O N N 44  
DC "C3'"  C N S 45  
DC "O3'"  O N N 46  
DC "C2'"  C N N 47  
DC "C1'"  C N R 48  
DC N1     N N N 49  
DC C2     C N N 50  
DC O2     O N N 51  
DC N3     N N N 52  
DC C4     C N N 53  
DC N4     N N N 54  
DC C5     C N N 55  
DC C6     C N N 56  
DC HOP3   H N N 57  
DC HOP2   H N N 58  
DC "H5'"  H N N 59  
DC "H5''" H N N 60  
DC "H4'"  H N N 61  
DC "H3'"  H N N 62  
DC "HO3'" H N N 63  
DC "H2'"  H N N 64  
DC "H2''" H N N 65  
DC "H1'"  H N N 66  
DC H41    H N N 67  
DC H42    H N N 68  
DC H5     H N N 69  
DC H6     H N N 70  
DG OP3    O N N 71  
DG P      P N N 72  
DG OP1    O N N 73  
DG OP2    O N N 74  
DG "O5'"  O N N 75  
DG "C5'"  C N N 76  
DG "C4'"  C N R 77  
DG "O4'"  O N N 78  
DG "C3'"  C N S 79  
DG "O3'"  O N N 80  
DG "C2'"  C N N 81  
DG "C1'"  C N R 82  
DG N9     N Y N 83  
DG C8     C Y N 84  
DG N7     N Y N 85  
DG C5     C Y N 86  
DG C6     C N N 87  
DG O6     O N N 88  
DG N1     N N N 89  
DG C2     C N N 90  
DG N2     N N N 91  
DG N3     N N N 92  
DG C4     C Y N 93  
DG HOP3   H N N 94  
DG HOP2   H N N 95  
DG "H5'"  H N N 96  
DG "H5''" H N N 97  
DG "H4'"  H N N 98  
DG "H3'"  H N N 99  
DG "HO3'" H N N 100 
DG "H2'"  H N N 101 
DG "H2''" H N N 102 
DG "H1'"  H N N 103 
DG H8     H N N 104 
DG H1     H N N 105 
DG H21    H N N 106 
DG H22    H N N 107 
DT OP3    O N N 108 
DT P      P N N 109 
DT OP1    O N N 110 
DT OP2    O N N 111 
DT "O5'"  O N N 112 
DT "C5'"  C N N 113 
DT "C4'"  C N R 114 
DT "O4'"  O N N 115 
DT "C3'"  C N S 116 
DT "O3'"  O N N 117 
DT "C2'"  C N N 118 
DT "C1'"  C N R 119 
DT N1     N N N 120 
DT C2     C N N 121 
DT O2     O N N 122 
DT N3     N N N 123 
DT C4     C N N 124 
DT O4     O N N 125 
DT C5     C N N 126 
DT C7     C N N 127 
DT C6     C N N 128 
DT HOP3   H N N 129 
DT HOP2   H N N 130 
DT "H5'"  H N N 131 
DT "H5''" H N N 132 
DT "H4'"  H N N 133 
DT "H3'"  H N N 134 
DT "HO3'" H N N 135 
DT "H2'"  H N N 136 
DT "H2''" H N N 137 
DT "H1'"  H N N 138 
DT H3     H N N 139 
DT H71    H N N 140 
DT H72    H N N 141 
DT H73    H N N 142 
DT H6     H N N 143 
# 
loop_
_chem_comp_bond.comp_id 
_chem_comp_bond.atom_id_1 
_chem_comp_bond.atom_id_2 
_chem_comp_bond.value_order 
_chem_comp_bond.pdbx_aromatic_flag 
_chem_comp_bond.pdbx_stereo_config 
_chem_comp_bond.pdbx_ordinal 
DA OP3   P      sing N N 1   
DA OP3   HOP3   sing N N 2   
DA P     OP1    doub N N 3   
DA P     OP2    sing N N 4   
DA P     "O5'"  sing N N 5   
DA OP2   HOP2   sing N N 6   
DA "O5'" "C5'"  sing N N 7   
DA "C5'" "C4'"  sing N N 8   
DA "C5'" "H5'"  sing N N 9   
DA "C5'" "H5''" sing N N 10  
DA "C4'" "O4'"  sing N N 11  
DA "C4'" "C3'"  sing N N 12  
DA "C4'" "H4'"  sing N N 13  
DA "O4'" "C1'"  sing N N 14  
DA "C3'" "O3'"  sing N N 15  
DA "C3'" "C2'"  sing N N 16  
DA "C3'" "H3'"  sing N N 17  
DA "O3'" "HO3'" sing N N 18  
DA "C2'" "C1'"  sing N N 19  
DA "C2'" "H2'"  sing N N 20  
DA "C2'" "H2''" sing N N 21  
DA "C1'" N9     sing N N 22  
DA "C1'" "H1'"  sing N N 23  
DA N9    C8     sing Y N 24  
DA N9    C4     sing Y N 25  
DA C8    N7     doub Y N 26  
DA C8    H8     sing N N 27  
DA N7    C5     sing Y N 28  
DA C5    C6     sing Y N 29  
DA C5    C4     doub Y N 30  
DA C6    N6     sing N N 31  
DA C6    N1     doub Y N 32  
DA N6    H61    sing N N 33  
DA N6    H62    sing N N 34  
DA N1    C2     sing Y N 35  
DA C2    N3     doub Y N 36  
DA C2    H2     sing N N 37  
DA N3    C4     sing Y N 38  
DC OP3   P      sing N N 39  
DC OP3   HOP3   sing N N 40  
DC P     OP1    doub N N 41  
DC P     OP2    sing N N 42  
DC P     "O5'"  sing N N 43  
DC OP2   HOP2   sing N N 44  
DC "O5'" "C5'"  sing N N 45  
DC "C5'" "C4'"  sing N N 46  
DC "C5'" "H5'"  sing N N 47  
DC "C5'" "H5''" sing N N 48  
DC "C4'" "O4'"  sing N N 49  
DC "C4'" "C3'"  sing N N 50  
DC "C4'" "H4'"  sing N N 51  
DC "O4'" "C1'"  sing N N 52  
DC "C3'" "O3'"  sing N N 53  
DC "C3'" "C2'"  sing N N 54  
DC "C3'" "H3'"  sing N N 55  
DC "O3'" "HO3'" sing N N 56  
DC "C2'" "C1'"  sing N N 57  
DC "C2'" "H2'"  sing N N 58  
DC "C2'" "H2''" sing N N 59  
DC "C1'" N1     sing N N 60  
DC "C1'" "H1'"  sing N N 61  
DC N1    C2     sing N N 62  
DC N1    C6     sing N N 63  
DC C2    O2     doub N N 64  
DC C2    N3     sing N N 65  
DC N3    C4     doub N N 66  
DC C4    N4     sing N N 67  
DC C4    C5     sing N N 68  
DC N4    H41    sing N N 69  
DC N4    H42    sing N N 70  
DC C5    C6     doub N N 71  
DC C5    H5     sing N N 72  
DC C6    H6     sing N N 73  
DG OP3   P      sing N N 74  
DG OP3   HOP3   sing N N 75  
DG P     OP1    doub N N 76  
DG P     OP2    sing N N 77  
DG P     "O5'"  sing N N 78  
DG OP2   HOP2   sing N N 79  
DG "O5'" "C5'"  sing N N 80  
DG "C5'" "C4'"  sing N N 81  
DG "C5'" "H5'"  sing N N 82  
DG "C5'" "H5''" sing N N 83  
DG "C4'" "O4'"  sing N N 84  
DG "C4'" "C3'"  sing N N 85  
DG "C4'" "H4'"  sing N N 86  
DG "O4'" "C1'"  sing N N 87  
DG "C3'" "O3'"  sing N N 88  
DG "C3'" "C2'"  sing N N 89  
DG "C3'" "H3'"  sing N N 90  
DG "O3'" "HO3'" sing N N 91  
DG "C2'" "C1'"  sing N N 92  
DG "C2'" "H2'"  sing N N 93  
DG "C2'" "H2''" sing N N 94  
DG "C1'" N9     sing N N 95  
DG "C1'" "H1'"  sing N N 96  
DG N9    C8     sing Y N 97  
DG N9    C4     sing Y N 98  
DG C8    N7     doub Y N 99  
DG C8    H8     sing N N 100 
DG N7    C5     sing Y N 101 
DG C5    C6     sing N N 102 
DG C5    C4     doub Y N 103 
DG C6    O6     doub N N 104 
DG C6    N1     sing N N 105 
DG N1    C2     sing N N 106 
DG N1    H1     sing N N 107 
DG C2    N2     sing N N 108 
DG C2    N3     doub N N 109 
DG N2    H21    sing N N 110 
DG N2    H22    sing N N 111 
DG N3    C4     sing N N 112 
DT OP3   P      sing N N 113 
DT OP3   HOP3   sing N N 114 
DT P     OP1    doub N N 115 
DT P     OP2    sing N N 116 
DT P     "O5'"  sing N N 117 
DT OP2   HOP2   sing N N 118 
DT "O5'" "C5'"  sing N N 119 
DT "C5'" "C4'"  sing N N 120 
DT "C5'" "H5'"  sing N N 121 
DT "C5'" "H5''" sing N N 122 
DT "C4'" "O4'"  sing N N 123 
DT "C4'" "C3'"  sing N N 124 
DT "C4'" "H4'"  sing N N 125 
DT "O4'" "C1'"  sing N N 126 
DT "C3'" "O3'"  sing N N 127 
DT "C3'" "C2'"  sing N N 128 
DT "C3'" "H3'"  sing N N 129 
DT "O3'" "HO3'" sing N N 130 
DT "C2'" "C1'"  sing N N 131 
DT "C2'" "H2'"  sing N N 132 
DT "C2'" "H2''" sing N N 133 
DT "C1'" N1     sing N N 134 
DT "C1'" "H1'"  sing N N 135 
DT N1    C2     sing N N 136 
DT N1    C6     sing N N 137 
DT C2    O2     doub N N 138 
DT C2    N3     sing N N 139 
DT N3    C4     sing N N 140 
DT N3    H3     sing N N 141 
DT C4    O4     doub N N 142 
DT C4    C5     sing N N 143 
DT C5    C7     sing N N 144 
DT C5    C6     doub N N 145 
DT C7    H71    sing N N 146 
DT C7    H72    sing N N 147 
DT C7    H73    sing N N 148 
DT C6    H6     sing N N 149 
# 
loop_
_ndb_struct_conf_na.entry_id 
_ndb_struct_conf_na.feature 
9NFG 'double helix'        
9NFG 'a-form double helix' 
9NFG 'b-form double helix' 
# 
loop_
_ndb_struct_na_base_pair.model_number 
_ndb_struct_na_base_pair.i_label_asym_id 
_ndb_struct_na_base_pair.i_label_comp_id 
_ndb_struct_na_base_pair.i_label_seq_id 
_ndb_struct_na_base_pair.i_symmetry 
_ndb_struct_na_base_pair.j_label_asym_id 
_ndb_struct_na_base_pair.j_label_comp_id 
_ndb_struct_na_base_pair.j_label_seq_id 
_ndb_struct_na_base_pair.j_symmetry 
_ndb_struct_na_base_pair.shear 
_ndb_struct_na_base_pair.stretch 
_ndb_struct_na_base_pair.stagger 
_ndb_struct_na_base_pair.buckle 
_ndb_struct_na_base_pair.propeller 
_ndb_struct_na_base_pair.opening 
_ndb_struct_na_base_pair.pair_number 
_ndb_struct_na_base_pair.pair_name 
_ndb_struct_na_base_pair.i_auth_asym_id 
_ndb_struct_na_base_pair.i_auth_seq_id 
_ndb_struct_na_base_pair.i_PDB_ins_code 
_ndb_struct_na_base_pair.j_auth_asym_id 
_ndb_struct_na_base_pair.j_auth_seq_id 
_ndb_struct_na_base_pair.j_PDB_ins_code 
_ndb_struct_na_base_pair.hbond_type_28 
_ndb_struct_na_base_pair.hbond_type_12 
1 A DA 1  1_555 B DT 8 1_555 0.065  -0.180 -0.471 -6.397  -8.353  8.512   1  A_DA112:DT138_B A 112 ? B 138 ? 20 1 
1 A DC 2  1_555 B DG 7 1_555 0.218  -0.116 0.247  -2.728  -10.071 2.501   2  A_DC113:DG137_B A 113 ? B 137 ? 19 1 
1 A DG 3  1_555 B DC 6 1_555 -0.200 -0.169 -0.657 -6.328  -9.192  2.144   3  A_DG114:DC136_B A 114 ? B 136 ? 19 1 
1 A DG 4  1_555 B DC 5 1_555 -0.248 -0.176 -0.165 -6.581  -10.969 1.898   4  A_DG115:DC135_B A 115 ? B 135 ? 19 1 
1 A DA 5  1_555 C DT 9 1_555 0.174  -0.285 1.054  4.850   -4.304  -9.344  5  A_DA116:DT208_D A 116 ? D 208 ? 20 1 
1 A DC 6  1_555 C DG 8 1_555 0.196  -0.105 0.377  9.877   -5.645  -0.851  6  A_DC117:DG207_D A 117 ? D 207 ? 19 1 
1 A DA 7  1_555 C DT 7 1_555 -0.534 -0.380 -0.348 -14.736 -21.595 -3.110  7  A_DA118:DT206_D A 118 ? D 206 ? 20 1 
1 A DC 8  1_555 C DG 6 1_555 0.236  -0.132 -0.498 5.633   -5.855  2.133   8  A_DC119:DG205_D A 119 ? D 205 ? 19 1 
1 A DG 9  1_555 C DC 5 1_555 0.026  -0.481 -1.425 -10.908 1.816   -13.522 9  A_DG120:DC204_D A 120 ? D 204 ? 19 1 
1 A DT 10 1_555 C DA 4 1_555 -0.241 -0.169 -0.981 -1.014  -2.815  -4.350  10 A_DT121:DA203_D A 121 ? D 203 ? 20 1 
1 A DC 11 1_555 C DG 3 1_555 0.220  -0.143 -0.463 13.402  -1.665  0.102   11 A_DC122:DG202_D A 122 ? D 202 ? 19 1 
1 B DC 1  1_555 D DG 9 1_555 0.155  -0.230 -0.420 -7.068  -9.036  1.312   12 B_DC131:DG111_X B 131 ? X 111 ? 19 1 
1 B DA 2  1_555 D DT 8 1_555 0.010  -0.074 -0.765 -20.882 -10.601 5.651   13 B_DA132:DT110_X B 132 ? X 110 ? 20 1 
1 B DC 3  1_555 D DG 7 1_555 0.177  -0.159 -0.234 -4.060  -4.408  3.966   14 B_DC133:DG109_X B 133 ? X 109 ? 19 1 
1 B DA 4  1_555 D DT 6 1_555 -0.005 -0.158 0.206  -0.010  -5.041  1.859   15 B_DA134:DT108_X B 134 ? X 108 ? 20 1 
1 C DG 10 1_555 D DC 5 1_555 -0.165 -0.141 0.804  11.804  1.497   -2.604  16 D_DG209:DC107_X D 209 ? X 107 ? 19 1 
1 C DC 11 1_555 D DG 4 1_555 0.088  -0.212 0.597  7.025   -6.656  -1.749  17 D_DC210:DG106_X D 210 ? X 106 ? 19 1 
1 C DT 12 1_555 D DA 3 1_555 -0.402 -0.162 -0.513 14.562  -22.187 -8.959  18 D_DT211:DA105_X D 211 ? X 105 ? 20 1 
1 C DC 13 1_555 D DG 2 1_555 0.128  -0.213 -0.596 -4.261  -4.972  -1.615  19 D_DC212:DG104_X D 212 ? X 104 ? 19 1 
# 
loop_
_ndb_struct_na_base_pair_step.model_number 
_ndb_struct_na_base_pair_step.i_label_asym_id_1 
_ndb_struct_na_base_pair_step.i_label_comp_id_1 
_ndb_struct_na_base_pair_step.i_label_seq_id_1 
_ndb_struct_na_base_pair_step.i_symmetry_1 
_ndb_struct_na_base_pair_step.j_label_asym_id_1 
_ndb_struct_na_base_pair_step.j_label_comp_id_1 
_ndb_struct_na_base_pair_step.j_label_seq_id_1 
_ndb_struct_na_base_pair_step.j_symmetry_1 
_ndb_struct_na_base_pair_step.i_label_asym_id_2 
_ndb_struct_na_base_pair_step.i_label_comp_id_2 
_ndb_struct_na_base_pair_step.i_label_seq_id_2 
_ndb_struct_na_base_pair_step.i_symmetry_2 
_ndb_struct_na_base_pair_step.j_label_asym_id_2 
_ndb_struct_na_base_pair_step.j_label_comp_id_2 
_ndb_struct_na_base_pair_step.j_label_seq_id_2 
_ndb_struct_na_base_pair_step.j_symmetry_2 
_ndb_struct_na_base_pair_step.shift 
_ndb_struct_na_base_pair_step.slide 
_ndb_struct_na_base_pair_step.rise 
_ndb_struct_na_base_pair_step.tilt 
_ndb_struct_na_base_pair_step.roll 
_ndb_struct_na_base_pair_step.twist 
_ndb_struct_na_base_pair_step.x_displacement 
_ndb_struct_na_base_pair_step.y_displacement 
_ndb_struct_na_base_pair_step.helical_rise 
_ndb_struct_na_base_pair_step.inclination 
_ndb_struct_na_base_pair_step.tip 
_ndb_struct_na_base_pair_step.helical_twist 
_ndb_struct_na_base_pair_step.step_number 
_ndb_struct_na_base_pair_step.step_name 
_ndb_struct_na_base_pair_step.i_auth_asym_id_1 
_ndb_struct_na_base_pair_step.i_auth_seq_id_1 
_ndb_struct_na_base_pair_step.i_PDB_ins_code_1 
_ndb_struct_na_base_pair_step.j_auth_asym_id_1 
_ndb_struct_na_base_pair_step.j_auth_seq_id_1 
_ndb_struct_na_base_pair_step.j_PDB_ins_code_1 
_ndb_struct_na_base_pair_step.i_auth_asym_id_2 
_ndb_struct_na_base_pair_step.i_auth_seq_id_2 
_ndb_struct_na_base_pair_step.i_PDB_ins_code_2 
_ndb_struct_na_base_pair_step.j_auth_asym_id_2 
_ndb_struct_na_base_pair_step.j_auth_seq_id_2 
_ndb_struct_na_base_pair_step.j_PDB_ins_code_2 
1 A DA 1  1_555 B DT 8 1_555 A DC 2  1_555 B DG 7 1_555 -0.419 -0.384 3.351 -3.845  -0.074 34.995 -0.624 0.102  3.377 -0.123  
6.371   35.199 1  AA_DA112DC113:DG137DT138_BB A 112 ? B 138 ? A 113 ? B 137 ? 
1 A DC 2  1_555 B DG 7 1_555 A DG 3  1_555 B DC 6 1_555 0.233  0.562  3.625 0.149   -0.403 25.866 1.379  -0.475 3.618 -0.901  
-0.334  25.870 2  AA_DC113DG114:DC136DG137_BB A 113 ? B 137 ? A 114 ? B 136 ? 
1 A DG 3  1_555 B DC 6 1_555 A DG 4  1_555 B DC 5 1_555 1.033  -0.197 3.144 -7.123  2.379  40.706 -0.517 -2.176 2.915 3.385   
10.136  41.364 3  AA_DG114DG115:DC135DC136_BB A 114 ? B 136 ? A 115 ? B 135 ? 
1 A DG 4  1_555 B DC 5 1_555 A DA 5  1_555 C DT 9 1_555 -1.997 0.211  2.583 -18.878 5.037  36.761 -0.209 0.921  3.202 7.383   
27.668  41.471 4  AA_DG115DA116:DT208DC135_DB A 115 ? B 135 ? A 116 ? D 208 ? 
1 A DA 5  1_555 C DT 9 1_555 A DC 6  1_555 C DG 8 1_555 0.600  -0.632 3.196 1.556   1.034  28.022 -1.540 -0.878 3.199 2.132   
-3.210  28.083 5  AA_DA116DC117:DG207DT208_DD A 116 ? D 208 ? A 117 ? D 207 ? 
1 A DC 6  1_555 C DG 8 1_555 A DA 7  1_555 C DT 7 1_555 -1.683 0.109  3.943 -4.547  -9.933 31.700 2.216  1.993  3.930 -17.544 
8.032   33.484 6  AA_DC117DA118:DT206DG207_DD A 117 ? D 207 ? A 118 ? D 206 ? 
1 A DA 7  1_555 C DT 7 1_555 A DC 8  1_555 C DG 6 1_555 1.094  0.333  2.641 -1.552  1.065  30.457 0.463  -2.326 2.593 2.024   
2.951   30.514 7  AA_DA118DC119:DG205DT206_DD A 118 ? D 206 ? A 119 ? D 205 ? 
1 A DC 8  1_555 C DG 6 1_555 A DG 9  1_555 C DC 5 1_555 -1.105 -0.056 3.977 -5.870  3.387  39.326 -0.567 0.780  4.075 4.987   
8.644   39.882 8  AA_DC119DG120:DC204DG205_DD A 119 ? D 205 ? A 120 ? D 204 ? 
1 A DG 9  1_555 C DC 5 1_555 A DT 10 1_555 C DA 4 1_555 1.901  -1.482 2.814 -2.638  9.067  27.268 -4.522 -4.268 2.037 18.541  
5.395   28.827 9  AA_DG120DT121:DA203DC204_DD A 120 ? D 204 ? A 121 ? D 203 ? 
1 A DT 10 1_555 C DA 4 1_555 A DC 11 1_555 C DG 3 1_555 -0.091 2.736  2.882 1.867   5.507  37.439 3.552  0.366  3.229 8.517   
-2.887  37.872 10 AA_DT121DC122:DG202DA203_DD A 121 ? D 203 ? A 122 ? D 202 ? 
1 B DC 1  1_555 D DG 9 1_555 B DA 2  1_555 D DT 8 1_555 1.372  0.686  3.527 3.395   6.565  37.211 0.119  -1.627 3.697 10.165  
-5.256  37.913 11 BB_DC131DA132:DT110DG111_XX B 131 ? X 111 ? B 132 ? X 110 ? 
1 B DA 2  1_555 D DT 8 1_555 B DC 3  1_555 D DG 7 1_555 -0.915 0.644  3.475 -9.395  7.689  18.289 -1.789 -1.849 3.517 21.400  
26.147  21.923 12 BB_DA132DC133:DG109DT110_XX B 132 ? X 110 ? B 133 ? X 109 ? 
1 B DC 3  1_555 D DG 7 1_555 B DA 4  1_555 D DT 6 1_555 -0.560 0.250  3.008 -7.687  5.995  29.610 -0.622 -0.350 3.046 11.350  
14.552  31.139 13 BB_DC133DA134:DT108DG109_XX B 133 ? X 109 ? B 134 ? X 108 ? 
1 B DA 4  1_555 D DT 6 1_555 C DG 10 1_555 D DC 5 1_555 1.450  -1.311 2.892 -5.666  0.419  24.817 -3.075 -4.645 2.482 0.960   
12.967  25.449 14 BD_DA134DG209:DC107DT108_XX B 134 ? X 108 ? D 209 ? X 107 ? 
1 C DG 10 1_555 D DC 5 1_555 C DC 11 1_555 D DG 4 1_555 0.313  -1.329 3.270 0.420   1.330  43.547 -1.917 -0.382 3.233 1.792   
-0.567  43.568 15 DD_DG209DC210:DG106DC107_XX D 209 ? X 107 ? D 210 ? X 106 ? 
1 C DC 11 1_555 D DG 4 1_555 C DT 12 1_555 D DA 3 1_555 -0.606 -0.788 2.831 9.517   -3.669 30.206 -0.866 2.587  2.600 -6.801  
-17.642 31.844 16 DD_DC210DT211:DA105DG106_XX D 210 ? X 106 ? D 211 ? X 105 ? 
1 C DT 12 1_555 D DA 3 1_555 C DC 13 1_555 D DG 2 1_555 0.192  -1.022 3.845 -0.250  4.359  39.413 -2.097 -0.317 3.714 6.439   
0.370   39.644 17 DD_DT211DC212:DG104DA105_XX D 211 ? X 105 ? D 212 ? X 104 ? 
# 
loop_
_pdbx_audit_support.funding_organization 
_pdbx_audit_support.country 
_pdbx_audit_support.grant_number 
_pdbx_audit_support.ordinal 
'Office of Naval Research (ONR)'                   'United States' N000141912596 1 
'Department of Energy (DOE, United States)'        'United States' DE-SC0007991  2 
'National Science Foundation (NSF, United States)' 'United States' CCF-2106790   3 
'National Science Foundation (NSF, United States)' 'United States' GCR-2317843   4 
# 
_pdbx_initial_refinement_model.id               1 
_pdbx_initial_refinement_model.entity_id_list   ? 
_pdbx_initial_refinement_model.type             'experimental model' 
_pdbx_initial_refinement_model.source_name      PDB 
_pdbx_initial_refinement_model.accession_code   8D93 
_pdbx_initial_refinement_model.details          'tensegrity triangle' 
# 
_space_group.name_H-M_alt     'P 63' 
_space_group.name_Hall        'P 6c' 
_space_group.IT_number        173 
_space_group.crystal_system   hexagonal 
_space_group.id               1 
# 
_atom_sites.entry_id                    9NFG 
_atom_sites.Cartn_transf_matrix[1][1]   ? 
_atom_sites.Cartn_transf_matrix[1][2]   ? 
_atom_sites.Cartn_transf_matrix[1][3]   ? 
_atom_sites.Cartn_transf_matrix[2][1]   ? 
_atom_sites.Cartn_transf_matrix[2][2]   ? 
_atom_sites.Cartn_transf_matrix[2][3]   ? 
_atom_sites.Cartn_transf_matrix[3][1]   ? 
_atom_sites.Cartn_transf_matrix[3][2]   ? 
_atom_sites.Cartn_transf_matrix[3][3]   ? 
_atom_sites.Cartn_transf_vector[1]      ? 
_atom_sites.Cartn_transf_vector[2]      ? 
_atom_sites.Cartn_transf_vector[3]      ? 
_atom_sites.Cartn_transform_axes        ? 
_atom_sites.fract_transf_matrix[1][1]   0.00336696 
_atom_sites.fract_transf_matrix[1][2]   0.00630937 
_atom_sites.fract_transf_matrix[1][3]   0.00467604 
_atom_sites.fract_transf_matrix[2][1]   -0.00436953 
_atom_sites.fract_transf_matrix[2][2]   0.00322986 
_atom_sites.fract_transf_matrix[2][3]   0.00659486 
_atom_sites.fract_transf_matrix[3][1]   0.00978383 
_atom_sites.fract_transf_matrix[3][2]   -0.01573769 
_atom_sites.fract_transf_matrix[3][3]   0.01419004 
_atom_sites.fract_transf_vector[1]      0.422655 
_atom_sites.fract_transf_vector[2]      -0.140209 
_atom_sites.fract_transf_vector[3]      -0.190757 
_atom_sites.solution_primary            ? 
_atom_sites.solution_secondary          ? 
_atom_sites.solution_hydrogens          ? 
_atom_sites.special_details             ? 
# 
loop_
_atom_type.symbol 
_atom_type.scat_dispersion_real 
_atom_type.scat_dispersion_imag 
_atom_type.scat_Cromer_Mann_a1 
_atom_type.scat_Cromer_Mann_a2 
_atom_type.scat_Cromer_Mann_a3 
_atom_type.scat_Cromer_Mann_a4 
_atom_type.scat_Cromer_Mann_b1 
_atom_type.scat_Cromer_Mann_b2 
_atom_type.scat_Cromer_Mann_b3 
_atom_type.scat_Cromer_Mann_b4 
_atom_type.scat_Cromer_Mann_c 
_atom_type.scat_source 
_atom_type.scat_dispersion_source 
C ? ? 5.96793  ? ? ? 14.89577 ? ? ? 0.0 
;1-Gaussian fit: Grosse-Kunstleve RW, Sauter NK, Adams PD: Newsletter of the IUCr Commission on Crystallographic Computing 2004, 3, 22-31.
;
? 
N ? ? 6.96715  ? ? ? 11.43723 ? ? ? 0.0 
;1-Gaussian fit: Grosse-Kunstleve RW, Sauter NK, Adams PD: Newsletter of the IUCr Commission on Crystallographic Computing 2004, 3, 22-31.
;
? 
O ? ? 7.96527  ? ? ? 9.05267  ? ? ? 0.0 
;1-Gaussian fit: Grosse-Kunstleve RW, Sauter NK, Adams PD: Newsletter of the IUCr Commission on Crystallographic Computing 2004, 3, 22-31.
;
? 
P ? ? 14.90797 ? ? ? 11.91318 ? ? ? 0.0 
;1-Gaussian fit: Grosse-Kunstleve RW, Sauter NK, Adams PD: Newsletter of the IUCr Commission on Crystallographic Computing 2004, 3, 22-31.
;
? 
# 
loop_
_atom_site.group_PDB 
_atom_site.id 
_atom_site.type_symbol 
_atom_site.label_atom_id 
_atom_site.label_alt_id 
_atom_site.label_comp_id 
_atom_site.label_asym_id 
_atom_site.label_entity_id 
_atom_site.label_seq_id 
_atom_site.pdbx_PDB_ins_code 
_atom_site.Cartn_x 
_atom_site.Cartn_y 
_atom_site.Cartn_z 
_atom_site.occupancy 
_atom_site.B_iso_or_equiv 
_atom_site.pdbx_formal_charge 
_atom_site.auth_seq_id 
_atom_site.auth_comp_id 
_atom_site.auth_asym_id 
_atom_site.auth_atom_id 
_atom_site.pdbx_PDB_model_num 
ATOM 1   P P     . DA A 1 1  ? 8.57328   -7.13396  -16.22632 1.000 394.47745 ? 112 DA A P     1 
ATOM 2   O OP1   . DA A 1 1  ? 9.60675   -7.86813  -15.46189 1.000 381.48322 ? 112 DA A OP1   1 
ATOM 3   O OP2   . DA A 1 1  ? 8.95096   -6.27487  -17.37119 1.000 398.92335 ? 112 DA A OP2   1 
ATOM 4   O "O5'" . DA A 1 1  ? 7.51674   -8.21017  -16.75558 1.000 408.66834 ? 112 DA A "O5'" 1 
ATOM 5   C "C5'" . DA A 1 1  ? 6.62341   -7.88237  -17.80085 1.000 423.72236 ? 112 DA A "C5'" 1 
ATOM 6   C "C4'" . DA A 1 1  ? 5.21376   -7.69624  -17.26726 1.000 431.19051 ? 112 DA A "C4'" 1 
ATOM 7   O "O4'" . DA A 1 1  ? 4.85341   -8.80054  -16.41451 1.000 429.21976 ? 112 DA A "O4'" 1 
ATOM 8   C "C3'" . DA A 1 1  ? 4.99722   -6.43509  -16.42818 1.000 424.86142 ? 112 DA A "C3'" 1 
ATOM 9   O "O3'" . DA A 1 1  ? 4.26636   -5.41410  -17.18183 1.000 435.79289 ? 112 DA A "O3'" 1 
ATOM 10  C "C2'" . DA A 1 1  ? 4.24460   -6.91727  -15.16436 1.000 422.18042 ? 112 DA A "C2'" 1 
ATOM 11  C "C1'" . DA A 1 1  ? 3.87261   -8.35811  -15.51239 1.000 429.92064 ? 112 DA A "C1'" 1 
ATOM 12  N N9    . DA A 1 1  ? 3.85032   -9.28409  -14.37916 1.000 422.80925 ? 112 DA A N9    1 
ATOM 13  C C8    . DA A 1 1  ? 4.85921   -9.53594  -13.48888 1.000 408.04549 ? 112 DA A C8    1 
ATOM 14  N N7    . DA A 1 1  ? 4.55732   -10.44815 -12.59170 1.000 405.36412 ? 112 DA A N7    1 
ATOM 15  C C5    . DA A 1 1  ? 3.26682   -10.82754 -12.92535 1.000 419.24902 ? 112 DA A C5    1 
ATOM 16  C C6    . DA A 1 1  ? 2.37122   -11.76227 -12.36257 1.000 424.21785 ? 112 DA A C6    1 
ATOM 17  N N6    . DA A 1 1  ? 2.65857   -12.51614 -11.29635 1.000 415.24884 ? 112 DA A N6    1 
ATOM 18  N N1    . DA A 1 1  ? 1.15800   -11.89207 -12.94476 1.000 439.22242 ? 112 DA A N1    1 
ATOM 19  C C2    . DA A 1 1  ? 0.87326   -11.13968 -14.01112 1.000 448.57511 ? 112 DA A C2    1 
ATOM 20  N N3    . DA A 1 1  ? 1.62732   -10.23377 -14.62506 1.000 445.26079 ? 112 DA A N3    1 
ATOM 21  C C4    . DA A 1 1  ? 2.82218   -10.12439 -14.02819 1.000 430.19579 ? 112 DA A C4    1 
ATOM 22  P P     . DC A 1 2  ? 3.01529   -5.75742  -18.14580 1.000 443.70030 ? 113 DC A P     1 
ATOM 23  O OP1   . DC A 1 2  ? 3.34684   -6.71039  -19.23063 1.000 450.73579 ? 113 DC A OP1   1 
ATOM 24  O OP2   . DC A 1 2  ? 2.49240   -4.44169  -18.56134 1.000 450.26498 ? 113 DC A OP2   1 
ATOM 25  O "O5'" . DC A 1 2  ? 1.93050   -6.40161  -17.16653 1.000 446.19438 ? 113 DC A "O5'" 1 
ATOM 26  C "C5'" . DC A 1 2  ? 0.76419   -7.00302  -17.70046 1.000 461.61965 ? 113 DC A "C5'" 1 
ATOM 27  C "C4'" . DC A 1 2  ? -0.47025  -6.57803  -16.93065 1.000 465.98815 ? 113 DC A "C4'" 1 
ATOM 28  O "O4'" . DC A 1 2  ? -0.54344  -7.30261  -15.67712 1.000 457.48963 ? 113 DC A "O4'" 1 
ATOM 29  C "C3'" . DC A 1 2  ? -0.53523  -5.09690  -16.57054 1.000 462.09954 ? 113 DC A "C3'" 1 
ATOM 30  O "O3'" . DC A 1 2  ? -1.86362  -4.65160  -16.71513 1.000 474.97200 ? 113 DC A "O3'" 1 
ATOM 31  C "C2'" . DC A 1 2  ? -0.10465  -5.08791  -15.10408 1.000 446.67807 ? 113 DC A "C2'" 1 
ATOM 32  C "C1'" . DC A 1 2  ? -0.70656  -6.39374  -14.61587 1.000 449.56233 ? 113 DC A "C1'" 1 
ATOM 33  N N1    . DC A 1 2  ? -0.03518  -6.96716  -13.41857 1.000 435.02288 ? 113 DC A N1    1 
ATOM 34  C C2    . DC A 1 2  ? -0.69747  -7.94716  -12.68033 1.000 436.40872 ? 113 DC A C2    1 
ATOM 35  O O2    . DC A 1 2  ? -1.82847  -8.29405  -13.03693 1.000 449.61577 ? 113 DC A O2    1 
ATOM 36  N N3    . DC A 1 2  ? -0.08466  -8.48230  -11.59758 1.000 423.59030 ? 113 DC A N3    1 
ATOM 37  C C4    . DC A 1 2  ? 1.13980   -8.07364  -11.25336 1.000 409.98375 ? 113 DC A C4    1 
ATOM 38  N N4    . DC A 1 2  ? 1.70313   -8.63349  -10.17705 1.000 398.12211 ? 113 DC A N4    1 
ATOM 39  C C5    . DC A 1 2  ? 1.83602   -7.07482  -11.99906 1.000 408.31404 ? 113 DC A C5    1 
ATOM 40  C C6    . DC A 1 2  ? 1.21748   -6.55471  -13.06657 1.000 420.96859 ? 113 DC A C6    1 
ATOM 41  P P     . DG A 1 3  ? -2.23849  -3.48976  -17.75539 1.000 473.22765 ? 114 DG A P     1 
ATOM 42  O OP1   . DG A 1 3  ? -2.74024  -4.13862  -18.98931 1.000 488.67282 ? 114 DG A OP1   1 
ATOM 43  O OP2   . DG A 1 3  ? -1.09154  -2.55752  -17.80834 1.000 462.39261 ? 114 DG A OP2   1 
ATOM 44  O "O5'" . DG A 1 3  ? -3.47247  -2.73908  -17.06056 1.000 478.59025 ? 114 DG A "O5'" 1 
ATOM 45  C "C5'" . DG A 1 3  ? -3.65868  -2.80311  -15.63141 1.000 468.88714 ? 114 DG A "C5'" 1 
ATOM 46  C "C4'" . DG A 1 3  ? -4.39725  -4.07367  -15.21216 1.000 473.27357 ? 114 DG A "C4'" 1 
ATOM 47  O "O4'" . DG A 1 3  ? -3.49611  -4.92023  -14.42853 1.000 459.34956 ? 114 DG A "O4'" 1 
ATOM 48  C "C3'" . DG A 1 3  ? -5.60456  -3.85041  -14.30484 1.000 477.25659 ? 114 DG A "C3'" 1 
ATOM 49  O "O3'" . DG A 1 3  ? -6.51448  -4.95806  -14.41578 1.000 487.56348 ? 114 DG A "O3'" 1 
ATOM 50  C "C2'" . DG A 1 3  ? -4.93069  -3.83555  -12.94698 1.000 460.33218 ? 114 DG A "C2'" 1 
ATOM 51  C "C1'" . DG A 1 3  ? -4.00248  -5.03356  -13.10963 1.000 453.83923 ? 114 DG A "C1'" 1 
ATOM 52  N N9    . DG A 1 3  ? -2.88287  -5.13250  -12.13925 1.000 436.31463 ? 114 DG A N9    1 
ATOM 53  C C8    . DG A 1 3  ? -1.69328  -4.42830  -12.14556 1.000 425.15658 ? 114 DG A C8    1 
ATOM 54  N N7    . DG A 1 3  ? -0.88277  -4.75791  -11.16854 1.000 411.02244 ? 114 DG A N7    1 
ATOM 55  C C5    . DG A 1 3  ? -1.57169  -5.74415  -10.46821 1.000 412.75750 ? 114 DG A C5    1 
ATOM 56  C C6    . DG A 1 3  ? -1.19593  -6.47720  -9.30827  1.000 401.76761 ? 114 DG A C6    1 
ATOM 57  O O6    . DG A 1 3  ? -0.14597  -6.39444  -8.64924  1.000 387.99845 ? 114 DG A O6    1 
ATOM 58  N N1    . DG A 1 3  ? -2.18887  -7.37991  -8.92413  1.000 408.55175 ? 114 DG A N1    1 
ATOM 59  C C2    . DG A 1 3  ? -3.38971  -7.55710  -9.57728  1.000 424.06397 ? 114 DG A C2    1 
ATOM 60  N N2    . DG A 1 3  ? -4.22056  -8.47313  -9.05979  1.000 428.69646 ? 114 DG A N2    1 
ATOM 61  N N3    . DG A 1 3  ? -3.75088  -6.88346  -10.66348 1.000 434.63759 ? 114 DG A N3    1 
ATOM 62  C C4    . DG A 1 3  ? -2.79895  -5.99518  -11.05346 1.000 428.16243 ? 114 DG A C4    1 
ATOM 63  P P     . DG A 1 4  ? -8.08128  -4.78552  -14.08331 1.000 489.32038 ? 115 DG A P     1 
ATOM 64  O OP1   . DG A 1 4  ? -8.82858  -4.84481  -15.35923 1.000 507.05245 ? 115 DG A OP1   1 
ATOM 65  O OP2   . DG A 1 4  ? -8.25077  -3.61288  -13.20212 1.000 483.15896 ? 115 DG A OP2   1 
ATOM 66  O "O5'" . DG A 1 4  ? -8.43252  -6.08979  -13.22506 1.000 486.87746 ? 115 DG A "O5'" 1 
ATOM 67  C "C5'" . DG A 1 4  ? -7.41230  -6.73973  -12.48474 1.000 471.85814 ? 115 DG A "C5'" 1 
ATOM 68  C "C4'" . DG A 1 4  ? -7.66878  -6.63318  -10.99394 1.000 462.56899 ? 115 DG A "C4'" 1 
ATOM 69  O "O4'" . DG A 1 4  ? -6.41011  -6.40323  -10.30241 1.000 445.34754 ? 115 DG A "O4'" 1 
ATOM 70  C "C3'" . DG A 1 4  ? -8.58927  -5.48512  -10.55812 1.000 467.00210 ? 115 DG A "C3'" 1 
ATOM 71  O "O3'" . DG A 1 4  ? -9.34566  -5.91273  -9.42198  1.000 465.85583 ? 115 DG A "O3'" 1 
ATOM 72  C "C2'" . DG A 1 4  ? -7.58049  -4.40751  -10.16872 1.000 453.84100 ? 115 DG A "C2'" 1 
ATOM 73  C "C1'" . DG A 1 4  ? -6.55835  -5.27910  -9.46500  1.000 439.61680 ? 115 DG A "C1'" 1 
ATOM 74  N N9    . DG A 1 4  ? -5.24940  -4.65289  -9.21410  1.000 425.38016 ? 115 DG A N9    1 
ATOM 75  C C8    . DG A 1 4  ? -4.61829  -3.69595  -9.96299  1.000 424.57016 ? 115 DG A C8    1 
ATOM 76  N N7    . DG A 1 4  ? -3.45594  -3.33664  -9.49581  1.000 410.53904 ? 115 DG A N7    1 
ATOM 77  C C5    . DG A 1 4  ? -3.31673  -4.08327  -8.34082  1.000 401.46451 ? 115 DG A C5    1 
ATOM 78  C C6    . DG A 1 4  ? -2.26317  -4.11220  -7.40185  1.000 385.70846 ? 115 DG A C6    1 
ATOM 79  O O6    . DG A 1 4  ? -1.20797  -3.46261  -7.40568  1.000 376.29764 ? 115 DG A O6    1 
ATOM 80  N N1    . DG A 1 4  ? -2.52092  -5.01219  -6.37516  1.000 381.45198 ? 115 DG A N1    1 
ATOM 81  C C2    . DG A 1 4  ? -3.65094  -5.78986  -6.27266  1.000 391.09500 ? 115 DG A C2    1 
ATOM 82  N N2    . DG A 1 4  ? -3.72596  -6.59668  -5.20941  1.000 385.12007 ? 115 DG A N2    1 
ATOM 83  N N3    . DG A 1 4  ? -4.64396  -5.77248  -7.14773  1.000 405.91098 ? 115 DG A N3    1 
ATOM 84  C C4    . DG A 1 4  ? -4.41191  -4.89800  -8.15045  1.000 410.33449 ? 115 DG A C4    1 
ATOM 85  P P     . DA A 1 5  ? -10.78975 -5.28965  -9.08894  1.000 476.20400 ? 116 DA A P     1 
ATOM 86  O OP1   . DA A 1 5  ? -11.58691 -5.31330  -10.33372 1.000 493.50898 ? 116 DA A OP1   1 
ATOM 87  O OP2   . DA A 1 5  ? -10.59519 -4.01772  -8.35852  1.000 468.21278 ? 116 DA A OP2   1 
ATOM 88  O "O5'" . DA A 1 5  ? -11.42145 -6.32860  -8.04242  1.000 475.08190 ? 116 DA A "O5'" 1 
ATOM 89  C "C5'" . DA A 1 5  ? -10.70172 -7.51303  -7.66960  1.000 466.34758 ? 116 DA A "C5'" 1 
ATOM 90  C "C4'" . DA A 1 5  ? -10.53809 -7.60598  -6.15517  1.000 453.73810 ? 116 DA A "C4'" 1 
ATOM 91  O "O4'" . DA A 1 5  ? -9.18077  -7.23566  -5.78059  1.000 438.06752 ? 116 DA A "O4'" 1 
ATOM 92  C "C3'" . DA A 1 5  ? -11.45566 -6.69204  -5.35269  1.000 455.92700 ? 116 DA A "C3'" 1 
ATOM 93  O "O3'" . DA A 1 5  ? -11.85361 -7.31774  -4.13730  1.000 451.48045 ? 116 DA A "O3'" 1 
ATOM 94  C "C2'" . DA A 1 5  ? -10.57800 -5.47639  -5.09316  1.000 445.10081 ? 116 DA A "C2'" 1 
ATOM 95  C "C1'" . DA A 1 5  ? -9.19789  -6.10055  -4.93424  1.000 431.48313 ? 116 DA A "C1'" 1 
ATOM 96  N N9    . DA A 1 5  ? -8.11283  -5.21194  -5.35149  1.000 423.91594 ? 116 DA A N9    1 
ATOM 97  C C8    . DA A 1 5  ? -7.96886  -4.63915  -6.57708  1.000 430.89001 ? 116 DA A C8    1 
ATOM 98  N N7    . DA A 1 5  ? -6.90237  -3.88798  -6.69314  1.000 421.60542 ? 116 DA A N7    1 
ATOM 99  C C5    . DA A 1 5  ? -6.29217  -3.97811  -5.46210  1.000 407.61822 ? 116 DA A C5    1 
ATOM 100 C C6    . DA A 1 5  ? -5.11865  -3.39940  -4.95503  1.000 393.54848 ? 116 DA A C6    1 
ATOM 101 N N6    . DA A 1 5  ? -4.32968  -2.59838  -5.67975  1.000 391.20962 ? 116 DA A N6    1 
ATOM 102 N N1    . DA A 1 5  ? -4.78240  -3.67969  -3.68020  1.000 382.30011 ? 116 DA A N1    1 
ATOM 103 C C2    . DA A 1 5  ? -5.58030  -4.49085  -2.96549  1.000 384.92966 ? 116 DA A C2    1 
ATOM 104 N N3    . DA A 1 5  ? -6.71870  -5.08840  -3.33511  1.000 397.64202 ? 116 DA A N3    1 
ATOM 105 C C4    . DA A 1 5  ? -7.02039  -4.78884  -4.61074  1.000 408.72428 ? 116 DA A C4    1 
ATOM 106 P P     . DC A 1 6  ? -13.13151 -6.76426  -3.33483  1.000 451.43888 ? 117 DC A P     1 
ATOM 107 O OP1   . DC A 1 6  ? -14.09638 -7.88150  -3.20797  1.000 460.50548 ? 117 DC A OP1   1 
ATOM 108 O OP2   . DC A 1 6  ? -13.55361 -5.50610  -3.99228  1.000 459.45467 ? 117 DC A OP2   1 
ATOM 109 O "O5'" . DC A 1 6  ? -12.54919 -6.38554  -1.89190  1.000 435.80486 ? 117 DC A "O5'" 1 
ATOM 110 C "C5'" . DC A 1 6  ? -11.19316 -6.68378  -1.57038  1.000 421.17952 ? 117 DC A "C5'" 1 
ATOM 111 C "C4'" . DC A 1 6  ? -10.58305 -5.58836  -0.71530  1.000 409.47508 ? 117 DC A "C4'" 1 
ATOM 112 O "O4'" . DC A 1 6  ? -9.51188  -4.93118  -1.45858  1.000 404.31177 ? 117 DC A "O4'" 1 
ATOM 113 C "C3'" . DC A 1 6  ? -11.54816 -4.46352  -0.31063  1.000 415.42432 ? 117 DC A "C3'" 1 
ATOM 114 O "O3'" . DC A 1 6  ? -11.20399 -3.95671  0.98952   1.000 403.98661 ? 117 DC A "O3'" 1 
ATOM 115 C "C2'" . DC A 1 6  ? -11.24069 -3.41558  -1.37036  1.000 419.31378 ? 117 DC A "C2'" 1 
ATOM 116 C "C1'" . DC A 1 6  ? -9.73258  -3.54618  -1.38391  1.000 405.55629 ? 117 DC A "C1'" 1 
ATOM 117 N N1    . DC A 1 6  ? -9.05310  -2.82900  -2.50939  1.000 406.59845 ? 117 DC A N1    1 
ATOM 118 C C2    . DC A 1 6  ? -7.80100  -2.23488  -2.29599  1.000 393.87519 ? 117 DC A C2    1 
ATOM 119 O O2    . DC A 1 6  ? -7.25785  -2.35505  -1.19183  1.000 382.04404 ? 117 DC A O2    1 
ATOM 120 N N3    . DC A 1 6  ? -7.20409  -1.56926  -3.32136  1.000 395.14656 ? 117 DC A N3    1 
ATOM 121 C C4    . DC A 1 6  ? -7.82512  -1.47201  -4.50087  1.000 408.53496 ? 117 DC A C4    1 
ATOM 122 N N4    . DC A 1 6  ? -7.20414  -0.81032  -5.48634  1.000 409.52910 ? 117 DC A N4    1 
ATOM 123 C C5    . DC A 1 6  ? -9.10417  -2.06041  -4.72716  1.000 421.80135 ? 117 DC A C5    1 
ATOM 124 C C6    . DC A 1 6  ? -9.67958  -2.70692  -3.70856  1.000 420.27773 ? 117 DC A C6    1 
ATOM 125 P P     . DA A 1 7  ? -11.74370 -4.63190  2.36455   1.000 419.82615 ? 118 DA A P     1 
ATOM 126 O OP1   . DA A 1 7  ? -12.19436 -6.02805  2.10058   1.000 425.83737 ? 118 DA A OP1   1 
ATOM 127 O OP2   . DA A 1 7  ? -12.66959 -3.67111  3.01419   1.000 424.31764 ? 118 DA A OP2   1 
ATOM 128 O "O5'" . DA A 1 7  ? -10.42449 -4.72441  3.25542   1.000 402.62044 ? 118 DA A "O5'" 1 
ATOM 129 C "C5'" . DA A 1 7  ? -9.19066  -5.22634  2.70170   1.000 395.03646 ? 118 DA A "C5'" 1 
ATOM 130 C "C4'" . DA A 1 7  ? -7.99049  -4.58494  3.36027   1.000 380.60240 ? 118 DA A "C4'" 1 
ATOM 131 O "O4'" . DA A 1 7  ? -7.38094  -3.64731  2.44199   1.000 380.57126 ? 118 DA A "O4'" 1 
ATOM 132 C "C3'" . DA A 1 7  ? -8.28193  -3.77244  4.61693   1.000 375.99496 ? 118 DA A "C3'" 1 
ATOM 133 O "O3'" . DA A 1 7  ? -7.10419  -3.72005  5.43380   1.000 361.44179 ? 118 DA A "O3'" 1 
ATOM 134 C "C2'" . DA A 1 7  ? -8.53980  -2.39171  4.05620   1.000 381.57539 ? 118 DA A "C2'" 1 
ATOM 135 C "C1'" . DA A 1 7  ? -7.49838  -2.32352  2.95324   1.000 378.77771 ? 118 DA A "C1'" 1 
ATOM 136 N N9    . DA A 1 7  ? -7.85095  -1.45167  1.83915   1.000 388.48681 ? 118 DA A N9    1 
ATOM 137 C C8    . DA A 1 7  ? -8.97781  -1.51041  1.05911   1.000 403.05876 ? 118 DA A C8    1 
ATOM 138 N N7    . DA A 1 7  ? -9.01304  -0.60715  0.11139   1.000 409.38674 ? 118 DA A N7    1 
ATOM 139 C C5    . DA A 1 7  ? -7.82394  0.08969   0.27162   1.000 398.07685 ? 118 DA A C5    1 
ATOM 140 C C6    . DA A 1 7  ? -7.26772  1.17934   -0.41827  1.000 397.83331 ? 118 DA A C6    1 
ATOM 141 N N6    . DA A 1 7  ? -7.85790  1.77686   -1.45567  1.000 409.77068 ? 118 DA A N6    1 
ATOM 142 N N1    . DA A 1 7  ? -6.07593  1.65002   0.00739   1.000 385.09904 ? 118 DA A N1    1 
ATOM 143 C C2    . DA A 1 7  ? -5.49226  1.05813   1.05716   1.000 373.59138 ? 118 DA A C2    1 
ATOM 144 N N3    . DA A 1 7  ? -5.91081  0.02143   1.77993   1.000 372.52733 ? 118 DA A N3    1 
ATOM 145 C C4    . DA A 1 7  ? -7.10064  -0.41608  1.33544   1.000 385.21046 ? 118 DA A C4    1 
ATOM 146 P P     . DC A 1 8  ? -7.17231  -3.54952  7.06470   1.000 367.67644 ? 119 DC A P     1 
ATOM 147 O OP1   . DC A 1 8  ? -6.50419  -4.74734  7.62109   1.000 359.13464 ? 119 DC A OP1   1 
ATOM 148 O OP2   . DC A 1 8  ? -8.56870  -3.24486  7.43112   1.000 377.64145 ? 119 DC A OP2   1 
ATOM 149 O "O5'" . DC A 1 8  ? -6.27406  -2.26194  7.38817   1.000 358.85945 ? 119 DC A "O5'" 1 
ATOM 150 C "C5'" . DC A 1 8  ? -5.80950  -1.42458  6.32705   1.000 360.71681 ? 119 DC A "C5'" 1 
ATOM 151 C "C4'" . DC A 1 8  ? -6.50469  -0.07645  6.36066   1.000 367.07358 ? 119 DC A "C4'" 1 
ATOM 152 O "O4'" . DC A 1 8  ? -6.91900  0.28889   5.03003   1.000 377.73741 ? 119 DC A "O4'" 1 
ATOM 153 C "C3'" . DC A 1 8  ? -7.79104  -0.05635  7.17776   1.000 373.78989 ? 119 DC A "C3'" 1 
ATOM 154 O "O3'" . DC A 1 8  ? -7.57153  0.42607   8.53683   1.000 365.53426 ? 119 DC A "O3'" 1 
ATOM 155 C "C2'" . DC A 1 8  ? -8.76218  0.82832   6.37444   1.000 386.87545 ? 119 DC A "C2'" 1 
ATOM 156 C "C1'" . DC A 1 8  ? -7.93619  1.24462   5.16297   1.000 386.43780 ? 119 DC A "C1'" 1 
ATOM 157 N N1    . DC A 1 8  ? -8.74089  1.36165   3.89355   1.000 400.39480 ? 119 DC A N1    1 
ATOM 158 C C2    . DC A 1 8  ? -8.30028  2.21022   2.87455   1.000 402.86494 ? 119 DC A C2    1 
ATOM 159 O O2    . DC A 1 8  ? -7.23688  2.81963   3.02282   1.000 393.28224 ? 119 DC A O2    1 
ATOM 160 N N3    . DC A 1 8  ? -9.05135  2.34281   1.75483   1.000 416.00111 ? 119 DC A N3    1 
ATOM 161 C C4    . DC A 1 8  ? -10.19792 1.66853   1.63635   1.000 426.46757 ? 119 DC A C4    1 
ATOM 162 N N4    . DC A 1 8  ? -10.89716 1.81997   0.50675   1.000 439.69702 ? 119 DC A N4    1 
ATOM 163 C C5    . DC A 1 8  ? -10.67304 0.80632   2.66896   1.000 424.12053 ? 119 DC A C5    1 
ATOM 164 C C6    . DC A 1 8  ? -9.92668  0.69465   3.77402   1.000 411.05073 ? 119 DC A C6    1 
ATOM 165 P P     . DG A 1 9  ? -6.71192  1.74687   8.89745   1.000 358.76149 ? 120 DG A P     1 
ATOM 166 O OP1   . DG A 1 9  ? -5.28578  1.55222   8.57332   1.000 348.34583 ? 120 DG A OP1   1 
ATOM 167 O OP2   . DG A 1 9  ? -7.05241  2.10136   10.29021  1.000 355.49111 ? 120 DG A OP2   1 
ATOM 168 O "O5'" . DG A 1 9  ? -7.31232  2.91827   7.99203   1.000 369.34081 ? 120 DG A "O5'" 1 
ATOM 169 C "C5'" . DG A 1 9  ? -7.39892  4.25924   8.51919   1.000 369.19202 ? 120 DG A "C5'" 1 
ATOM 170 C "C4'" . DG A 1 9  ? -6.22087  5.13066   8.08127   1.000 362.57969 ? 120 DG A "C4'" 1 
ATOM 171 O "O4'" . DG A 1 9  ? -5.78690  4.75366   6.75371   1.000 364.76533 ? 120 DG A "O4'" 1 
ATOM 172 C "C3'" . DG A 1 9  ? -6.51948  6.63628   8.03748   1.000 367.58759 ? 120 DG A "C3'" 1 
ATOM 173 O "O3'" . DG A 1 9  ? -5.75212  7.31143   9.03025   1.000 357.82431 ? 120 DG A "O3'" 1 
ATOM 174 C "C2'" . DG A 1 9  ? -6.10783  7.08175   6.62921   1.000 371.51523 ? 120 DG A "C2'" 1 
ATOM 175 C "C1'" . DG A 1 9  ? -6.06672  5.79257   5.84052   1.000 373.02393 ? 120 DG A "C1'" 1 
ATOM 176 N N9    . DG A 1 9  ? -7.29646  5.45738   5.12252   1.000 386.66377 ? 120 DG A N9    1 
ATOM 177 C C8    . DG A 1 9  ? -8.13062  4.40945   5.39404   1.000 391.09797 ? 120 DG A C8    1 
ATOM 178 N N7    . DG A 1 9  ? -9.12975  4.30741   4.57989   1.000 403.98033 ? 120 DG A N7    1 
ATOM 179 C C5    . DG A 1 9  ? -8.94695  5.34158   3.68789   1.000 408.47428 ? 120 DG A C5    1 
ATOM 180 C C6    . DG A 1 9  ? -9.73082  5.71667   2.58834   1.000 422.01430 ? 120 DG A C6    1 
ATOM 181 O O6    . DG A 1 9  ? -10.75930 5.16681   2.18268   1.000 432.89452 ? 120 DG A O6    1 
ATOM 182 N N1    . DG A 1 9  ? -9.21799  6.83244   1.93595   1.000 422.63112 ? 120 DG A N1    1 
ATOM 183 C C2    . DG A 1 9  ? -8.07843  7.51439   2.31942   1.000 411.37625 ? 120 DG A C2    1 
ATOM 184 N N2    . DG A 1 9  ? -7.72591  8.56361   1.56231   1.000 414.11754 ? 120 DG A N2    1 
ATOM 185 N N3    . DG A 1 9  ? -7.31739  7.15903   3.35791   1.000 398.53503 ? 120 DG A N3    1 
ATOM 186 C C4    . DG A 1 9  ? -7.81916  6.07282   3.99926   1.000 397.90315 ? 120 DG A C4    1 
ATOM 187 P P     . DT A 1 10 ? -6.42763  8.39284   10.01605  1.000 369.09697 ? 121 DT A P     1 
ATOM 188 O OP1   . DT A 1 10 ? -5.37662  9.37830   10.33992  1.000 361.06311 ? 121 DT A OP1   1 
ATOM 189 O OP2   . DT A 1 10 ? -7.07424  7.67351   11.13456  1.000 368.27474 ? 121 DT A OP2   1 
ATOM 190 O "O5'" . DT A 1 10 ? -7.55568  9.10614   9.12921   1.000 383.86919 ? 121 DT A "O5'" 1 
ATOM 191 C "C5'" . DT A 1 10 ? -7.27878  10.34026  8.47633   1.000 387.06745 ? 121 DT A "C5'" 1 
ATOM 192 C "C4'" . DT A 1 10 ? -7.44601  10.18736  6.97626   1.000 395.08503 ? 121 DT A "C4'" 1 
ATOM 193 O "O4'" . DT A 1 10 ? -8.34617  9.10306   6.70357   1.000 401.93880 ? 121 DT A "O4'" 1 
ATOM 194 C "C3'" . DT A 1 10 ? -8.02675  11.39637  6.23388   1.000 406.28210 ? 121 DT A "C3'" 1 
ATOM 195 O "O3'" . DT A 1 10 ? -7.01399  12.01000  5.44473   1.000 402.71851 ? 121 DT A "O3'" 1 
ATOM 196 C "C2'" . DT A 1 10 ? -9.17386  10.80419  5.37127   1.000 419.25436 ? 121 DT A "C2'" 1 
ATOM 197 C "C1'" . DT A 1 10 ? -8.87101  9.31410   5.43099   1.000 413.21819 ? 121 DT A "C1'" 1 
ATOM 198 N N1    . DT A 1 10 ? -10.01793 8.33865   5.21231   1.000 422.63999 ? 121 DT A N1    1 
ATOM 199 C C2    . DT A 1 10 ? -10.87774 8.47631   4.13207   1.000 436.28268 ? 121 DT A C2    1 
ATOM 200 O O2    . DT A 1 10 ? -10.82390 9.39914   3.33873   1.000 441.78034 ? 121 DT A O2    1 
ATOM 201 N N3    . DT A 1 10 ? -11.82784 7.48274   4.03063   1.000 443.73692 ? 121 DT A N3    1 
ATOM 202 C C4    . DT A 1 10 ? -11.98484 6.38645   4.86390   1.000 438.88496 ? 121 DT A C4    1 
ATOM 203 O O4    . DT A 1 10 ? -12.86092 5.54807   4.69274   1.000 446.56573 ? 121 DT A O4    1 
ATOM 204 C C5    . DT A 1 10 ? -11.04309 6.29386   5.94914   1.000 424.50956 ? 121 DT A C5    1 
ATOM 205 C C7    . DT A 1 10 ? -11.11887 5.14862   6.91720   1.000 418.47604 ? 121 DT A C7    1 
ATOM 206 C C6    . DT A 1 10 ? -10.11477 7.25307   6.06204   1.000 417.23522 ? 121 DT A C6    1 
ATOM 207 P P     . DC A 1 11 ? -6.12623  13.19749  6.07069   1.000 406.50465 ? 122 DC A P     1 
ATOM 208 O OP1   . DC A 1 11 ? -5.35665  13.80169  4.96176   1.000 406.67268 ? 122 DC A OP1   1 
ATOM 209 O OP2   . DC A 1 11 ? -5.42218  12.66903  7.26243   1.000 393.79383 ? 122 DC A OP2   1 
ATOM 210 O "O5'" . DC A 1 11 ? -7.20910  14.26084  6.57387   1.000 416.20585 ? 122 DC A "O5'" 1 
ATOM 211 C "C5'" . DC A 1 11 ? -7.39096  15.47260  5.86380   1.000 424.41071 ? 122 DC A "C5'" 1 
ATOM 212 C "C4'" . DC A 1 11 ? -8.86456  15.78299  5.70591   1.000 438.96030 ? 122 DC A "C4'" 1 
ATOM 213 O "O4'" . DC A 1 11 ? -9.61381  14.53690  5.64483   1.000 442.42391 ? 122 DC A "O4'" 1 
ATOM 214 C "C3'" . DC A 1 11 ? -9.49480  16.56736  6.86069   1.000 441.43292 ? 122 DC A "C3'" 1 
ATOM 215 O "O3'" . DC A 1 11 ? -10.58652 17.31156  6.36632   1.000 455.77924 ? 122 DC A "O3'" 1 
ATOM 216 C "C2'" . DC A 1 11 ? -9.99966  15.44098  7.74254   1.000 438.48907 ? 122 DC A "C2'" 1 
ATOM 217 C "C1'" . DC A 1 11 ? -10.59658 14.56807  6.65636   1.000 446.40297 ? 122 DC A "C1'" 1 
ATOM 218 N N1    . DC A 1 11 ? -10.93081 13.18400  7.07389   1.000 443.69673 ? 122 DC A N1    1 
ATOM 219 C C2    . DC A 1 11 ? -11.85278 12.45017  6.31839   1.000 453.83618 ? 122 DC A C2    1 
ATOM 220 O O2    . DC A 1 11 ? -12.35664 12.97068  5.31370   1.000 464.79018 ? 122 DC A O2    1 
ATOM 221 N N3    . DC A 1 11 ? -12.15799 11.18847  6.70689   1.000 451.66522 ? 122 DC A N3    1 
ATOM 222 C C4    . DC A 1 11 ? -11.58402 10.66984  7.79856   1.000 439.96619 ? 122 DC A C4    1 
ATOM 223 N N4    . DC A 1 11 ? -11.91296 9.42544   8.14860   1.000 438.50367 ? 122 DC A N4    1 
ATOM 224 C C5    . DC A 1 11 ? -10.65012 11.40777  8.58328   1.000 429.67605 ? 122 DC A C5    1 
ATOM 225 C C6    . DC A 1 11 ? -10.36175 12.65193  8.19351   1.000 432.00304 ? 122 DC A C6    1 
ATOM 226 P P     . DA A 1 12 ? -10.56451 18.91431  6.35393   1.000 448.96038 ? 123 DA A P     1 
ATOM 227 O OP1   . DA A 1 12 ? -10.21026 19.33638  4.97739   1.000 453.70864 ? 123 DA A OP1   1 
ATOM 228 O OP2   . DA A 1 12 ? -9.75021  19.36317  7.50418   1.000 437.96757 ? 123 DA A OP2   1 
ATOM 229 O "O5'" . DA A 1 12 ? -12.09097 19.31552  6.63093   1.000 462.88174 ? 123 DA A "O5'" 1 
ATOM 230 C "C5'" . DA A 1 12 ? -13.01609 18.33947  7.12053   1.000 465.74652 ? 123 DA A "C5'" 1 
ATOM 231 C "C4'" . DA A 1 12 ? -13.63888 17.55102  5.97974   1.000 474.44642 ? 123 DA A "C4'" 1 
ATOM 232 O "O4'" . DA A 1 12 ? -13.28397 16.15508  6.12114   1.000 466.13666 ? 123 DA A "O4'" 1 
ATOM 233 C "C3'" . DA A 1 12 ? -15.15557 17.56073  5.94574   1.000 488.88083 ? 123 DA A "C3'" 1 
ATOM 234 O "O3'" . DA A 1 12 ? -15.61505 17.28053  4.62276   1.000 499.15434 ? 123 DA A "O3'" 1 
ATOM 235 C "C2'" . DA A 1 12 ? -15.49998 16.43097  6.91222   1.000 483.75399 ? 123 DA A "C2'" 1 
ATOM 236 C "C1'" . DA A 1 12 ? -14.39110 15.42143  6.62020   1.000 471.77637 ? 123 DA A "C1'" 1 
ATOM 237 N N9    . DA A 1 12 ? -13.95642 14.66777  7.79560   1.000 459.82246 ? 123 DA A N9    1 
ATOM 238 C C8    . DA A 1 12 ? -13.16831 15.12149  8.81468   1.000 449.11952 ? 123 DA A C8    1 
ATOM 239 N N7    . DA A 1 12 ? -12.92918 14.22346  9.73945   1.000 440.13317 ? 123 DA A N7    1 
ATOM 240 C C5    . DA A 1 12 ? -13.61293 13.10332  9.30248   1.000 445.22226 ? 123 DA A C5    1 
ATOM 241 C C6    . DA A 1 12 ? -13.75466 11.81104  9.84535   1.000 440.62873 ? 123 DA A C6    1 
ATOM 242 N N6    . DA A 1 12 ? -13.19346 11.43337  10.99688  1.000 429.40010 ? 123 DA A N6    1 
ATOM 243 N N1    . DA A 1 12 ? -14.50478 10.92269  9.16019   1.000 448.51191 ? 123 DA A N1    1 
ATOM 244 C C2    . DA A 1 12 ? -15.06562 11.30905  8.00983   1.000 460.21550 ? 123 DA A C2    1 
ATOM 245 N N3    . DA A 1 12 ? -15.00358 12.49488  7.39890   1.000 465.61083 ? 123 DA A N3    1 
ATOM 246 C C4    . DA A 1 12 ? -14.25557 13.35685  8.10725   1.000 457.44858 ? 123 DA A C4    1 
ATOM 247 P P     . DC B 2 1  ? 13.90500  9.22491   -6.58363  1.000 477.02640 ? 131 DC B P     1 
ATOM 248 O OP1   . DC B 2 1  ? 13.22385  10.48898  -6.93749  1.000 478.61863 ? 131 DC B OP1   1 
ATOM 249 O OP2   . DC B 2 1  ? 13.53781  8.52135   -5.33435  1.000 476.61289 ? 131 DC B OP2   1 
ATOM 250 O "O5'" . DC B 2 1  ? 13.78599  8.18308   -7.79520  1.000 472.63593 ? 131 DC B "O5'" 1 
ATOM 251 C "C5'" . DC B 2 1  ? 13.03051  8.51588   -8.95629  1.000 470.64017 ? 131 DC B "C5'" 1 
ATOM 252 C "C4'" . DC B 2 1  ? 11.97743  7.45339   -9.26713  1.000 466.15081 ? 131 DC B "C4'" 1 
ATOM 253 O "O4'" . DC B 2 1  ? 12.61810  6.18911   -9.58135  1.000 463.88573 ? 131 DC B "O4'" 1 
ATOM 254 C "C3'" . DC B 2 1  ? 10.99956  7.13949   -8.14166  1.000 465.65023 ? 131 DC B "C3'" 1 
ATOM 255 O "O3'" . DC B 2 1  ? 9.74736   6.74189   -8.69627  1.000 462.28260 ? 131 DC B "O3'" 1 
ATOM 256 C "C2'" . DC B 2 1  ? 11.68354  5.97221   -7.44720  1.000 465.03449 ? 131 DC B "C2'" 1 
ATOM 257 C "C1'" . DC B 2 1  ? 12.22027  5.20190   -8.64363  1.000 462.45884 ? 131 DC B "C1'" 1 
ATOM 258 N N1    . DC B 2 1  ? 13.41046  4.38414   -8.33822  1.000 462.97849 ? 131 DC B N1    1 
ATOM 259 C C2    . DC B 2 1  ? 13.54882  3.09952   -8.88460  1.000 459.91672 ? 131 DC B C2    1 
ATOM 260 O O2    . DC B 2 1  ? 12.65104  2.63523   -9.59800  1.000 456.70827 ? 131 DC B O2    1 
ATOM 261 N N3    . DC B 2 1  ? 14.66903  2.38701   -8.59677  1.000 460.72510 ? 131 DC B N3    1 
ATOM 262 C C4    . DC B 2 1  ? 15.61228  2.91566   -7.81868  1.000 464.29585 ? 131 DC B C4    1 
ATOM 263 N N4    . DC B 2 1  ? 16.70276  2.18496   -7.55848  1.000 465.10219 ? 131 DC B N4    1 
ATOM 264 C C5    . DC B 2 1  ? 15.48428  4.21823   -7.26775  1.000 467.38869 ? 131 DC B C5    1 
ATOM 265 C C6    . DC B 2 1  ? 14.38591  4.91096   -7.55474  1.000 466.65211 ? 131 DC B C6    1 
ATOM 266 P P     . DA B 2 2  ? 8.40889   6.80270   -7.80796  1.000 470.59425 ? 132 DA B P     1 
ATOM 267 O OP1   . DA B 2 2  ? 7.26224   6.44910   -8.67439  1.000 467.16279 ? 132 DA B OP1   1 
ATOM 268 O OP2   . DA B 2 2  ? 8.40174   8.10411   -7.10642  1.000 474.64924 ? 132 DA B OP2   1 
ATOM 269 O "O5'" . DA B 2 2  ? 8.62703   5.66217   -6.70836  1.000 470.11410 ? 132 DA B "O5'" 1 
ATOM 270 C "C5'" . DA B 2 2  ? 7.74317   4.55873   -6.64343  1.000 466.95728 ? 132 DA B "C5'" 1 
ATOM 271 C "C4'" . DA B 2 2  ? 8.10714   3.51154   -7.67748  1.000 463.61542 ? 132 DA B "C4'" 1 
ATOM 272 O "O4'" . DA B 2 2  ? 9.55091   3.36597   -7.74058  1.000 464.92310 ? 132 DA B "O4'" 1 
ATOM 273 C "C3'" . DA B 2 2  ? 7.57541   2.12352   -7.37980  1.000 460.88233 ? 132 DA B "C3'" 1 
ATOM 274 O "O3'" . DA B 2 2  ? 7.34394   1.43074   -8.59712  1.000 457.48528 ? 132 DA B "O3'" 1 
ATOM 275 C "C2'" . DA B 2 2  ? 8.72228   1.50489   -6.58516  1.000 462.25521 ? 132 DA B "C2'" 1 
ATOM 276 C "C1'" . DA B 2 2  ? 9.92323   2.06514   -7.31160  1.000 463.56346 ? 132 DA B "C1'" 1 
ATOM 277 N N9    . DA B 2 2  ? 11.16331  2.17502   -6.52823  1.000 466.50630 ? 132 DA B N9    1 
ATOM 278 C C8    . DA B 2 2  ? 11.58754  3.25937   -5.81550  1.000 470.20182 ? 132 DA B C8    1 
ATOM 279 N N7    . DA B 2 2  ? 12.77133  3.11346   -5.26549  1.000 472.33200 ? 132 DA B N7    1 
ATOM 280 C C5    . DA B 2 2  ? 13.15874  1.84166   -5.64536  1.000 469.88979 ? 132 DA B C5    1 
ATOM 281 C C6    . DA B 2 2  ? 14.32085  1.08113   -5.37881  1.000 470.56813 ? 132 DA B C6    1 
ATOM 282 N N6    . DA B 2 2  ? 15.34265  1.52191   -4.63391  1.000 473.97356 ? 132 DA B N6    1 
ATOM 283 N N1    . DA B 2 2  ? 14.39126  -0.15535  -5.91215  1.000 467.76314 ? 132 DA B N1    1 
ATOM 284 C C2    . DA B 2 2  ? 13.36714  -0.59550  -6.64983  1.000 464.48882 ? 132 DA B C2    1 
ATOM 285 N N3    . DA B 2 2  ? 12.23163  0.02473   -6.97516  1.000 463.46092 ? 132 DA B N3    1 
ATOM 286 C C4    . DA B 2 2  ? 12.18698  1.25044   -6.43372  1.000 466.31558 ? 132 DA B C4    1 
ATOM 287 P P     . DC B 2 3  ? 5.84052   1.14383   -9.08603  1.000 464.27795 ? 133 DC B P     1 
ATOM 288 O OP1   . DC B 2 3  ? 5.83779   1.13434   -10.56678 1.000 461.98167 ? 133 DC B OP1   1 
ATOM 289 O OP2   . DC B 2 3  ? 4.95651   2.08329   -8.36063  1.000 466.28030 ? 133 DC B OP2   1 
ATOM 290 O "O5'" . DC B 2 3  ? 5.54624   -0.32864  -8.53913  1.000 462.38882 ? 133 DC B "O5'" 1 
ATOM 291 C "C5'" . DC B 2 3  ? 6.63434   -1.18122  -8.18713  1.000 462.63643 ? 133 DC B "C5'" 1 
ATOM 292 C "C4'" . DC B 2 3  ? 6.54102   -1.60251  -6.73138  1.000 464.21212 ? 133 DC B "C4'" 1 
ATOM 293 O "O4'" . DC B 2 3  ? 7.82534   -1.48822  -6.10356  1.000 466.65104 ? 133 DC B "O4'" 1 
ATOM 294 C "C3'" . DC B 2 3  ? 5.62686   -0.74567  -5.86628  1.000 466.18773 ? 133 DC B "C3'" 1 
ATOM 295 O "O3'" . DC B 2 3  ? 4.29074   -1.28453  -5.84368  1.000 464.32356 ? 133 DC B "O3'" 1 
ATOM 296 C "C2'" . DC B 2 3  ? 6.29744   -0.72325  -4.47803  1.000 469.17090 ? 133 DC B "C2'" 1 
ATOM 297 C "C1'" . DC B 2 3  ? 7.61963   -1.45804  -4.71274  1.000 468.77568 ? 133 DC B "C1'" 1 
ATOM 298 N N1    . DC B 2 3  ? 8.81065   -0.82670  -4.04752  1.000 472.05910 ? 133 DC B N1    1 
ATOM 299 C C2    . DC B 2 3  ? 9.94766   -1.59916  -3.81638  1.000 472.39276 ? 133 DC B C2    1 
ATOM 300 O O2    . DC B 2 3  ? 9.94311   -2.78282  -4.16872  1.000 470.01095 ? 133 DC B O2    1 
ATOM 301 N N3    . DC B 2 3  ? 11.01955  -1.02670  -3.21163  1.000 475.48773 ? 133 DC B N3    1 
ATOM 302 C C4    . DC B 2 3  ? 10.97569  0.25710   -2.84972  1.000 478.18936 ? 133 DC B C4    1 
ATOM 303 N N4    . DC B 2 3  ? 12.05837  0.78130   -2.25823  1.000 481.34690 ? 133 DC B N4    1 
ATOM 304 C C5    . DC B 2 3  ? 9.82245   1.06019   -3.07682  1.000 477.96100 ? 133 DC B C5    1 
ATOM 305 C C6    . DC B 2 3  ? 8.76669   0.47759   -3.65296  1.000 474.87253 ? 133 DC B C6    1 
ATOM 306 P P     . DA B 2 4  ? 3.88265   -2.65320  -5.09003  1.000 442.70073 ? 134 DA B P     1 
ATOM 307 O OP1   . DA B 2 4  ? 2.93051   -3.29748  -6.01821  1.000 439.51759 ? 134 DA B OP1   1 
ATOM 308 O OP2   . DA B 2 4  ? 3.48816   -2.32950  -3.70242  1.000 445.45576 ? 134 DA B OP2   1 
ATOM 309 O "O5'" . DA B 2 4  ? 5.19532   -3.56793  -5.02266  1.000 442.45787 ? 134 DA B "O5'" 1 
ATOM 310 C "C5'" . DA B 2 4  ? 5.14000   -4.92883  -5.45268  1.000 439.86527 ? 134 DA B "C5'" 1 
ATOM 311 C "C4'" . DA B 2 4  ? 5.81585   -5.86106  -4.45245  1.000 440.93810 ? 134 DA B "C4'" 1 
ATOM 312 O "O4'" . DA B 2 4  ? 7.00057   -5.22781  -3.90248  1.000 443.62555 ? 134 DA B "O4'" 1 
ATOM 313 C "C3'" . DA B 2 4  ? 4.94734   -6.27003  -3.26109  1.000 441.91591 ? 134 DA B "C3'" 1 
ATOM 314 O "O3'" . DA B 2 4  ? 4.99347   -7.68973  -3.07294  1.000 440.68341 ? 134 DA B "O3'" 1 
ATOM 315 C "C2'" . DA B 2 4  ? 5.56000   -5.51044  -2.07788  1.000 445.39566 ? 134 DA B "C2'" 1 
ATOM 316 C "C1'" . DA B 2 4  ? 7.01642   -5.36842  -2.50019  1.000 445.88614 ? 134 DA B "C1'" 1 
ATOM 317 N N9    . DA B 2 4  ? 7.69200   -4.19557  -1.94156  1.000 448.97191 ? 134 DA B N9    1 
ATOM 318 C C8    . DA B 2 4  ? 7.22869   -2.91357  -1.92405  1.000 450.44658 ? 134 DA B C8    1 
ATOM 319 N N7    . DA B 2 4  ? 8.06052   -2.05155  -1.38694  1.000 453.40090 ? 134 DA B N7    1 
ATOM 320 C C5    . DA B 2 4  ? 9.14885   -2.82095  -1.01851  1.000 453.84754 ? 134 DA B C5    1 
ATOM 321 C C6    . DA B 2 4  ? 10.37134  -2.49821  -0.38992  1.000 456.60437 ? 134 DA B C6    1 
ATOM 322 N N6    . DA B 2 4  ? 10.69978  -1.25702  -0.00794  1.000 459.56776 ? 134 DA B N6    1 
ATOM 323 N N1    . DA B 2 4  ? 11.24158  -3.50419  -0.16804  1.000 456.36800 ? 134 DA B N1    1 
ATOM 324 C C2    . DA B 2 4  ? 10.90491  -4.74725  -0.54807  1.000 453.62224 ? 134 DA B C2    1 
ATOM 325 N N3    . DA B 2 4  ? 9.79187   -5.16947  -1.15520  1.000 450.91773 ? 134 DA B N3    1 
ATOM 326 C C4    . DA B 2 4  ? 8.94517   -4.14695  -1.36181  1.000 451.14852 ? 134 DA B C4    1 
ATOM 327 P P     . DC B 2 5  ? 3.87639   -8.64545  -3.73113  1.000 412.93914 ? 135 DC B P     1 
ATOM 328 O OP1   . DC B 2 5  ? 4.39378   -10.03119 -3.71512  1.000 411.99004 ? 135 DC B OP1   1 
ATOM 329 O OP2   . DC B 2 5  ? 3.42114   -8.05687  -5.01293  1.000 410.97526 ? 135 DC B OP2   1 
ATOM 330 O "O5'" . DC B 2 5  ? 2.64962   -8.57576  -2.71096  1.000 414.24568 ? 135 DC B "O5'" 1 
ATOM 331 C "C5'" . DC B 2 5  ? 2.86859   -8.71340  -1.31549  1.000 416.87340 ? 135 DC B "C5'" 1 
ATOM 332 C "C4'" . DC B 2 5  ? 1.54049   -8.74980  -0.56187  1.000 417.85074 ? 135 DC B "C4'" 1 
ATOM 333 O "O4'" . DC B 2 5  ? 1.01418   -7.41061  -0.42106  1.000 419.38563 ? 135 DC B "O4'" 1 
ATOM 334 C "C3'" . DC B 2 5  ? 0.44395   -9.59622  -1.21334  1.000 415.44291 ? 135 DC B "C3'" 1 
ATOM 335 O "O3'" . DC B 2 5  ? 0.03320   -10.62886 -0.33189  1.000 416.26583 ? 135 DC B "O3'" 1 
ATOM 336 C "C2'" . DC B 2 5  ? -0.71361  -8.63459  -1.50670  1.000 415.52619 ? 135 DC B "C2'" 1 
ATOM 337 C "C1'" . DC B 2 5  ? -0.15419  -7.25087  -1.19827  1.000 417.69607 ? 135 DC B "C1'" 1 
ATOM 338 N N1    . DC B 2 5  ? 0.16862   -6.39309  -2.40218  1.000 416.28687 ? 135 DC B N1    1 
ATOM 339 C C2    . DC B 2 5  ? -0.83159  -6.05814  -3.33129  1.000 414.56273 ? 135 DC B C2    1 
ATOM 340 O O2    . DC B 2 5  ? -1.97646  -6.49058  -3.17448  1.000 414.17408 ? 135 DC B O2    1 
ATOM 341 N N3    . DC B 2 5  ? -0.50979  -5.27222  -4.37240  1.000 413.52765 ? 135 DC B N3    1 
ATOM 342 C C4    . DC B 2 5  ? 0.72885   -4.81330  -4.50855  1.000 414.26693 ? 135 DC B C4    1 
ATOM 343 N N4    . DC B 2 5  ? 0.98964   -4.03836  -5.55102  1.000 413.42004 ? 135 DC B N4    1 
ATOM 344 C C5    . DC B 2 5  ? 1.75257   -5.12301  -3.57752  1.000 416.08003 ? 135 DC B C5    1 
ATOM 345 C C6    . DC B 2 5  ? 1.43040   -5.89926  -2.55176  1.000 416.97799 ? 135 DC B C6    1 
ATOM 346 P P     . DC B 2 6  ? -0.49188  -12.01971 -0.93672  1.000 432.36136 ? 136 DC B P     1 
ATOM 347 O OP1   . DC B 2 6  ? -0.84048  -12.91390 0.18372   1.000 434.04524 ? 136 DC B OP1   1 
ATOM 348 O OP2   . DC B 2 6  ? 0.51439   -12.45562 -1.93139  1.000 430.25274 ? 136 DC B OP2   1 
ATOM 349 O "O5'" . DC B 2 6  ? -1.81836  -11.61888 -1.73722  1.000 430.86481 ? 136 DC B "O5'" 1 
ATOM 350 C "C5'" . DC B 2 6  ? -3.10598  -11.82347 -1.17501  1.000 431.88725 ? 136 DC B "C5'" 1 
ATOM 351 C "C4'" . DC B 2 6  ? -4.14048  -12.00903 -2.27617  1.000 429.48008 ? 136 DC B "C4'" 1 
ATOM 352 O "O4'" . DC B 2 6  ? -4.09375  -10.88443 -3.19118  1.000 428.36383 ? 136 DC B "O4'" 1 
ATOM 353 C "C3'" . DC B 2 6  ? -3.94937  -13.25580 -3.12618  1.000 426.88900 ? 136 DC B "C3'" 1 
ATOM 354 O "O3'" . DC B 2 6  ? -5.20132  -13.83046 -3.43324  1.000 426.04482 ? 136 DC B "O3'" 1 
ATOM 355 C "C2'" . DC B 2 6  ? -3.23827  -12.74855 -4.37798  1.000 424.64284 ? 136 DC B "C2'" 1 
ATOM 356 C "C1'" . DC B 2 6  ? -3.70032  -11.30065 -4.48494  1.000 425.38388 ? 136 DC B "C1'" 1 
ATOM 357 N N1    . DC B 2 6  ? -2.62099  -10.40136 -4.94231  1.000 425.24602 ? 136 DC B N1    1 
ATOM 358 C C2    . DC B 2 6  ? -2.86530  -9.46394  -5.94811  1.000 424.02659 ? 136 DC B C2    1 
ATOM 359 O O2    . DC B 2 6  ? -3.98705  -9.38687  -6.45441  1.000 422.96821 ? 136 DC B O2    1 
ATOM 360 N N3    . DC B 2 6  ? -1.85372  -8.65933  -6.34700  1.000 424.19149 ? 136 DC B N3    1 
ATOM 361 C C4    . DC B 2 6  ? -0.65170  -8.76943  -5.78301  1.000 425.49361 ? 136 DC B C4    1 
ATOM 362 N N4    . DC B 2 6  ? 0.31642   -7.95188  -6.20666  1.000 425.85718 ? 136 DC B N4    1 
ATOM 363 C C5    . DC B 2 6  ? -0.38662  -9.72053  -4.76063  1.000 426.64649 ? 136 DC B C5    1 
ATOM 364 C C6    . DC B 2 6  ? -1.38877  -10.50735 -4.37977  1.000 426.46970 ? 136 DC B C6    1 
ATOM 365 P P     . DG B 2 7  ? -5.31185  -15.41670 -3.65733  1.000 435.66095 ? 137 DG B P     1 
ATOM 366 O OP1   . DG B 2 7  ? -6.73597  -15.80667 -3.54050  1.000 436.04655 ? 137 DG B OP1   1 
ATOM 367 O OP2   . DG B 2 7  ? -4.30832  -16.04698 -2.77185  1.000 437.14356 ? 137 DG B OP2   1 
ATOM 368 O "O5'" . DG B 2 7  ? -4.79970  -15.61781 -5.15788  1.000 432.46397 ? 137 DG B "O5'" 1 
ATOM 369 C "C5'" . DG B 2 7  ? -5.65286  -16.19903 -6.13040  1.000 430.37978 ? 137 DG B "C5'" 1 
ATOM 370 C "C4'" . DG B 2 7  ? -6.29938  -15.12366 -6.97400  1.000 429.14427 ? 137 DG B "C4'" 1 
ATOM 371 O "O4'" . DG B 2 7  ? -5.41365  -13.97702 -7.04331  1.000 429.46125 ? 137 DG B "O4'" 1 
ATOM 372 C "C3'" . DG B 2 7  ? -6.54864  -15.50326 -8.42387  1.000 426.18635 ? 137 DG B "C3'" 1 
ATOM 373 O "O3'" . DG B 2 7  ? -7.55833  -14.65285 -8.93924  1.000 425.60256 ? 137 DG B "O3'" 1 
ATOM 374 C "C2'" . DG B 2 7  ? -5.19544  -15.17678 -9.04249  1.000 425.13376 ? 137 DG B "C2'" 1 
ATOM 375 C "C1'" . DG B 2 7  ? -4.94822  -13.83522 -8.37477  1.000 426.98301 ? 137 DG B "C1'" 1 
ATOM 376 N N9    . DG B 2 7  ? -3.56172  -13.38959 -8.33648  1.000 427.44462 ? 137 DG B N9    1 
ATOM 377 C C8    . DG B 2 7  ? -2.56664  -13.83404 -7.50225  1.000 428.93389 ? 137 DG B C8    1 
ATOM 378 N N7    . DG B 2 7  ? -1.43285  -13.21244 -7.67353  1.000 429.25206 ? 137 DG B N7    1 
ATOM 379 C C5    . DG B 2 7  ? -1.70100  -12.28199 -8.67228  1.000 427.94792 ? 137 DG B C5    1 
ATOM 380 C C6    . DG B 2 7  ? -0.85725  -11.31909 -9.28321  1.000 427.84436 ? 137 DG B C6    1 
ATOM 381 O O6    . DG B 2 7  ? 0.33884   -11.08101 -9.05434  1.000 428.95567 ? 137 DG B O6    1 
ATOM 382 N N1    . DG B 2 7  ? -1.53597  -10.58089 -10.24993 1.000 426.45182 ? 137 DG B N1    1 
ATOM 383 C C2    . DG B 2 7  ? -2.85688  -10.75484 -10.58643 1.000 425.26499 ? 137 DG B C2    1 
ATOM 384 N N2    . DG B 2 7  ? -3.34564  -9.95313  -11.54131 1.000 424.06840 ? 137 DG B N2    1 
ATOM 385 N N3    . DG B 2 7  ? -3.65252  -11.64883 -10.02272 1.000 425.41464 ? 137 DG B N3    1 
ATOM 386 C C4    . DG B 2 7  ? -3.01029  -12.37475 -9.07972  1.000 426.79130 ? 137 DG B C4    1 
ATOM 387 P P     . DT B 2 8  ? -8.60679  -15.18599 -10.02973 1.000 444.95121 ? 138 DT B P     1 
ATOM 388 O OP1   . DT B 2 8  ? -9.88559  -14.46980 -9.82582  1.000 445.89401 ? 138 DT B OP1   1 
ATOM 389 O OP2   . DT B 2 8  ? -8.56648  -16.66100 -9.98938  1.000 444.58615 ? 138 DT B OP2   1 
ATOM 390 O "O5'" . DT B 2 8  ? -7.98409  -14.70426 -11.41829 1.000 442.42466 ? 138 DT B "O5'" 1 
ATOM 391 C "C5'" . DT B 2 8  ? -7.34455  -15.63339 -12.26798 1.000 440.53583 ? 138 DT B "C5'" 1 
ATOM 392 C "C4'" . DT B 2 8  ? -6.48112  -14.91205 -13.27880 1.000 439.05948 ? 138 DT B "C4'" 1 
ATOM 393 O "O4'" . DT B 2 8  ? -5.50810  -14.10319 -12.58712 1.000 440.71914 ? 138 DT B "O4'" 1 
ATOM 394 C "C3'" . DT B 2 8  ? -5.64896  -15.81265 -14.16385 1.000 437.41150 ? 138 DT B "C3'" 1 
ATOM 395 O "O3'" . DT B 2 8  ? -6.42296  -16.25988 -15.27264 1.000 435.32031 ? 138 DT B "O3'" 1 
ATOM 396 C "C2'" . DT B 2 8  ? -4.53041  -14.87467 -14.61030 1.000 437.29068 ? 138 DT B "C2'" 1 
ATOM 397 C "C1'" . DT B 2 8  ? -4.41170  -13.87973 -13.44723 1.000 439.62221 ? 138 DT B "C1'" 1 
ATOM 398 N N1    . DT B 2 8  ? -3.14319  -14.01249 -12.67131 1.000 441.24466 ? 138 DT B N1    1 
ATOM 399 C C2    . DT B 2 8  ? -2.14015  -13.09763 -12.87459 1.000 441.77013 ? 138 DT B C2    1 
ATOM 400 O O2    . DT B 2 8  ? -2.23267  -12.16958 -13.65992 1.000 441.00973 ? 138 DT B O2    1 
ATOM 401 N N3    . DT B 2 8  ? -1.01614  -13.30315 -12.12250 1.000 443.38832 ? 138 DT B N3    1 
ATOM 402 C C4    . DT B 2 8  ? -0.78998  -14.31122 -11.20555 1.000 444.46819 ? 138 DT B C4    1 
ATOM 403 O O4    . DT B 2 8  ? 0.26547   -14.40450 -10.58106 1.000 445.96197 ? 138 DT B O4    1 
ATOM 404 C C5    . DT B 2 8  ? -1.88272  -15.24180 -11.03845 1.000 443.88091 ? 138 DT B C5    1 
ATOM 405 C C7    . DT B 2 8  ? -1.75956  -16.38134 -10.06965 1.000 445.15610 ? 138 DT B C7    1 
ATOM 406 C C6    . DT B 2 8  ? -2.99512  -15.05077 -11.77187 1.000 442.34228 ? 138 DT B C6    1 
ATOM 407 O "O5'" . DC C 3 1  ? -19.52706 5.91451   14.01628  1.000 485.45302 ? 200 DC D "O5'" 1 
ATOM 408 C "C5'" . DC C 3 1  ? -20.83898 5.52017   13.62653  1.000 488.59653 ? 200 DC D "C5'" 1 
ATOM 409 C "C4'" . DC C 3 1  ? -21.57263 6.67141   12.96662  1.000 491.27292 ? 200 DC D "C4'" 1 
ATOM 410 O "O4'" . DC C 3 1  ? -21.11436 7.92724   13.52204  1.000 492.25604 ? 200 DC D "O4'" 1 
ATOM 411 C "C3'" . DC C 3 1  ? -21.36074 6.79137   11.45843  1.000 487.97928 ? 200 DC D "C3'" 1 
ATOM 412 O "O3'" . DC C 3 1  ? -22.61818 6.53646   10.74495  1.000 491.33838 ? 200 DC D "O3'" 1 
ATOM 413 C "C2'" . DC C 3 1  ? -20.79195 8.21206   11.26519  1.000 487.39746 ? 200 DC D "C2'" 1 
ATOM 414 C "C1'" . DC C 3 1  ? -21.24985 8.90600   12.53310  1.000 492.17100 ? 200 DC D "C1'" 1 
ATOM 415 N N1    . DC C 3 1  ? -20.44588 10.10905  12.90676  1.000 491.72610 ? 200 DC D N1    1 
ATOM 416 C C2    . DC C 3 1  ? -20.46279 11.24559  12.07850  1.000 491.98151 ? 200 DC D C2    1 
ATOM 417 O O2    . DC C 3 1  ? -21.14077 11.23395  11.04285  1.000 492.63325 ? 200 DC D O2    1 
ATOM 418 N N3    . DC C 3 1  ? -19.72535 12.32604  12.43443  1.000 491.84413 ? 200 DC D N3    1 
ATOM 419 C C4    . DC C 3 1  ? -19.00659 12.30300  13.55813  1.000 491.66957 ? 200 DC D C4    1 
ATOM 420 N N4    . DC C 3 1  ? -18.29774 13.39282  13.86850  1.000 491.97251 ? 200 DC D N4    1 
ATOM 421 C C5    . DC C 3 1  ? -18.98357 11.16152  14.41618  1.000 491.59194 ? 200 DC D C5    1 
ATOM 422 C C6    . DC C 3 1  ? -19.71287 10.09928  14.05673  1.000 491.54693 ? 200 DC D C6    1 
ATOM 423 P P     . DT C 3 2  ? -23.72173 7.67633   10.43767  1.000 496.06272 ? 201 DT D P     1 
ATOM 424 O OP1   . DT C 3 2  ? -24.06257 8.41561   11.67023  1.000 501.86641 ? 201 DT D OP1   1 
ATOM 425 O OP2   . DT C 3 2  ? -24.82025 7.00901   9.70495   1.000 497.66811 ? 201 DT D OP2   1 
ATOM 426 O "O5'" . DT C 3 2  ? -23.00333 8.64281   9.39080   1.000 493.22924 ? 201 DT D "O5'" 1 
ATOM 427 C "C5'" . DT C 3 2  ? -22.33363 8.07278   8.29192   1.000 487.32935 ? 201 DT D "C5'" 1 
ATOM 428 C "C4'" . DT C 3 2  ? -21.61097 9.11891   7.47190   1.000 485.14115 ? 201 DT D "C4'" 1 
ATOM 429 O "O4'" . DT C 3 2  ? -20.86018 10.01595  8.31262   1.000 484.45005 ? 201 DT D "O4'" 1 
ATOM 430 C "C3'" . DT C 3 2  ? -20.61516 8.54023   6.47413   1.000 478.65557 ? 201 DT D "C3'" 1 
ATOM 431 O "O3'" . DT C 3 2  ? -21.07368 8.79861   5.17048   1.000 480.36390 ? 201 DT D "O3'" 1 
ATOM 432 C "C2'" . DT C 3 2  ? -19.29309 9.28645   6.77343   1.000 474.41835 ? 201 DT D "C2'" 1 
ATOM 433 C "C1'" . DT C 3 2  ? -19.77241 10.49330  7.56734   1.000 479.52058 ? 201 DT D "C1'" 1 
ATOM 434 N N1    . DT C 3 2  ? -18.77339 11.05990  8.52835   1.000 477.67664 ? 201 DT D N1    1 
ATOM 435 C C2    . DT C 3 2  ? -18.25949 12.32098  8.31601   1.000 478.05002 ? 201 DT D C2    1 
ATOM 436 O O2    . DT C 3 2  ? -18.54019 13.00415  7.35102   1.000 479.57019 ? 201 DT D O2    1 
ATOM 437 N N3    . DT C 3 2  ? -17.38334 12.74981  9.27475   1.000 476.93896 ? 201 DT D N3    1 
ATOM 438 C C4    . DT C 3 2  ? -16.98430 12.06096  10.40515  1.000 475.72311 ? 201 DT D C4    1 
ATOM 439 O O4    . DT C 3 2  ? -16.18391 12.52354  11.20517  1.000 475.36215 ? 201 DT D O4    1 
ATOM 440 C C5    . DT C 3 2  ? -17.56201 10.75116  10.56798  1.000 475.35972 ? 201 DT D C5    1 
ATOM 441 C C7    . DT C 3 2  ? -17.19936 9.90684   11.75171  1.000 474.45606 ? 201 DT D C7    1 
ATOM 442 C C6    . DT C 3 2  ? -18.42454 10.32602  9.63849   1.000 476.31717 ? 201 DT D C6    1 
ATOM 443 P P     . DG C 3 3  ? -22.37287 8.06101   4.56726   1.000 467.39849 ? 202 DG D P     1 
ATOM 444 O OP1   . DG C 3 3  ? -23.56227 8.20094   5.43397   1.000 482.71041 ? 202 DG D OP1   1 
ATOM 445 O OP2   . DG C 3 3  ? -21.95843 6.70911   4.14736   1.000 463.92938 ? 202 DG D OP2   1 
ATOM 446 O "O5'" . DG C 3 3  ? -22.66536 8.91751   3.25820   1.000 469.14110 ? 202 DG D "O5'" 1 
ATOM 447 C "C5'" . DG C 3 3  ? -21.89608 10.09574  3.00816   1.000 467.60820 ? 202 DG D "C5'" 1 
ATOM 448 C "C4'" . DG C 3 3  ? -20.61715 9.75517   2.26018   1.000 462.13244 ? 202 DG D "C4'" 1 
ATOM 449 O "O4'" . DG C 3 3  ? -19.47422 9.75136   3.16702   1.000 458.39684 ? 202 DG D "O4'" 1 
ATOM 450 C "C3'" . DG C 3 3  ? -20.62494 8.37837   1.58566   1.000 460.27371 ? 202 DG D "C3'" 1 
ATOM 451 O "O3'" . DG C 3 3  ? -20.29441 8.51176   0.21947   1.000 459.31487 ? 202 DG D "O3'" 1 
ATOM 452 C "C2'" . DG C 3 3  ? -19.55388 7.59700   2.35407   1.000 455.71591 ? 202 DG D "C2'" 1 
ATOM 453 C "C1'" . DG C 3 3  ? -18.61562 8.71497   2.76119   1.000 454.14826 ? 202 DG D "C1'" 1 
ATOM 454 N N9    . DG C 3 3  ? -17.69149 8.35516   3.84513   1.000 451.33864 ? 202 DG D N9    1 
ATOM 455 C C8    . DG C 3 3  ? -17.71999 7.21205   4.61025   1.000 450.47579 ? 202 DG D C8    1 
ATOM 456 N N7    . DG C 3 3  ? -16.76151 7.14952   5.49360   1.000 448.36091 ? 202 DG D N7    1 
ATOM 457 C C5    . DG C 3 3  ? -16.03802 8.31627   5.29530   1.000 447.73415 ? 202 DG D C5    1 
ATOM 458 C C6    . DG C 3 3  ? -14.88333 8.79414   5.95848   1.000 446.14900 ? 202 DG D C6    1 
ATOM 459 O O6    . DG C 3 3  ? -14.25489 8.26085   6.88611   1.000 445.03465 ? 202 DG D O6    1 
ATOM 460 N N1    . DG C 3 3  ? -14.46521 10.01746  5.44462   1.000 446.40132 ? 202 DG D N1    1 
ATOM 461 C C2    . DG C 3 3  ? -15.09074 10.70376  4.42972   1.000 448.00504 ? 202 DG D C2    1 
ATOM 462 N N2    . DG C 3 3  ? -14.54386 11.87423  4.07111   1.000 448.25032 ? 202 DG D N2    1 
ATOM 463 N N3    . DG C 3 3  ? -16.17500 10.26687  3.79962   1.000 449.67489 ? 202 DG D N3    1 
ATOM 464 C C4    . DG C 3 3  ? -16.59442 9.07263   4.28412   1.000 449.44063 ? 202 DG D C4    1 
ATOM 465 P P     . DA C 3 4  ? -21.06894 7.65275   -0.89661  1.000 449.64576 ? 203 DA D P     1 
ATOM 466 O OP1   . DA C 3 4  ? -22.45768 8.15523   -0.98222  1.000 455.70147 ? 203 DA D OP1   1 
ATOM 467 O OP2   . DA C 3 4  ? -20.82398 6.21568   -0.63948  1.000 447.05672 ? 203 DA D OP2   1 
ATOM 468 O "O5'" . DA C 3 4  ? -20.32154 8.04925   -2.25021  1.000 447.99597 ? 203 DA D "O5'" 1 
ATOM 469 C "C5'" . DA C 3 4  ? -20.42833 9.37812   -2.74892  1.000 450.32275 ? 203 DA D "C5'" 1 
ATOM 470 C "C4'" . DA C 3 4  ? -19.11992 10.13777  -2.60131  1.000 446.70254 ? 203 DA D "C4'" 1 
ATOM 471 O "O4'" . DA C 3 4  ? -18.48333 9.81576   -1.33640  1.000 443.61693 ? 203 DA D "O4'" 1 
ATOM 472 C "C3'" . DA C 3 4  ? -18.07241 9.84516   -3.65958  1.000 443.67299 ? 203 DA D "C3'" 1 
ATOM 473 O "O3'" . DA C 3 4  ? -17.31466 11.02118  -3.84491  1.000 443.12762 ? 203 DA D "O3'" 1 
ATOM 474 C "C2'" . DA C 3 4  ? -17.24902 8.73927   -2.99481  1.000 439.40325 ? 203 DA D "C2'" 1 
ATOM 475 C "C1'" . DA C 3 4  ? -17.19589 9.27581   -1.57943  1.000 439.17638 ? 203 DA D "C1'" 1 
ATOM 476 N N9    . DA C 3 4  ? -16.92676 8.28684   -0.54100  1.000 436.89938 ? 203 DA D N9    1 
ATOM 477 C C8    . DA C 3 4  ? -17.60503 7.12431   -0.30832  1.000 437.43642 ? 203 DA D C8    1 
ATOM 478 N N7    . DA C 3 4  ? -17.16128 6.45237   0.72940   1.000 435.33977 ? 203 DA D N7    1 
ATOM 479 C C5    . DA C 3 4  ? -16.13121 7.23824   1.22137   1.000 433.45643 ? 203 DA D C5    1 
ATOM 480 C C6    . DA C 3 4  ? -15.25879 7.08773   2.32143   1.000 431.36368 ? 203 DA D C6    1 
ATOM 481 N N6    . DA C 3 4  ? -15.29247 6.03712   3.14666   1.000 430.60658 ? 203 DA D N6    1 
ATOM 482 N N1    . DA C 3 4  ? -14.33685 8.05759   2.53114   1.000 430.47391 ? 203 DA D N1    1 
ATOM 483 C C2    . DA C 3 4  ? -14.31659 9.11142   1.70064   1.000 431.48963 ? 203 DA D C2    1 
ATOM 484 N N3    . DA C 3 4  ? -15.08495 9.35943   0.63861   1.000 433.40591 ? 203 DA D N3    1 
ATOM 485 C C4    . DA C 3 4  ? -15.98226 8.37763   0.45625   1.000 434.37984 ? 203 DA D C4    1 
ATOM 486 P P     . DC C 3 5  ? -16.28986 11.16449  -5.06693  1.000 423.06844 ? 204 DC D P     1 
ATOM 487 O OP1   . DC C 3 5  ? -16.54719 12.44457  -5.75940  1.000 426.27715 ? 204 DC D OP1   1 
ATOM 488 O OP2   . DC C 3 5  ? -16.29791 9.89736   -5.81865  1.000 422.18159 ? 204 DC D OP2   1 
ATOM 489 O "O5'" . DC C 3 5  ? -14.87469 11.26664  -4.35035  1.000 419.04137 ? 204 DC D "O5'" 1 
ATOM 490 C "C5'" . DC C 3 5  ? -13.77039 10.63011  -4.92786  1.000 416.26803 ? 204 DC D "C5'" 1 
ATOM 491 C "C4'" . DC C 3 5  ? -12.48162 11.23149  -4.43069  1.000 414.17722 ? 204 DC D "C4'" 1 
ATOM 492 O "O4'" . DC C 3 5  ? -12.36399 10.98957  -3.00205  1.000 412.68082 ? 204 DC D "O4'" 1 
ATOM 493 C "C3'" . DC C 3 5  ? -11.25045 10.60300  -5.04728  1.000 411.91557 ? 204 DC D "C3'" 1 
ATOM 494 O "O3'" . DC C 3 5  ? -10.18357 11.51744  -5.04998  1.000 411.66683 ? 204 DC D "O3'" 1 
ATOM 495 C "C2'" . DC C 3 5  ? -10.98529 9.44711   -4.10077  1.000 409.38282 ? 204 DC D "C2'" 1 
ATOM 496 C "C1'" . DC C 3 5  ? -11.29581 10.09622  -2.76378  1.000 409.74323 ? 204 DC D "C1'" 1 
ATOM 497 N N1    . DC C 3 5  ? -11.70120 9.11969   -1.73005  1.000 408.71668 ? 204 DC D N1    1 
ATOM 498 C C2    . DC C 3 5  ? -10.96291 9.02538   -0.54425  1.000 407.25025 ? 204 DC D C2    1 
ATOM 499 O O2    . DC C 3 5  ? -9.99611  9.77872   -0.37370  1.000 406.94545 ? 204 DC D O2    1 
ATOM 500 N N3    . DC C 3 5  ? -11.33878 8.12137   0.38671   1.000 406.65774 ? 204 DC D N3    1 
ATOM 501 C C4    . DC C 3 5  ? -12.38395 7.32713   0.15576   1.000 407.40142 ? 204 DC D C4    1 
ATOM 502 N N4    . DC C 3 5  ? -12.71772 6.45438   1.10060   1.000 407.06998 ? 204 DC D N4    1 
ATOM 503 C C5    . DC C 3 5  ? -13.14544 7.40621   -1.04573  1.000 409.01468 ? 204 DC D C5    1 
ATOM 504 C C6    . DC C 3 5  ? -12.76937 8.30507   -1.95460  1.000 409.62539 ? 204 DC D C6    1 
ATOM 505 P P     . DG C 3 6  ? -8.74812  11.04255  -5.58443  1.000 405.48235 ? 205 DG D P     1 
ATOM 506 O OP1   . DG C 3 6  ? -8.02347  12.24028  -6.04851  1.000 406.90607 ? 205 DG D OP1   1 
ATOM 507 O OP2   . DG C 3 6  ? -8.98128  9.92255   -6.52108  1.000 405.31096 ? 205 DG D OP2   1 
ATOM 508 O "O5'" . DG C 3 6  ? -8.02759  10.44738  -4.28560  1.000 403.11704 ? 205 DG D "O5'" 1 
ATOM 509 C "C5'" . DG C 3 6  ? -7.40417  11.31559  -3.35448  1.000 403.20840 ? 205 DG D "C5'" 1 
ATOM 510 C "C4'" . DG C 3 6  ? -6.19463  10.65160  -2.70600  1.000 401.61798 ? 205 DG D "C4'" 1 
ATOM 511 O "O4'" . DG C 3 6  ? -6.60513  9.47612   -1.96175  1.000 400.06774 ? 205 DG D "O4'" 1 
ATOM 512 C "C3'" . DG C 3 6  ? -5.11736  10.16142  -3.65686  1.000 401.46028 ? 205 DG D "C3'" 1 
ATOM 513 O "O3'" . DG C 3 6  ? -3.87298  10.21806  -2.98320  1.000 401.40620 ? 205 DG D "O3'" 1 
ATOM 514 C "C2'" . DG C 3 6  ? -5.55394  8.71870   -3.92626  1.000 400.08193 ? 205 DG D "C2'" 1 
ATOM 515 C "C1'" . DG C 3 6  ? -6.07298  8.30337   -2.55855  1.000 398.95592 ? 205 DG D "C1'" 1 
ATOM 516 N N9    . DG C 3 6  ? -7.14411  7.30626   -2.57389  1.000 398.28918 ? 205 DG D N9    1 
ATOM 517 C C8    . DG C 3 6  ? -8.10862  7.11787   -3.53401  1.000 399.13597 ? 205 DG D C8    1 
ATOM 518 N N7    . DG C 3 6  ? -8.95901  6.16893   -3.23362  1.000 398.72138 ? 205 DG D N7    1 
ATOM 519 C C5    . DG C 3 6  ? -8.53903  5.71646   -1.98873  1.000 397.39989 ? 205 DG D C5    1 
ATOM 520 C C6    . DG C 3 6  ? -9.06508  4.69851   -1.15459  1.000 396.70980 ? 205 DG D C6    1 
ATOM 521 O O6    . DG C 3 6  ? -10.04438 3.96971   -1.35840  1.000 397.13538 ? 205 DG D O6    1 
ATOM 522 N N1    . DG C 3 6  ? -8.33382  4.56597   0.02325   1.000 395.88513 ? 205 DG D N1    1 
ATOM 523 C C2    . DG C 3 6  ? -7.22561  5.31487   0.34797   1.000 395.91002 ? 205 DG D C2    1 
ATOM 524 N N2    . DG C 3 6  ? -6.64363  5.05100   1.52750   1.000 395.64944 ? 205 DG D N2    1 
ATOM 525 N N3    . DG C 3 6  ? -6.73217  6.27462   -0.41967  1.000 396.59987 ? 205 DG D N3    1 
ATOM 526 C C4    . DG C 3 6  ? -7.43205  6.41528   -1.56903  1.000 397.21368 ? 205 DG D C4    1 
ATOM 527 P P     . DT C 3 7  ? -2.48402  9.97883   -3.75716  1.000 396.80034 ? 206 DT D P     1 
ATOM 528 O OP1   . DT C 3 7  ? -1.63383  11.16038  -3.50171  1.000 398.63933 ? 206 DT D OP1   1 
ATOM 529 O OP2   . DT C 3 7  ? -2.74197  9.58622   -5.15459  1.000 397.20613 ? 206 DT D OP2   1 
ATOM 530 O "O5'" . DT C 3 7  ? -1.85161  8.74561   -2.96869  1.000 395.60974 ? 206 DT D "O5'" 1 
ATOM 531 C "C5'" . DT C 3 7  ? -1.42954  8.93127   -1.62938  1.000 395.70347 ? 206 DT D "C5'" 1 
ATOM 532 C "C4'" . DT C 3 7  ? -1.19497  7.60769   -0.93328  1.000 394.57319 ? 206 DT D "C4'" 1 
ATOM 533 O "O4'" . DT C 3 7  ? -2.42476  6.83502   -0.92914  1.000 392.78841 ? 206 DT D "O4'" 1 
ATOM 534 C "C3'" . DT C 3 7  ? -0.13657  6.70883   -1.57599  1.000 395.20180 ? 206 DT D "C3'" 1 
ATOM 535 O "O3'" . DT C 3 7  ? 0.61790   6.06299   -0.55249  1.000 395.62820 ? 206 DT D "O3'" 1 
ATOM 536 C "C2'" . DT C 3 7  ? -0.98788  5.70804   -2.34569  1.000 393.65616 ? 206 DT D "C2'" 1 
ATOM 537 C "C1'" . DT C 3 7  ? -2.12660  5.53638   -1.36277  1.000 392.10976 ? 206 DT D "C1'" 1 
ATOM 538 N N1    . DT C 3 7  ? -3.35090  4.90052   -1.93769  1.000 390.96098 ? 206 DT D N1    1 
ATOM 539 C C2    . DT C 3 7  ? -4.14754  4.15304   -1.11211  1.000 389.85601 ? 206 DT D C2    1 
ATOM 540 O O2    . DT C 3 7  ? -3.91559  3.99632   0.07067   1.000 389.70700 ? 206 DT D O2    1 
ATOM 541 N N3    . DT C 3 7  ? -5.23444  3.59202   -1.71686  1.000 389.39364 ? 206 DT D N3    1 
ATOM 542 C C4    . DT C 3 7  ? -5.60140  3.69565   -3.04472  1.000 390.01695 ? 206 DT D C4    1 
ATOM 543 O O4    . DT C 3 7  ? -6.60232  3.14908   -3.49205  1.000 390.05389 ? 206 DT D O4    1 
ATOM 544 C C5    . DT C 3 7  ? -4.72266  4.49120   -3.86537  1.000 391.12748 ? 206 DT D C5    1 
ATOM 545 C C7    . DT C 3 7  ? -5.01864  4.67454   -5.32647  1.000 392.35012 ? 206 DT D C7    1 
ATOM 546 C C6    . DT C 3 7  ? -3.64679  5.05001   -3.27850  1.000 391.51419 ? 206 DT D C6    1 
ATOM 547 P P     . DG C 3 8  ? 2.20722   5.90068   -0.68846  1.000 385.91654 ? 207 DG D P     1 
ATOM 548 O OP1   . DG C 3 8  ? 2.73596   5.38298   0.59825   1.000 386.65605 ? 207 DG D OP1   1 
ATOM 549 O OP2   . DG C 3 8  ? 2.71103   7.19865   -1.19506  1.000 387.90945 ? 207 DG D OP2   1 
ATOM 550 O "O5'" . DG C 3 8  ? 2.37762   4.80050   -1.84684  1.000 385.74258 ? 207 DG D "O5'" 1 
ATOM 551 C "C5'" . DG C 3 8  ? 2.76893   3.45486   -1.53493  1.000 385.74268 ? 207 DG D "C5'" 1 
ATOM 552 C "C4'" . DG C 3 8  ? 1.70507   2.75024   -0.70785  1.000 383.21987 ? 207 DG D "C4'" 1 
ATOM 553 O "O4'" . DG C 3 8  ? 0.39735   3.07224   -1.21890  1.000 381.26593 ? 207 DG D "O4'" 1 
ATOM 554 C "C3'" . DG C 3 8  ? 1.75949   1.23991   -0.73284  1.000 382.76833 ? 207 DG D "C3'" 1 
ATOM 555 O "O3'" . DG C 3 8  ? 2.70461   0.78336   0.23098   1.000 384.47895 ? 207 DG D "O3'" 1 
ATOM 556 C "C2'" . DG C 3 8  ? 0.32590   0.85980   -0.34854  1.000 380.18675 ? 207 DG D "C2'" 1 
ATOM 557 C "C1'" . DG C 3 8  ? -0.50038  2.01991   -0.90184  1.000 379.48732 ? 207 DG D "C1'" 1 
ATOM 558 N N9    . DG C 3 8  ? -1.28698  1.69904   -2.10030  1.000 378.73414 ? 207 DG D N9    1 
ATOM 559 C C8    . DG C 3 8  ? -1.08638  2.18388   -3.36709  1.000 379.74361 ? 207 DG D C8    1 
ATOM 560 N N7    . DG C 3 8  ? -1.95177  1.74325   -4.23777  1.000 379.24212 ? 207 DG D N7    1 
ATOM 561 C C5    . DG C 3 8  ? -2.78712  0.91407   -3.50407  1.000 377.76398 ? 207 DG D C5    1 
ATOM 562 C C6    . DG C 3 8  ? -3.91271  0.15534   -3.91324  1.000 377.11929 ? 207 DG D C6    1 
ATOM 563 O O6    . DG C 3 8  ? -4.40758  0.06835   -5.04850  1.000 377.79516 ? 207 DG D O6    1 
ATOM 564 N N1    . DG C 3 8  ? -4.47638  -0.54958  -2.85567  1.000 376.04544 ? 207 DG D N1    1 
ATOM 565 C C2    . DG C 3 8  ? -4.01394  -0.52688  -1.55880  1.000 375.68444 ? 207 DG D C2    1 
ATOM 566 N N2    . DG C 3 8  ? -4.68976  -1.27849  -0.67965  1.000 375.01064 ? 207 DG D N2    1 
ATOM 567 N N3    . DG C 3 8  ? -2.95883  0.18013   -1.15675  1.000 376.39976 ? 207 DG D N3    1 
ATOM 568 C C4    . DG C 3 8  ? -2.39545  0.87398   -2.17541  1.000 377.38712 ? 207 DG D C4    1 
ATOM 569 P P     . DT C 3 9  ? 4.08258   0.10679   -0.24408  1.000 372.88615 ? 208 DT D P     1 
ATOM 570 O OP1   . DT C 3 9  ? 5.20484   0.82943   0.40862   1.000 375.94874 ? 208 DT D OP1   1 
ATOM 571 O OP2   . DT C 3 9  ? 4.00850   -0.05278  -1.71543  1.000 372.89162 ? 208 DT D OP2   1 
ATOM 572 O "O5'" . DT C 3 9  ? 4.03070   -1.37345  0.36229   1.000 372.59499 ? 208 DT D "O5'" 1 
ATOM 573 C "C5'" . DT C 3 9  ? 3.24299   -2.37637  -0.26447  1.000 370.70556 ? 208 DT D "C5'" 1 
ATOM 574 C "C4'" . DT C 3 9  ? 2.12593   -2.83782  0.65187   1.000 368.32415 ? 208 DT D "C4'" 1 
ATOM 575 O "O4'" . DT C 3 9  ? 0.95384   -1.99566  0.46959   1.000 366.12077 ? 208 DT D "O4'" 1 
ATOM 576 C "C3'" . DT C 3 9  ? 1.65882   -4.26064  0.41079   1.000 367.51566 ? 208 DT D "C3'" 1 
ATOM 577 O "O3'" . DT C 3 9  ? 2.40206   -5.19496  1.22736   1.000 369.27673 ? 208 DT D "O3'" 1 
ATOM 578 C "C2'" . DT C 3 9  ? 0.18483   -4.19821  0.78741   1.000 364.93646 ? 208 DT D "C2'" 1 
ATOM 579 C "C1'" . DT C 3 9  ? -0.20327  -2.79304  0.31890   1.000 364.24934 ? 208 DT D "C1'" 1 
ATOM 580 N N1    . DT C 3 9  ? -0.62832  -2.71855  -1.12129  1.000 363.82436 ? 208 DT D N1    1 
ATOM 581 C C2    . DT C 3 9  ? -1.74715  -3.39583  -1.54513  1.000 362.60001 ? 208 DT D C2    1 
ATOM 582 O O2    . DT C 3 9  ? -2.43483  -4.07623  -0.81238  1.000 361.75233 ? 208 DT D O2    1 
ATOM 583 N N3    . DT C 3 9  ? -2.02519  -3.25074  -2.87844  1.000 362.88089 ? 208 DT D N3    1 
ATOM 584 C C4    . DT C 3 9  ? -1.31304  -2.50129  -3.79984  1.000 364.19582 ? 208 DT D C4    1 
ATOM 585 O O4    . DT C 3 9  ? -1.62874  -2.43417  -4.96832  1.000 364.75008 ? 208 DT D O4    1 
ATOM 586 C C5    . DT C 3 9  ? -0.16133  -1.81622  -3.28806  1.000 365.37671 ? 208 DT D C5    1 
ATOM 587 C C7    . DT C 3 9  ? 0.68812   -0.97319  -4.19541  1.000 367.31067 ? 208 DT D C7    1 
ATOM 588 C C6    . DT C 3 9  ? 0.11821   -1.95496  -1.99315  1.000 365.16910 ? 208 DT D C6    1 
ATOM 589 P P     . DG C 3 10 ? 2.57638   -5.00097  2.82732   1.000 412.05819 ? 209 DG D P     1 
ATOM 590 O OP1   . DG C 3 10 ? 1.33934   -5.52791  3.44616   1.000 409.92337 ? 209 DG D OP1   1 
ATOM 591 O OP2   . DG C 3 10 ? 3.07631   -3.66473  3.23102   1.000 413.16195 ? 209 DG D OP2   1 
ATOM 592 O "O5'" . DG C 3 10 ? 3.81169   -5.95662  3.15760   1.000 415.34760 ? 209 DG D "O5'" 1 
ATOM 593 C "C5'" . DG C 3 10 ? 4.05756   -7.09501  2.36206   1.000 416.04668 ? 209 DG D "C5'" 1 
ATOM 594 C "C4'" . DG C 3 10 ? 5.54110   -7.26771  2.11315   1.000 420.11806 ? 209 DG D "C4'" 1 
ATOM 595 O "O4'" . DG C 3 10 ? 6.04306   -6.19342  1.28081   1.000 420.96185 ? 209 DG D "O4'" 1 
ATOM 596 C "C3'" . DG C 3 10 ? 6.39800   -7.17933  3.34248   1.000 423.20222 ? 209 DG D "C3'" 1 
ATOM 597 O "O3'" . DG C 3 10 ? 6.33013   -8.40152  4.06842   1.000 424.00679 ? 209 DG D "O3'" 1 
ATOM 598 C "C2'" . DG C 3 10 ? 7.77516   -6.94327  2.72054   1.000 427.35136 ? 209 DG D "C2'" 1 
ATOM 599 C "C1'" . DG C 3 10 ? 7.44011   -6.02621  1.53760   1.000 425.41940 ? 209 DG D "C1'" 1 
ATOM 600 N N9    . DG C 3 10 ? 7.71538   -4.60153  1.78801   1.000 425.97513 ? 209 DG D N9    1 
ATOM 601 C C8    . DG C 3 10 ? 6.89188   -3.55309  1.48560   1.000 422.95468 ? 209 DG D C8    1 
ATOM 602 N N7    . DG C 3 10 ? 7.37994   -2.39518  1.81976   1.000 424.50709 ? 209 DG D N7    1 
ATOM 603 C C5    . DG C 3 10 ? 8.61110   -2.68230  2.38610   1.000 428.99243 ? 209 DG D C5    1 
ATOM 604 C C6    . DG C 3 10 ? 9.58535   -1.80970  2.92558   1.000 432.81006 ? 209 DG D C6    1 
ATOM 605 O O6    . DG C 3 10 ? 9.52621   -0.57854  3.00772   1.000 432.64324 ? 209 DG D O6    1 
ATOM 606 N N1    . DG C 3 10 ? 10.70328  -2.49258  3.40081   1.000 437.57609 ? 209 DG D N1    1 
ATOM 607 C C2    . DG C 3 10 ? 10.86142  -3.86210  3.35355   1.000 438.43501 ? 209 DG D C2    1 
ATOM 608 N N2    . DG C 3 10 ? 12.00770  -4.35270  3.85964   1.000 443.83551 ? 209 DG D N2    1 
ATOM 609 N N3    . DG C 3 10 ? 9.94672   -4.69455  2.84552   1.000 434.65060 ? 209 DG D N3    1 
ATOM 610 C C4    . DG C 3 10 ? 8.85225   -4.03912  2.37465   1.000 430.08562 ? 209 DG D C4    1 
ATOM 611 P P     . DC C 3 11 ? 5.53428   -8.44965  5.46678   1.000 426.82607 ? 210 DC D P     1 
ATOM 612 O OP1   . DC C 3 11 ? 4.35076   -9.32154  5.32731   1.000 423.82096 ? 210 DC D OP1   1 
ATOM 613 O OP2   . DC C 3 11 ? 5.34781   -7.04485  5.88355   1.000 426.00509 ? 210 DC D OP2   1 
ATOM 614 O "O5'" . DC C 3 11 ? 6.56285   -9.13769  6.47488   1.000 431.35310 ? 210 DC D "O5'" 1 
ATOM 615 C "C5'" . DC C 3 11 ? 7.32048   -8.33329  7.35125   1.000 434.40093 ? 210 DC D "C5'" 1 
ATOM 616 C "C4'" . DC C 3 11 ? 8.80356   -8.50747  7.10924   1.000 439.56366 ? 210 DC D "C4'" 1 
ATOM 617 O "O4'" . DC C 3 11 ? 9.20898   -7.71847  5.96784   1.000 439.47741 ? 210 DC D "O4'" 1 
ATOM 618 C "C3'" . DC C 3 11 ? 9.67328   -8.09747  8.28673   1.000 444.20224 ? 210 DC D "C3'" 1 
ATOM 619 O "O3'" . DC C 3 11 ? 10.39271  -9.22340  8.74601   1.000 448.44372 ? 210 DC D "O3'" 1 
ATOM 620 C "C2'" . DC C 3 11 ? 10.61706  -7.01298  7.74991   1.000 446.83279 ? 210 DC D "C2'" 1 
ATOM 621 C "C1'" . DC C 3 11 ? 10.10423  -6.69853  6.34524   1.000 442.92809 ? 210 DC D "C1'" 1 
ATOM 622 N N1    . DC C 3 11 ? 9.40463   -5.35382  6.15604   1.000 439.45389 ? 210 DC D N1    1 
ATOM 623 C C2    . DC C 3 11 ? 10.00897  -4.14113  6.55467   1.000 441.94036 ? 210 DC D C2    1 
ATOM 624 O O2    . DC C 3 11 ? 11.11256  -4.15934  7.11080   1.000 447.15874 ? 210 DC D O2    1 
ATOM 625 N N3    . DC C 3 11 ? 9.34223   -2.97257  6.32839   1.000 438.89286 ? 210 DC D N3    1 
ATOM 626 C C4    . DC C 3 11 ? 8.15197   -2.98255  5.72346   1.000 433.90002 ? 210 DC D C4    1 
ATOM 627 N N4    . DC C 3 11 ? 7.53145   -1.81106  5.52119   1.000 431.51670 ? 210 DC D N4    1 
ATOM 628 C C5    . DC C 3 11 ? 7.53979   -4.19431  5.30493   1.000 431.56959 ? 210 DC D C5    1 
ATOM 629 C C6    . DC C 3 11 ? 8.19416   -5.33347  5.53452   1.000 434.33591 ? 210 DC D C6    1 
ATOM 630 P P     . DT C 3 12 ? 10.08084  -9.87788  10.19579  1.000 445.85299 ? 211 DT D P     1 
ATOM 631 O OP1   . DT C 3 12 ? 11.28653  -10.62903 10.62527  1.000 452.29689 ? 211 DT D OP1   1 
ATOM 632 O OP2   . DT C 3 12 ? 8.77183   -10.57873 10.11875  1.000 440.98287 ? 211 DT D OP2   1 
ATOM 633 O "O5'" . DT C 3 12 ? 9.92750   -8.62341  11.16812  1.000 446.13876 ? 211 DT D "O5'" 1 
ATOM 634 C "C5'" . DT C 3 12 ? 10.82568  -8.42818  12.27529  1.000 451.93476 ? 211 DT D "C5'" 1 
ATOM 635 C "C4'" . DT C 3 12 ? 11.75320  -7.26530  12.00934  1.000 454.92449 ? 211 DT D "C4'" 1 
ATOM 636 O "O4'" . DT C 3 12 ? 11.35925  -6.57918  10.80331  1.000 450.58832 ? 211 DT D "O4'" 1 
ATOM 637 C "C3'" . DT C 3 12 ? 11.74574  -6.19122  13.08892  1.000 456.68499 ? 211 DT D "C3'" 1 
ATOM 638 O "O3'" . DT C 3 12 ? 12.71234  -6.52798  14.09513  1.000 463.57188 ? 211 DT D "O3'" 1 
ATOM 639 C "C2'" . DT C 3 12 ? 12.15223  -4.94180  12.32912  1.000 456.53537 ? 211 DT D "C2'" 1 
ATOM 640 C "C1'" . DT C 3 12 ? 11.73628  -5.20909  10.88355  1.000 451.92443 ? 211 DT D "C1'" 1 
ATOM 641 N N1    . DT C 3 12 ? 10.59996  -4.39961  10.40021  1.000 445.92754 ? 211 DT D N1    1 
ATOM 642 C C2    . DT C 3 12 ? 10.79168  -3.05412  10.17795  1.000 446.13021 ? 211 DT D C2    1 
ATOM 643 O O2    . DT C 3 12 ? 11.85621  -2.49047  10.37010  1.000 451.03194 ? 211 DT D O2    1 
ATOM 644 N N3    . DT C 3 12 ? 9.68283   -2.38907  9.71616   1.000 440.79013 ? 211 DT D N3    1 
ATOM 645 C C4    . DT C 3 12 ? 8.43438   -2.92296  9.46013   1.000 435.68243 ? 211 DT D C4    1 
ATOM 646 O O4    . DT C 3 12 ? 7.53091   -2.19954  9.05142   1.000 431.84783 ? 211 DT D O4    1 
ATOM 647 C C5    . DT C 3 12 ? 8.30681   -4.33906  9.71283   1.000 435.79840 ? 211 DT D C5    1 
ATOM 648 C C7    . DT C 3 12 ? 6.99085   -5.00523  9.46519   1.000 430.96900 ? 211 DT D C7    1 
ATOM 649 C C6    . DT C 3 12 ? 9.38142   -4.99622  10.16750  1.000 440.73683 ? 211 DT D C6    1 
ATOM 650 P P     . DC C 3 13 ? 12.49017  -6.13602  15.65676  1.000 476.57693 ? 212 DC D P     1 
ATOM 651 O OP1   . DC C 3 13 ? 13.58832  -6.78287  16.41092  1.000 484.17650 ? 212 DC D OP1   1 
ATOM 652 O OP2   . DC C 3 13 ? 11.07899  -6.43092  15.99345  1.000 471.11895 ? 212 DC D OP2   1 
ATOM 653 O "O5'" . DC C 3 13 ? 12.68463  -4.54676  15.66677  1.000 477.06636 ? 212 DC D "O5'" 1 
ATOM 654 C "C5'" . DC C 3 13 ? 13.89520  -3.97624  15.16713  1.000 481.58326 ? 212 DC D "C5'" 1 
ATOM 655 C "C4'" . DC C 3 13 ? 13.78481  -2.46411  15.05179  1.000 480.53628 ? 212 DC D "C4'" 1 
ATOM 656 O "O4'" . DC C 3 13 ? 12.78140  -2.10483  14.05811  1.000 473.21772 ? 212 DC D "O4'" 1 
ATOM 657 C "C3'" . DC C 3 13 ? 13.37086  -1.75535  16.33380  1.000 481.85014 ? 212 DC D "C3'" 1 
ATOM 658 O "O3'" . DC C 3 13 ? 14.10912  -0.54924  16.47325  1.000 485.96119 ? 212 DC D "O3'" 1 
ATOM 659 C "C2'" . DC C 3 13 ? 11.88719  -1.48227  16.10199  1.000 474.25143 ? 212 DC D "C2'" 1 
ATOM 660 C "C1'" . DC C 3 13 ? 11.86845  -1.18280  14.62129  1.000 470.37903 ? 212 DC D "C1'" 1 
ATOM 661 N N1    . DC C 3 13 ? 10.53157  -1.39018  13.96925  1.000 463.01497 ? 212 DC D N1    1 
ATOM 662 C C2    . DC C 3 13 ? 9.75188   -0.29348  13.55692  1.000 459.01910 ? 212 DC D C2    1 
ATOM 663 O O2    . DC C 3 13 ? 10.15746  0.86030   13.75423  1.000 461.33200 ? 212 DC D O2    1 
ATOM 664 N N3    . DC C 3 13 ? 8.55698   -0.53021  12.95371  1.000 453.09023 ? 212 DC D N3    1 
ATOM 665 C C4    . DC C 3 13 ? 8.14526   -1.78507  12.76037  1.000 451.05377 ? 212 DC D C4    1 
ATOM 666 N N4    . DC C 3 13 ? 6.96711   -1.97814  12.16114  1.000 445.75595 ? 212 DC D N4    1 
ATOM 667 C C5    . DC C 3 13 ? 8.92249   -2.90143  13.16904  1.000 454.79498 ? 212 DC D C5    1 
ATOM 668 C C6    . DC C 3 13 ? 10.09117  -2.66063  13.76195  1.000 460.70789 ? 212 DC D C6    1 
ATOM 669 O "O5'" . DG D 4 1  ? -2.22223  1.48177   9.61661   1.000 461.12674 ? 103 DG X "O5'" 1 
ATOM 670 C "C5'" . DG D 4 1  ? -1.02434  2.18015   9.85965   1.000 468.25524 ? 103 DG X "C5'" 1 
ATOM 671 C "C4'" . DG D 4 1  ? -1.32945  3.54341   10.41251  1.000 481.62834 ? 103 DG X "C4'" 1 
ATOM 672 O "O4'" . DG D 4 1  ? -1.56699  3.41362   11.83208  1.000 485.31133 ? 103 DG X "O4'" 1 
ATOM 673 C "C3'" . DG D 4 1  ? -0.19567  4.55037   10.28703  1.000 490.90005 ? 103 DG X "C3'" 1 
ATOM 674 O "O3'" . DG D 4 1  ? -0.35128  5.30453   9.11878   1.000 493.51004 ? 103 DG X "O3'" 1 
ATOM 675 C "C2'" . DG D 4 1  ? -0.41154  5.40449   11.51636  1.000 503.19604 ? 103 DG X "C2'" 1 
ATOM 676 C "C1'" . DG D 4 1  ? -0.74000  4.32658   12.52114  1.000 496.62784 ? 103 DG X "C1'" 1 
ATOM 677 N N9    . DG D 4 1  ? 0.44124   3.61398   13.00364  1.000 492.71319 ? 103 DG X N9    1 
ATOM 678 C C8    . DG D 4 1  ? 0.65721   2.25754   12.96885  1.000 480.64397 ? 103 DG X C8    1 
ATOM 679 N N7    . DG D 4 1  ? 1.80014   1.89980   13.48151  1.000 480.40844 ? 103 DG X N7    1 
ATOM 680 C C5    . DG D 4 1  ? 2.38842   3.09317   13.87638  1.000 493.06980 ? 103 DG X C5    1 
ATOM 681 C C6    . DG D 4 1  ? 3.63870   3.32614   14.49479  1.000 499.01860 ? 103 DG X C6    1 
ATOM 682 O O6    . DG D 4 1  ? 4.49149   2.49760   14.82682  1.000 493.86692 ? 103 DG X O6    1 
ATOM 683 N N1    . DG D 4 1  ? 3.85781   4.67539   14.73975  1.000 512.97940 ? 103 DG X N1    1 
ATOM 684 C C2    . DG D 4 1  ? 2.98489   5.68226   14.42366  1.000 520.45379 ? 103 DG X C2    1 
ATOM 685 N N2    . DG D 4 1  ? 3.38590   6.92914   14.73560  1.000 534.82699 ? 103 DG X N2    1 
ATOM 686 N N3    . DG D 4 1  ? 1.80090   5.48309   13.83650  1.000 514.83003 ? 103 DG X N3    1 
ATOM 687 C C4    . DG D 4 1  ? 1.56961   4.16157   13.59451  1.000 501.00962 ? 103 DG X C4    1 
ATOM 688 P P     . DG D 4 2  ? 0.93881   5.73594   8.27351   1.000 500.60411 ? 104 DG X P     1 
ATOM 689 O OP1   . DG D 4 2  ? 0.57176   6.89153   7.42159   1.000 507.99931 ? 104 DG X OP1   1 
ATOM 690 O OP2   . DG D 4 2  ? 1.45753   4.48785   7.68137   1.000 487.81654 ? 104 DG X OP2   1 
ATOM 691 O "O5'" . DG D 4 2  ? 1.99766   6.21346   9.37739   1.000 510.01854 ? 104 DG X "O5'" 1 
ATOM 692 C "C5'" . DG D 4 2  ? 1.94416   7.55275   9.88972   1.000 524.87702 ? 104 DG X "C5'" 1 
ATOM 693 C "C4'" . DG D 4 2  ? 3.12901   7.85170   10.79915  1.000 532.73878 ? 104 DG X "C4'" 1 
ATOM 694 O "O4'" . DG D 4 2  ? 3.39926   6.69589   11.63368  1.000 524.88430 ? 104 DG X "O4'" 1 
ATOM 695 C "C3'" . DG D 4 2  ? 4.44202   8.15996   10.08769  1.000 534.57690 ? 104 DG X "C3'" 1 
ATOM 696 O "O3'" . DG D 4 2  ? 5.22286   9.07178   10.86981  1.000 548.23497 ? 104 DG X "O3'" 1 
ATOM 697 C "C2'" . DG D 4 2  ? 5.09444   6.78597   10.01378  1.000 521.59986 ? 104 DG X "C2'" 1 
ATOM 698 C "C1'" . DG D 4 2  ? 4.68039   6.17582   11.34304  1.000 520.30516 ? 104 DG X "C1'" 1 
ATOM 699 N N9    . DG D 4 2  ? 4.57750   4.72964   11.28217  1.000 506.27431 ? 104 DG X N9    1 
ATOM 700 C C8    . DG D 4 2  ? 3.60587   4.01263   10.63713  1.000 496.14317 ? 104 DG X C8    1 
ATOM 701 N N7    . DG D 4 2  ? 3.75928   2.72759   10.73453  1.000 485.40704 ? 104 DG X N7    1 
ATOM 702 C C5    . DG D 4 2  ? 4.91210   2.57857   11.49488  1.000 488.29897 ? 104 DG X C5    1 
ATOM 703 C C6    . DG D 4 2  ? 5.56505   1.40618   11.92380  1.000 480.79121 ? 104 DG X C6    1 
ATOM 704 O O6    . DG D 4 2  ? 5.24159   0.23721   11.71059  1.000 470.06528 ? 104 DG X O6    1 
ATOM 705 N N1    . DG D 4 2  ? 6.70127   1.69018   12.67747  1.000 487.60589 ? 104 DG X N1    1 
ATOM 706 C C2    . DG D 4 2  ? 7.14684   2.95515   12.97381  1.000 500.44812 ? 104 DG X C2    1 
ATOM 707 N N2    . DG D 4 2  ? 8.26987   3.03441   13.71017  1.000 505.95566 ? 104 DG X N2    1 
ATOM 708 N N3    . DG D 4 2  ? 6.53792   4.06692   12.57395  1.000 507.97689 ? 104 DG X N3    1 
ATOM 709 C C4    . DG D 4 2  ? 5.42909   3.80066   11.83752  1.000 501.06621 ? 104 DG X C4    1 
ATOM 710 P P     . DA D 4 3  ? 6.64597   9.61025   10.34270  1.000 548.73329 ? 105 DA X P     1 
ATOM 711 O OP1   . DA D 4 3  ? 6.53939   11.07531  10.17909  1.000 563.56646 ? 105 DA X OP1   1 
ATOM 712 O OP2   . DA D 4 3  ? 7.08664   8.79801   9.18738   1.000 536.24251 ? 105 DA X OP2   1 
ATOM 713 O "O5'" . DA D 4 3  ? 7.64350   9.31836   11.55991  1.000 552.57565 ? 105 DA X "O5'" 1 
ATOM 714 C "C5'" . DA D 4 3  ? 7.63115   8.04874   12.19168  1.000 542.01861 ? 105 DA X "C5'" 1 
ATOM 715 C "C4'" . DA D 4 3  ? 8.96419   7.33742   12.02650  1.000 536.58127 ? 105 DA X "C4'" 1 
ATOM 716 O "O4'" . DA D 4 3  ? 8.73170   5.92304   11.79421  1.000 521.27421 ? 105 DA X "O4'" 1 
ATOM 717 C "C3'" . DA D 4 3  ? 9.84299   7.82545   10.86803  1.000 538.45692 ? 105 DA X "C3'" 1 
ATOM 718 O "O3'" . DA D 4 3  ? 11.19976  7.95128   11.32053  1.000 544.54621 ? 105 DA X "O3'" 1 
ATOM 719 C "C2'" . DA D 4 3  ? 9.68849   6.71932   9.82510   1.000 523.07876 ? 105 DA X "C2'" 1 
ATOM 720 C "C1'" . DA D 4 3  ? 9.50943   5.49370   10.70450  1.000 514.49748 ? 105 DA X "C1'" 1 
ATOM 721 N N9    . DA D 4 3  ? 8.80396   4.40566   10.04177  1.000 500.65987 ? 105 DA X N9    1 
ATOM 722 C C8    . DA D 4 3  ? 7.69892   4.51263   9.24296   1.000 496.69204 ? 105 DA X C8    1 
ATOM 723 N N7    . DA D 4 3  ? 7.27478   3.36765   8.77379   1.000 484.34969 ? 105 DA X N7    1 
ATOM 724 C C5    . DA D 4 3  ? 8.16186   2.44362   9.30357   1.000 479.93457 ? 105 DA X C5    1 
ATOM 725 C C6    . DA D 4 3  ? 8.25046   1.05108   9.18004   1.000 468.42361 ? 105 DA X C6    1 
ATOM 726 N N6    . DA D 4 3  ? 7.40199   0.33184   8.44925   1.000 459.08107 ? 105 DA X N6    1 
ATOM 727 N N1    . DA D 4 3  ? 9.25464   0.42524   9.83314   1.000 467.52376 ? 105 DA X N1    1 
ATOM 728 C C2    . DA D 4 3  ? 10.10380  1.15447   10.56468  1.000 477.42219 ? 105 DA X C2    1 
ATOM 729 N N3    . DA D 4 3  ? 10.12015  2.47485   10.75292  1.000 489.02429 ? 105 DA X N3    1 
ATOM 730 C C4    . DA D 4 3  ? 9.10728   3.06516   10.08944  1.000 489.66696 ? 105 DA X C4    1 
ATOM 731 P P     . DG D 4 4  ? 12.41654  8.20246   10.29467  1.000 561.43905 ? 106 DG X P     1 
ATOM 732 O OP1   . DG D 4 4  ? 13.40903  9.03370   11.01420  1.000 574.05157 ? 106 DG X OP1   1 
ATOM 733 O OP2   . DG D 4 4  ? 11.89592  8.66088   8.98925   1.000 564.64346 ? 106 DG X OP2   1 
ATOM 734 O "O5'" . DG D 4 4  ? 13.04869  6.74738   10.09546  1.000 549.94092 ? 106 DG X "O5'" 1 
ATOM 735 C "C5'" . DG D 4 4  ? 13.58337  6.05831   11.22255  1.000 540.30135 ? 106 DG X "C5'" 1 
ATOM 736 C "C4'" . DG D 4 4  ? 13.94017  4.62008   10.88317  1.000 528.91529 ? 106 DG X "C4'" 1 
ATOM 737 O "O4'" . DG D 4 4  ? 12.78596  3.93891   10.31988  1.000 515.74940 ? 106 DG X "O4'" 1 
ATOM 738 C "C3'" . DG D 4 4  ? 15.07102  4.43961   9.85890   1.000 533.33780 ? 106 DG X "C3'" 1 
ATOM 739 O "O3'" . DG D 4 4  ? 15.94549  3.40028   10.30075  1.000 518.96952 ? 106 DG X "O3'" 1 
ATOM 740 C "C2'" . DG D 4 4  ? 14.31615  4.02748   8.59658   1.000 531.40346 ? 106 DG X "C2'" 1 
ATOM 741 C "C1'" . DG D 4 4  ? 13.23360  3.18179   9.22252   1.000 510.56259 ? 106 DG X "C1'" 1 
ATOM 742 N N9    . DG D 4 4  ? 12.10963  2.86617   8.34475   1.000 497.67804 ? 106 DG X N9    1 
ATOM 743 C C8    . DG D 4 4  ? 11.17354  3.73026   7.82998   1.000 500.45546 ? 106 DG X C8    1 
ATOM 744 N N7    . DG D 4 4  ? 10.28006  3.13540   7.08230   1.000 490.86183 ? 106 DG X N7    1 
ATOM 745 C C5    . DG D 4 4  ? 10.65347  1.79542   7.10360   1.000 480.96475 ? 106 DG X C5    1 
ATOM 746 C C6    . DG D 4 4  ? 10.07053  0.66597   6.47495   1.000 469.21468 ? 106 DG X C6    1 
ATOM 747 O O6    . DG D 4 4  ? 9.06763   0.62069   5.75102   1.000 464.79048 ? 106 DG X O6    1 
ATOM 748 N N1    . DG D 4 4  ? 10.77039  -0.50707  6.76554   1.000 462.99636 ? 106 DG X N1    1 
ATOM 749 C C2    . DG D 4 4  ? 11.89001  -0.57481  7.55997   1.000 467.30222 ? 106 DG X C2    1 
ATOM 750 N N2    . DG D 4 4  ? 12.43541  -1.78940  7.72840   1.000 460.54299 ? 106 DG X N2    1 
ATOM 751 N N3    . DG D 4 4  ? 12.44199  0.47347   8.14955   1.000 478.10549 ? 106 DG X N3    1 
ATOM 752 C C4    . DG D 4 4  ? 11.77547  1.61890   7.87773   1.000 484.52066 ? 106 DG X C4    1 
ATOM 753 P P     . DC D 4 5  ? 17.26572  3.02020   9.46732   1.000 539.04393 ? 107 DC X P     1 
ATOM 754 O OP1   . DC D 4 5  ? 18.36795  2.88988   10.44284  1.000 530.46768 ? 107 DC X OP1   1 
ATOM 755 O OP2   . DC D 4 5  ? 17.40453  3.97261   8.34392   1.000 555.82931 ? 107 DC X OP2   1 
ATOM 756 O "O5'" . DC D 4 5  ? 16.94211  1.56895   8.86878   1.000 522.28203 ? 107 DC X "O5'" 1 
ATOM 757 C "C5'" . DC D 4 5  ? 17.87738  0.93792   7.99778   1.000 512.54047 ? 107 DC X "C5'" 1 
ATOM 758 C "C4'" . DC D 4 5  ? 17.60164  -0.55107  7.87703   1.000 490.39755 ? 107 DC X "C4'" 1 
ATOM 759 O "O4'" . DC D 4 5  ? 16.18800  -0.76645  7.60952   1.000 488.55792 ? 107 DC X "O4'" 1 
ATOM 760 C "C3'" . DC D 4 5  ? 18.33663  -1.24122  6.73643   1.000 478.39319 ? 107 DC X "C3'" 1 
ATOM 761 O "O3'" . DC D 4 5  ? 18.55641  -2.60364  7.06082   1.000 466.00186 ? 107 DC X "O3'" 1 
ATOM 762 C "C2'" . DC D 4 5  ? 17.34154  -1.10055  5.59490   1.000 482.30191 ? 107 DC X "C2'" 1 
ATOM 763 C "C1'" . DC D 4 5  ? 16.02758  -1.33993  6.32254   1.000 477.37558 ? 107 DC X "C1'" 1 
ATOM 764 N N1    . DC D 4 5  ? 14.87592  -0.68322  5.65897   1.000 484.36590 ? 107 DC X N1    1 
ATOM 765 C C2    . DC D 4 5  ? 14.00352  -1.43120  4.84865   1.000 465.70074 ? 107 DC X C2    1 
ATOM 766 O O2    . DC D 4 5  ? 14.19162  -2.64738  4.70079   1.000 446.81356 ? 107 DC X O2    1 
ATOM 767 N N3    . DC D 4 5  ? 12.96330  -0.79653  4.25157   1.000 470.22093 ? 107 DC X N3    1 
ATOM 768 C C4    . DC D 4 5  ? 12.78957  0.51525   4.43469   1.000 491.15058 ? 107 DC X C4    1 
ATOM 769 N N4    . DC D 4 5  ? 11.75458  1.10101   3.82746   1.000 492.01057 ? 107 DC X N4    1 
ATOM 770 C C5    . DC D 4 5  ? 13.66930  1.28560   5.24668   1.000 510.00701 ? 107 DC X C5    1 
ATOM 771 C C6    . DC D 4 5  ? 14.68694  0.65279   5.83178   1.000 506.36099 ? 107 DC X C6    1 
ATOM 772 P P     . DT D 4 6  ? 19.59451  -3.49006  6.21069   1.000 471.65659 ? 108 DT X P     1 
ATOM 773 O OP1   . DT D 4 6  ? 20.68086  -3.89297  7.13169   1.000 464.11827 ? 108 DT X OP1   1 
ATOM 774 O OP2   . DT D 4 6  ? 19.91997  -2.76029  4.96498   1.000 483.87111 ? 108 DT X OP2   1 
ATOM 775 O "O5'" . DT D 4 6  ? 18.75205  -4.79202  5.80815   1.000 451.17829 ? 108 DT X "O5'" 1 
ATOM 776 C "C5'" . DT D 4 6  ? 17.57585  -4.66754  5.00545   1.000 452.78946 ? 108 DT X "C5'" 1 
ATOM 777 C "C4'" . DT D 4 6  ? 17.37240  -5.89896  4.13528   1.000 434.92065 ? 108 DT X "C4'" 1 
ATOM 778 O "O4'" . DT D 4 6  ? 16.16674  -5.74634  3.34463   1.000 430.52598 ? 108 DT X "O4'" 1 
ATOM 779 C "C3'" . DT D 4 6  ? 18.44876  -6.14603  3.10103   1.000 435.07515 ? 108 DT X "C3'" 1 
ATOM 780 O "O3'" . DT D 4 6  ? 18.35497  -7.49901  2.67014   1.000 427.53458 ? 108 DT X "O3'" 1 
ATOM 781 C "C2'" . DT D 4 6  ? 18.02568  -5.17417  2.00008   1.000 438.15183 ? 108 DT X "C2'" 1 
ATOM 782 C "C1'" . DT D 4 6  ? 16.50909  -5.36734  2.01239   1.000 430.95544 ? 108 DT X "C1'" 1 
ATOM 783 N N1    . DT D 4 6  ? 15.71479  -4.14996  1.68806   1.000 448.63477 ? 108 DT X N1    1 
ATOM 784 C C2    . DT D 4 6  ? 14.47701  -4.30413  1.11059   1.000 437.76854 ? 108 DT X C2    1 
ATOM 785 O O2    . DT D 4 6  ? 14.01305  -5.38741  0.80638   1.000 421.74509 ? 108 DT X O2    1 
ATOM 786 N N3    . DT D 4 6  ? 13.79685  -3.14145  0.88867   1.000 454.87967 ? 108 DT X N3    1 
ATOM 787 C C4    . DT D 4 6  ? 14.21459  -1.85896  1.18909   1.000 480.31291 ? 108 DT X C4    1 
ATOM 788 O O4    . DT D 4 6  ? 13.52372  -0.87453  0.94629   1.000 491.84001 ? 108 DT X O4    1 
ATOM 789 C C5    . DT D 4 6  ? 15.51823  -1.76094  1.80528   1.000 489.92716 ? 108 DT X C5    1 
ATOM 790 C C7    . DT D 4 6  ? 16.07869  -0.41749  2.17688   1.000 514.59201 ? 108 DT X C7    1 
ATOM 791 C C6    . DT D 4 6  ? 16.19688  -2.90075  2.03056   1.000 474.11239 ? 108 DT X C6    1 
ATOM 792 P P     . DG D 4 7  ? 19.40206  -8.11128  1.61784   1.000 431.49609 ? 109 DG X P     1 
ATOM 793 O OP1   . DG D 4 7  ? 19.62581  -9.51869  2.00966   1.000 427.10571 ? 109 DG X OP1   1 
ATOM 794 O OP2   . DG D 4 7  ? 20.56042  -7.19642  1.54597   1.000 439.37503 ? 109 DG X OP2   1 
ATOM 795 O "O5'" . DG D 4 7  ? 18.59767  -8.08787  0.23121   1.000 426.89546 ? 109 DG X "O5'" 1 
ATOM 796 C "C5'" . DG D 4 7  ? 17.20778  -8.45561  0.20435   1.000 420.99785 ? 109 DG X "C5'" 1 
ATOM 797 C "C4'" . DG D 4 7  ? 16.65463  -8.45964  -1.21487  1.000 417.49785 ? 109 DG X "C4'" 1 
ATOM 798 O "O4'" . DG D 4 7  ? 15.89965  -7.24562  -1.47135  1.000 419.81119 ? 109 DG X "O4'" 1 
ATOM 799 C "C3'" . DG D 4 7  ? 17.69397  -8.51728  -2.32108  1.000 419.12587 ? 109 DG X "C3'" 1 
ATOM 800 O "O3'" . DG D 4 7  ? 17.12160  -9.20392  -3.42650  1.000 413.82974 ? 109 DG X "O3'" 1 
ATOM 801 C "C2'" . DG D 4 7  ? 17.91395  -7.03116  -2.62069  1.000 425.17994 ? 109 DG X "C2'" 1 
ATOM 802 C "C1'" . DG D 4 7  ? 16.48410  -6.54473  -2.55594  1.000 422.97166 ? 109 DG X "C1'" 1 
ATOM 803 N N9    . DG D 4 7  ? 16.31258  -5.12394  -2.29128  1.000 429.15687 ? 109 DG X N9    1 
ATOM 804 C C8    . DG D 4 7  ? 17.23068  -4.22812  -1.79260  1.000 446.47532 ? 109 DG X C8    1 
ATOM 805 N N7    . DG D 4 7  ? 16.73517  -3.02495  -1.63473  1.000 467.54906 ? 109 DG X N7    1 
ATOM 806 C C5    . DG D 4 7  ? 15.40773  -3.15027  -2.04602  1.000 455.84096 ? 109 DG X C5    1 
ATOM 807 C C6    . DG D 4 7  ? 14.36183  -2.19838  -2.10643  1.000 466.94991 ? 109 DG X C6    1 
ATOM 808 O O6    . DG D 4 7  ? 14.38719  -1.00051  -1.80039  1.000 494.41468 ? 109 DG X O6    1 
ATOM 809 N N1    . DG D 4 7  ? 13.18022  -2.76497  -2.58463  1.000 445.25758 ? 109 DG X N1    1 
ATOM 810 C C2    . DG D 4 7  ? 13.03551  -4.07795  -2.95743  1.000 424.44338 ? 109 DG X C2    1 
ATOM 811 N N2    . DG D 4 7  ? 11.83118  -4.45614  -3.39523  1.000 419.14780 ? 109 DG X N2    1 
ATOM 812 N N3    . DG D 4 7  ? 13.99630  -4.96558  -2.90194  1.000 422.68005 ? 109 DG X N3    1 
ATOM 813 C C4    . DG D 4 7  ? 15.15008  -4.43777  -2.44264  1.000 428.92780 ? 109 DG X C4    1 
ATOM 814 P P     . DT D 4 8  ? 18.03071  -9.67506  -4.66136  1.000 425.63178 ? 110 DT X P     1 
ATOM 815 O OP1   . DT D 4 8  ? 17.13075  -10.32974 -5.63540  1.000 420.29893 ? 110 DT X OP1   1 
ATOM 816 O OP2   . DT D 4 8  ? 19.17306  -10.43520 -4.11267  1.000 427.46907 ? 110 DT X OP2   1 
ATOM 817 O "O5'" . DT D 4 8  ? 18.56904  -8.29820  -5.25888  1.000 431.22112 ? 110 DT X "O5'" 1 
ATOM 818 C "C5'" . DT D 4 8  ? 18.90474  -8.20314  -6.61194  1.000 431.42477 ? 110 DT X "C5'" 1 
ATOM 819 C "C4'" . DT D 4 8  ? 17.87819  -7.37301  -7.35530  1.000 430.33215 ? 110 DT X "C4'" 1 
ATOM 820 O "O4'" . DT D 4 8  ? 17.48998  -6.22306  -6.55737  1.000 434.05546 ? 110 DT X "O4'" 1 
ATOM 821 C "C3'" . DT D 4 8  ? 18.35286  -6.81674  -8.70223  1.000 432.55498 ? 110 DT X "C3'" 1 
ATOM 822 O "O3'" . DT D 4 8  ? 17.40392  -7.11934  -9.70105  1.000 427.94422 ? 110 DT X "O3'" 1 
ATOM 823 C "C2'" . DT D 4 8  ? 18.43056  -5.31116  -8.45780  1.000 438.45779 ? 110 DT X "C2'" 1 
ATOM 824 C "C1'" . DT D 4 8  ? 17.33658  -5.13267  -7.42496  1.000 436.93672 ? 110 DT X "C1'" 1 
ATOM 825 N N1    . DT D 4 8  ? 17.44582  -3.86236  -6.66217  1.000 443.60219 ? 110 DT X N1    1 
ATOM 826 C C2    . DT D 4 8  ? 16.29932  -3.17233  -6.33836  1.000 443.90307 ? 110 DT X C2    1 
ATOM 827 O O2    . DT D 4 8  ? 15.17839  -3.56341  -6.62261  1.000 438.60745 ? 110 DT X O2    1 
ATOM 828 N N3    . DT D 4 8  ? 16.50704  -2.00116  -5.66131  1.000 478.87724 ? 110 DT X N3    1 
ATOM 829 C C4    . DT D 4 8  ? 17.72199  -1.45670  -5.28494  1.000 501.17136 ? 110 DT X C4    1 
ATOM 830 O O4    . DT D 4 8  ? 17.80226  -0.39256  -4.67490  1.000 529.95274 ? 110 DT X O4    1 
ATOM 831 C C5    . DT D 4 8  ? 18.88666  -2.22743  -5.66473  1.000 485.26313 ? 110 DT X C5    1 
ATOM 832 C C7    . DT D 4 8  ? 20.26060  -1.74138  -5.31637  1.000 501.46598 ? 110 DT X C7    1 
ATOM 833 C C6    . DT D 4 8  ? 18.69376  -3.37672  -6.33102  1.000 452.71936 ? 110 DT X C6    1 
ATOM 834 P P     . DG D 4 9  ? 17.49512  -8.50908  -10.49929 1.000 417.79910 ? 111 DG X P     1 
ATOM 835 O OP1   . DG D 4 9  ? 17.18458  -9.58882  -9.53357  1.000 414.50174 ? 111 DG X OP1   1 
ATOM 836 O OP2   . DG D 4 9  ? 18.79344  -8.49690  -11.21154 1.000 421.49808 ? 111 DG X OP2   1 
ATOM 837 O "O5'" . DG D 4 9  ? 16.31585  -8.40478  -11.58049 1.000 417.09912 ? 111 DG X "O5'" 1 
ATOM 838 C "C5'" . DG D 4 9  ? 14.98812  -8.03945  -11.17109 1.000 413.78936 ? 111 DG X "C5'" 1 
ATOM 839 C "C4'" . DG D 4 9  ? 14.40928  -6.98576  -12.09528 1.000 415.90283 ? 111 DG X "C4'" 1 
ATOM 840 O "O4'" . DG D 4 9  ? 13.94358  -5.86088  -11.30790 1.000 415.71313 ? 111 DG X "O4'" 1 
ATOM 841 C "C3'" . DG D 4 9  ? 15.40755  -6.39021  -13.07047 1.000 419.86575 ? 111 DG X "C3'" 1 
ATOM 842 O "O3'" . DG D 4 9  ? 15.48457  -7.18677  -14.23729 1.000 425.87195 ? 111 DG X "O3'" 1 
ATOM 843 C "C2'" . DG D 4 9  ? 14.79134  -5.02909  -13.36147 1.000 419.47605 ? 111 DG X "C2'" 1 
ATOM 844 C "C1'" . DG D 4 9  ? 14.20145  -4.65049  -12.00194 1.000 420.09608 ? 111 DG X "C1'" 1 
ATOM 845 N N9    . DG D 4 9  ? 15.09083  -3.81537  -11.19714 1.000 426.20347 ? 111 DG X N9    1 
ATOM 846 C C8    . DG D 4 9  ? 16.41214  -4.05091  -10.89565 1.000 429.12081 ? 111 DG X C8    1 
ATOM 847 N N7    . DG D 4 9  ? 16.95465  -3.11705  -10.16819 1.000 435.23977 ? 111 DG X N7    1 
ATOM 848 C C5    . DG D 4 9  ? 15.93222  -2.20528  -9.97184  1.000 436.65011 ? 111 DG X C5    1 
ATOM 849 C C6    . DG D 4 9  ? 15.92951  -0.99055  -9.25601  1.000 443.42923 ? 111 DG X C6    1 
ATOM 850 O O6    . DG D 4 9  ? 16.86170  -0.46429  -8.62919  1.000 458.69609 ? 111 DG X O6    1 
ATOM 851 N N1    . DG D 4 9  ? 14.68974  -0.36835  -9.31320  1.000 443.25090 ? 111 DG X N1    1 
ATOM 852 C C2    . DG D 4 9  ? 13.58604  -0.86100  -9.97035  1.000 437.07030 ? 111 DG X C2    1 
ATOM 853 N N2    . DG D 4 9  ? 12.47749  -0.11130  -9.90587  1.000 438.41508 ? 111 DG X N2    1 
ATOM 854 N N3    . DG D 4 9  ? 13.57441  -1.99961  -10.64615 1.000 430.74410 ? 111 DG X N3    1 
ATOM 855 C C4    . DG D 4 9  ? 14.77800  -2.61733  -10.60346 1.000 431.00760 ? 111 DG X C4    1 
# 
loop_
_atom_site_anisotrop.id 
_atom_site_anisotrop.type_symbol 
_atom_site_anisotrop.pdbx_label_atom_id 
_atom_site_anisotrop.pdbx_label_alt_id 
_atom_site_anisotrop.pdbx_label_comp_id 
_atom_site_anisotrop.pdbx_label_asym_id 
_atom_site_anisotrop.pdbx_label_seq_id 
_atom_site_anisotrop.pdbx_PDB_ins_code 
_atom_site_anisotrop.U[1][1] 
_atom_site_anisotrop.U[2][2] 
_atom_site_anisotrop.U[3][3] 
_atom_site_anisotrop.U[1][2] 
_atom_site_anisotrop.U[1][3] 
_atom_site_anisotrop.U[2][3] 
_atom_site_anisotrop.pdbx_auth_seq_id 
_atom_site_anisotrop.pdbx_auth_comp_id 
_atom_site_anisotrop.pdbx_auth_asym_id 
_atom_site_anisotrop.pdbx_auth_atom_id 
1   P P     . DA A 1  ? 5.68086 6.03724 3.27025 0.23595  0.53759  -1.62969 112 DA A P     
2   O OP1   . DA A 1  ? 5.63651 5.67920 3.17891 0.16912  0.53749  -1.57433 112 DA A OP1   
3   O OP2   . DA A 1  ? 5.71864 6.20685 3.23178 0.34628  0.53760  -1.56938 112 DA A OP2   
4   O "O5'" . DA A 1  ? 5.69262 6.36892 3.46598 0.19605  0.46608  -1.80456 112 DA A "O5'" 
5   C "C5'" . DA A 1  ? 5.73132 6.78980 3.57838 0.28512  0.42286  -1.88238 112 DA A "C5'" 
6   C "C4'" . DA A 1  ? 5.71254 6.97488 3.69585 0.26366  0.42732  -1.97248 112 DA A "C4'" 
7   O "O4'" . DA A 1  ? 5.67442 6.85493 3.77905 0.12166  0.42270  -2.05823 112 DA A "O4'" 
8   C "C3'" . DA A 1  ? 5.69172 6.83933 3.61174 0.29712  0.50306  -1.87816 112 DA A "C3'" 
9   O "O3'" . DA A 1  ? 5.72044 7.18040 3.65731 0.43503  0.49265  -1.87566 112 DA A "O3'" 
10  C "C2'" . DA A 1  ? 5.64375 6.71678 3.68040 0.17197  0.52856  -1.94567 112 DA A "C2'" 
11  C "C1'" . DA A 1  ? 5.64134 6.86654 3.82713 0.08659  0.46029  -2.08669 112 DA A "C1'" 
12  N N9    . DA A 1  ? 5.58172 6.61958 3.86352 -0.06256 0.47494  -2.11713 112 DA A N9    
13  C C8    . DA A 1  ? 5.52848 6.22680 3.74859 -0.12894 0.50451  -2.02005 112 DA A C8    
14  N N7    . DA A 1  ? 5.46601 6.10456 3.83143 -0.26025 0.50666  -2.06944 112 DA A N7    
15  C C5    . DA A 1  ? 5.49116 6.42753 4.01086 -0.28468 0.48146  -2.21126 112 DA A C5    
16  C C6    . DA A 1  ? 5.45611 6.48861 4.17363 -0.40417 0.47710  -2.31696 112 DA A C6    
17  N N6    . DA A 1  ? 5.38281 6.21400 4.18076 -0.52601 0.50232  -2.28620 112 DA A N6    
18  N N1    . DA A 1  ? 5.49427 6.85911 4.33507 -0.38890 0.44614  -2.45097 112 DA A N1    
19  C C2    . DA A 1  ? 5.55435 7.15706 4.33240 -0.25915 0.41632  -2.47374 112 DA A C2    
20  N N3    . DA A 1  ? 5.58831 7.13884 4.19073 -0.13763 0.41895  -2.37496 112 DA A N3    
21  C C4    . DA A 1  ? 5.55852 6.75480 4.03216 -0.16098 0.45616  -2.24598 112 DA A C4    
22  P P     . DC A 2  ? 5.60820 7.54765 3.70273 0.49557  0.41004  -2.02339 113 DC A P     
23  O OP1   . DC A 2  ? 5.63987 7.72161 3.76443 0.50173  0.33061  -2.09410 113 DC A OP1   
24  O OP2   . DC A 2  ? 5.62609 7.78229 3.69964 0.64814  0.42247  -1.96110 113 DC A OP2   
25  O "O5'" . DC A 2  ? 5.57513 7.55487 3.82336 0.36910  0.42106  -2.14599 113 DC A "O5'" 
26  C "C5'" . DC A 2  ? 5.58883 7.94470 4.00591 0.36634  0.35544  -2.30253 113 DC A "C5'" 
27  C "C4'" . DC A 2  ? 5.56544 8.05084 4.08916 0.34499  0.39058  -2.35739 113 DC A "C4'" 
28  O "O4'" . DC A 2  ? 5.51730 7.75529 4.10994 0.17656  0.43161  -2.39301 113 DC A "O4'" 
29  C "C3'" . DC A 2  ? 5.56765 7.99701 3.99301 0.44884  0.46185  -2.23300 113 DC A "C3'" 
30  O "O3'" . DC A 2  ? 5.57672 8.35361 4.11645 0.51341  0.45160  -2.30677 113 DC A "O3'" 
31  C "C2'" . DC A 2  ? 5.52539 7.54279 3.90354 0.32227  0.54858  -2.16933 113 DC A "C2'" 
32  C "C1'" . DC A 2  ? 5.49232 7.55008 4.03892 0.16857  0.51639  -2.31362 113 DC A "C1'" 
33  N N1    . DC A 2  ? 5.44286 7.11415 3.97189 0.02258  0.56096  -2.26917 113 DC A N1    
34  C C2    . DC A 2  ? 5.40046 7.08192 4.09916 -0.12132 0.55536  -2.37369 113 DC A C2    
35  O O2    . DC A 2  ? 5.41080 7.41038 4.26217 -0.12738 0.51806  -2.50633 113 DC A O2    
36  N N3    . DC A 2  ? 5.34477 6.70382 4.04592 -0.24588 0.58935  -2.32100 113 DC A N3    
37  C C4    . DC A 2  ? 5.32998 6.37676 3.87077 -0.22813 0.62144  -2.17873 113 DC A C4    
38  N N4    . DC A 2  ? 5.25932 6.03703 3.83046 -0.34711 0.64457  -2.12790 113 DC A N4    
39  C C5    . DC A 2  ? 5.38008 6.39704 3.73695 -0.08522 0.63040  -2.07728 113 DC A C5    
40  C C6    . DC A 2  ? 5.43536 6.76446 3.79508 0.03380  0.60277  -2.12321 113 DC A C6    
41  P P     . DG A 3  ? 5.45823 8.56052 3.96174 0.72303  0.42896  -2.24370 114 DG A P     
42  O OP1   . DG A 3  ? 5.48788 8.99123 4.08824 0.77701  0.32021  -2.36232 114 DG A OP1   
43  O OP2   . DG A 3  ? 5.46850 8.30591 3.79440 0.80278  0.47998  -2.06186 114 DG A OP2   
44  O "O5'" . DG A 3  ? 5.45036 8.69579 4.03810 0.74925  0.48713  -2.26087 114 DG A "O5'" 
45  C "C5'" . DG A 3  ? 5.41298 8.37685 4.02574 0.61300  0.57330  -2.26532 114 DG A "C5'" 
46  C "C4'" . DG A 3  ? 5.38165 8.43426 4.16633 0.45583  0.53428  -2.44120 114 DG A "C4'" 
47  O "O4'" . DG A 3  ? 5.34686 8.01040 4.09591 0.29644  0.55476  -2.42792 114 DG A "O4'" 
48  C "C3'" . DG A 3  ? 5.36091 8.50050 4.27216 0.40509  0.58872  -2.50656 114 DG A "C3'" 
49  O "O3'" . DG A 3  ? 5.34491 8.73548 4.44482 0.30942  0.52324  -2.68767 114 DG A "O3'" 
50  C "C2'" . DG A 3  ? 5.32641 7.99684 4.16727 0.27664  0.67907  -2.42603 114 DG A "C2'" 
51  C "C1'" . DG A 3  ? 5.30755 7.80344 4.13283 0.17080  0.62152  -2.45459 114 DG A "C1'" 
52  N N9    . DG A 3  ? 5.27715 7.31011 3.99071 0.07370  0.67933  -2.34558 114 DG A N9    
53  C C8    . DG A 3  ? 5.29138 7.05030 3.81233 0.13635  0.71873  -2.18831 114 DG A C8    
54  N N7    . DG A 3  ? 5.25207 6.64479 3.72012 0.02573  0.75547  -2.12289 114 DG A N7    
55  C C5    . DG A 3  ? 5.20618 6.62851 3.84821 -0.12051 0.74162  -2.23643 114 DG A C5    
56  C C6    . DG A 3  ? 5.14081 6.28833 3.83620 -0.27714 0.76274  -2.21972 114 DG A C6    
57  O O6    . DG A 3  ? 5.10373 5.93532 3.70312 -0.31574 0.79119  -2.10306 114 DG A O6    
58  N N1    . DG A 3  ? 5.11013 6.40521 4.00776 -0.39179 0.74488  -2.35054 114 DG A N1    
59  C C2    . DG A 3  ? 5.13946 6.80368 4.16936 -0.36040 0.70680  -2.48991 114 DG A C2    
60  N N2    . DG A 3  ? 5.10407 6.85765 4.32679 -0.48544 0.69812  -2.60098 114 DG A N2    
61  N N3    . DG A 3  ? 5.19464 7.13883 4.18078 -0.21196 0.67766  -2.51206 114 DG A N3    
62  C C4    . DG A 3  ? 5.22447 7.02759 4.01616 -0.09724 0.69842  -2.37677 114 DG A C4    
63  P P     . DG A 4  ? 5.20539 8.90778 4.47878 0.30715  0.53762  -2.79957 115 DG A P     
64  O OP1   . DG A 4  ? 5.23984 9.43302 4.59282 0.42574  0.44406  -2.88975 115 DG A OP1   
65  O OP2   . DG A 4  ? 5.20370 8.73739 4.41675 0.34935  0.65030  -2.68612 115 DG A OP2   
66  O "O5'" . DG A 4  ? 5.15963 8.74914 4.59037 0.09421  0.53229  -2.93045 115 DG A "O5'" 
67  C "C5'" . DG A 4  ? 5.12722 8.29951 4.50173 -0.04115 0.55941  -2.87622 115 DG A "C5'" 
68  C "C4'" . DG A 4  ? 5.08528 7.98750 4.50273 -0.16498 0.65139  -2.85260 115 DG A "C4'" 
69  O "O4'" . DG A 4  ? 5.06788 7.52696 4.32633 -0.20547 0.70701  -2.70395 115 DG A "O4'" 
70  C "C3'" . DG A 4  ? 5.09805 8.11355 4.53235 -0.09021 0.72522  -2.83216 115 DG A "C3'" 
71  O "O3'" . DG A 4  ? 5.05969 8.00049 4.64022 -0.23621 0.77245  -2.90415 115 DG A "O3'" 
72  C "C2'" . DG A 4  ? 5.11225 7.79156 4.34007 -0.02256 0.80539  -2.64411 115 DG A "C2'" 
73  C "C1'" . DG A 4  ? 5.07086 7.37164 4.26093 -0.17511 0.80541  -2.60914 115 DG A "C1'" 
74  N N9    . DG A 4  ? 5.07667 7.02287 4.06298 -0.13965 0.85129  -2.43973 115 DG A N9    
75  C C8    . DG A 4  ? 5.12108 7.06808 3.94258 0.01745  0.86007  -2.32680 115 DG A C8    
76  N N7    . DG A 4  ? 5.11552 6.70340 3.77969 0.00720  0.90453  -2.18834 115 DG A N7    
77  C C5    . DG A 4  ? 5.05821 6.40455 3.79108 -0.16373 0.92217  -2.20651 115 DG A C5    
78  C C6    . DG A 4  ? 5.01573 5.97815 3.66129 -0.24586 0.95821  -2.09272 115 DG A C6    
79  O O6    . DG A 4  ? 5.02427 5.77013 3.50319 -0.18234 0.98307  -1.95665 115 DG A O6    
80  N N1    . DG A 4  ? 4.94976 5.80569 3.73799 -0.41768 0.96082  -2.14490 115 DG A N1    
81  C C2    . DG A 4  ? 4.93539 6.00724 3.91719 -0.49974 0.93805  -2.28939 115 DG A C2    
82  N N2    . DG A 4  ? 4.86840 5.79258 3.97183 -0.66106 0.95298  -2.30330 115 DG A N2    
83  N N3    . DG A 4  ? 4.97753 6.40558 4.03967 -0.42538 0.90245  -2.40593 115 DG A N3    
84  C C4    . DG A 4  ? 5.03462 6.58967 3.96655 -0.25710 0.89363  -2.35611 115 DG A C4    
85  P P     . DA A 5  ? 5.06124 8.26222 4.77012 -0.19977 0.82190  -2.97210 116 DA A P     
86  O OP1   . DA A 5  ? 5.09048 8.77953 4.88108 -0.07988 0.73827  -3.07497 116 DA A OP1   
87  O OP2   . DA A 5  ? 5.07707 8.04559 4.66730 -0.13908 0.93674  -2.82442 116 DA A OP2   
88  O "O5'" . DA A 5  ? 5.01192 8.13109 4.90793 -0.40163 0.83587  -3.08337 116 DA A "O5'" 
89  C "C5'" . DA A 5  ? 4.97137 7.85164 4.89607 -0.55068 0.80512  -3.08946 116 DA A "C5'" 
90  C "C4'" . DA A 5  ? 4.92658 7.44181 4.87158 -0.69555 0.89186  -3.02381 116 DA A "C4'" 
91  O "O4'" . DA A 5  ? 4.91849 7.05274 4.67334 -0.69262 0.92583  -2.85970 116 DA A "O4'" 
92  C "C3'" . DA A 5  ? 4.93671 7.46428 4.92216 -0.68680 0.98358  -3.02048 116 DA A "C3'" 
93  O "O3'" . DA A 5  ? 4.88940 7.25481 5.01000 -0.85520 1.02904  -3.04824 116 DA A "O3'" 
94  C "C2'" . DA A 5  ? 4.96371 7.21477 4.73333 -0.59706 1.05540  -2.84547 116 DA A "C2'" 
95  C "C1'" . DA A 5  ? 4.93035 6.86690 4.59714 -0.66925 1.02514  -2.75724 116 DA A "C1'" 
96  N N9    . DA A 5  ? 4.96261 6.73504 4.40923 -0.54865 1.03964  -2.61437 116 DA A N9    
97  C C8    . DA A 5  ? 5.01183 6.99643 4.36360 -0.38038 1.00166  -2.60004 116 DA A C8    
98  N N7    . DA A 5  ? 5.03281 6.79550 4.19078 -0.29921 1.03054  -2.45244 116 DA A N7    
99  C C5    . DA A 5  ? 4.99252 6.37978 4.11534 -0.42369 1.08513  -2.36906 116 DA A C5    
100 C C6    . DA A 5  ? 4.98573 6.02641 3.94091 -0.41761 1.12952  -2.20927 116 DA A C6    
101 N N6    . DA A 5  ? 5.02769 6.02918 3.80732 -0.27421 1.13205  -2.10365 116 DA A N6    
102 N N1    . DA A 5  ? 4.92903 5.68188 3.91476 -0.56441 1.16855  -2.15753 116 DA A N1    
103 C C2    . DA A 5  ? 4.88707 5.68449 4.05400 -0.70473 1.17087  -2.25315 116 DA A C2    
104 N N3    . DA A 5  ? 4.89382 5.98945 4.22532 -0.72358 1.13746  -2.40597 116 DA A N3    
105 C C4    . DA A 5  ? 4.94692 6.33546 4.24729 -0.57833 1.09172  -2.46163 116 DA A C4    
106 P P     . DC A 6  ? 4.81913 7.27377 5.05972 -0.88050 1.11105  -3.10123 117 DC A P     
107 O OP1   . DC A 6  ? 4.78581 7.45218 5.25913 -0.99309 1.07279  -3.25532 117 DC A OP1   
108 O OP2   . DC A 6  ? 4.87682 7.54133 5.03904 -0.69760 1.13968  -3.07717 117 DC A OP2   
109 O "O5'" . DC A 6  ? 4.79551 6.80439 4.95870 -0.97976 1.21078  -2.95924 117 DC A "O5'" 
110 C "C5'" . DC A 6  ? 4.76167 6.44076 4.80047 -1.03209 1.20192  -2.83288 117 DC A "C5'" 
111 C "C4'" . DC A 6  ? 4.77631 6.12423 4.65764 -1.01868 1.29420  -2.67336 117 DC A "C4'" 
112 O "O4'" . DC A 6  ? 4.80812 6.06931 4.48459 -0.89185 1.27368  -2.56885 117 DC A "O4'" 
113 C "C3'" . DC A 6  ? 4.82854 6.23355 4.72214 -0.95911 1.38742  -2.67249 117 DC A "C3'" 
114 O "O3'" . DC A 6  ? 4.81908 5.87483 4.65574 -1.04158 1.47815  -2.54966 117 DC A "O3'" 
115 C "C2'" . DC A 6  ? 4.89033 6.41379 4.62790 -0.75899 1.38532  -2.61172 117 DC A "C2'" 
116 C "C1'" . DC A 6  ? 4.86760 6.10118 4.44052 -0.77516 1.35483  -2.49102 117 DC A "C1'" 
117 N N1    . DC A 6  ? 4.91346 6.21755 4.31788 -0.59885 1.32891  -2.41934 117 DC A N1    
118 C C2    . DC A 6  ? 4.91747 5.91406 4.13393 -0.56831 1.35516  -2.25951 117 DC A C2    
119 O O2    . DC A 6  ? 4.87630 5.56371 4.07593 -0.69250 1.39023  -2.18395 117 DC A O2    
120 N N3    . DC A 6  ? 4.96075 6.02434 4.02867 -0.40431 1.33701  -2.18894 117 DC A N3    
121 C C4    . DC A 6  ? 4.99629 6.42407 4.10210 -0.27478 1.29404  -2.26537 117 DC A C4    
122 N N4    . DC A 6  ? 5.03663 6.52422 3.99940 -0.11532 1.27839  -2.18125 117 DC A N4    
123 C C5    . DC A 6  ? 4.98723 6.74979 4.28951 -0.30389 1.25996  -2.42828 117 DC A C5    
124 C C6    . DC A 6  ? 4.94804 6.62946 4.39114 -0.46570 1.28182  -2.50195 117 DC A C6    
125 P P     . DA A 7  ? 5.00935 5.93491 5.00721 -1.23033 1.52533  -2.57379 118 DA A P     
126 O OP1   . DA A 7  ? 4.95473 6.08912 5.13603 -1.31441 1.45206  -2.70349 118 DA A OP1   
127 O OP2   . DA A 7  ? 5.06221 5.97325 5.08667 -1.21063 1.62664  -2.56736 118 DA A OP2   
128 O "O5'" . DA A 7  ? 4.95357 5.50253 4.84164 -1.32107 1.54588  -2.40771 118 DA A "O5'" 
129 C "C5'" . DA A 7  ? 4.91416 5.38824 4.70718 -1.30344 1.47313  -2.34710 118 DA A "C5'" 
130 C "C4'" . DA A 7  ? 4.89497 5.03914 4.52706 -1.31830 1.51501  -2.16895 118 DA A "C4'" 
131 O "O4'" . DA A 7  ? 4.95812 5.09169 4.41015 -1.16556 1.49728  -2.11835 118 DA A "O4'" 
132 C "C3'" . DA A 7  ? 4.90766 4.84863 4.52981 -1.38225 1.62141  -2.08600 118 DA A "C3'" 
133 O "O3'" . DA A 7  ? 4.84439 4.51025 4.37850 -1.45382 1.64790  -1.92503 118 DA A "O3'" 
134 C "C2'" . DA A 7  ? 5.01211 4.97724 4.50878 -1.22872 1.65853  -2.06954 118 DA A "C2'" 
135 C "C1'" . DA A 7  ? 5.01685 5.00279 4.37218 -1.11542 1.58637  -2.02867 118 DA A "C1'" 
136 N N9    . DA A 7  ? 5.10060 5.28621 4.37392 -0.92415 1.58735  -2.05064 118 DA A N9    
137 C C8    . DA A 7  ? 5.14021 5.66369 4.51051 -0.83987 1.57405  -2.17965 118 DA A C8    
138 N N7    . DA A 7  ? 5.20216 5.87738 4.47529 -0.65586 1.58497  -2.14424 118 DA A N7    
139 C C5    . DA A 7  ? 5.20897 5.61260 4.30353 -0.61675 1.60599  -1.98601 118 DA A C5    
140 C C6    . DA A 7  ? 5.26110 5.65926 4.19549 -0.44349 1.62920  -1.87003 118 DA A C6    
141 N N6    . DA A 7  ? 5.31815 6.00593 4.24534 -0.26704 1.63968  -1.88741 118 DA A N6    
142 N N1    . DA A 7  ? 5.24558 5.34499 4.04144 -0.45840 1.64158  -1.72690 118 DA A N1    
143 C C2    . DA A 7  ? 5.17904 5.01505 4.00067 -0.63766 1.63211  -1.70023 118 DA A C2    
144 N N3    . DA A 7  ? 5.12415 4.94120 4.08900 -0.80572 1.61649  -1.78794 118 DA A N3    
145 C C4    . DA A 7  ? 5.14535 5.24987 4.24102 -0.78449 1.60411  -1.93234 118 DA A C4    
146 P P     . DC A 8  ? 4.97762 4.44603 4.54637 -1.58365 1.75377  -1.81653 119 DC A P     
147 O OP1   . DC A 8  ? 4.85664 4.31987 4.46897 -1.65525 1.74218  -1.75103 119 DC A OP1   
148 O OP2   . DC A 8  ? 5.03553 4.59783 4.71529 -1.60309 1.81067  -1.91182 119 DC A OP2   
149 O "O5'" . DC A 8  ? 5.01631 4.21710 4.40161 -1.55387 1.80259  -1.66482 119 DC A "O5'" 
150 C "C5'" . DC A 8  ? 5.09263 4.27923 4.33373 -1.41068 1.76023  -1.65537 119 DC A "C5'" 
151 C "C4'" . DC A 8  ? 5.20630 4.35522 4.38560 -1.31764 1.82912  -1.64613 119 DC A "C4'" 
152 O "O4'" . DC A 8  ? 5.27514 4.66250 4.41467 -1.13610 1.79269  -1.72083 119 DC A "O4'" 
153 C "C3'" . DC A 8  ? 5.23299 4.42402 4.54529 -1.38988 1.90109  -1.71245 119 DC A "C3'" 
154 O "O3'" . DC A 8  ? 5.22402 4.15004 4.51458 -1.50634 1.98749  -1.59450 119 DC A "O3'" 
155 C "C2'" . DC A 8  ? 5.34017 4.72142 4.63792 -1.21781 1.92638  -1.77623 119 DC A "C2'" 
156 C "C1'" . DC A 8  ? 5.36039 4.80797 4.51451 -1.05716 1.87150  -1.73019 119 DC A "C1'" 
157 N N1    . DC A 8  ? 5.41002 5.20761 4.59556 -0.88987 1.84869  -1.82931 119 DC A N1    
158 C C2    . DC A 8  ? 5.45750 5.33944 4.51010 -0.70247 1.84280  -1.75806 119 DC A C2    
159 O O2    . DC A 8  ? 5.45729 5.11533 4.37032 -0.68098 1.84922  -1.62370 119 DC A O2    
160 N N3    . DC A 8  ? 5.49705 5.72015 4.58895 -0.55151 1.83039  -1.83388 119 DC A N3    
161 C C4    . DC A 8  ? 5.48831 5.96514 4.75038 -0.58787 1.81733  -1.98362 119 DC A C4    
162 N N4    . DC A 8  ? 5.51851 6.35753 4.83043 -0.44008 1.79816  -2.05249 119 DC A N4    
163 C C5    . DC A 8  ? 5.44210 5.82989 4.84266 -0.77876 1.82087  -2.06522 119 DC A C5    
164 C C6    . DC A 8  ? 5.40568 5.45240 4.75997 -0.92092 1.84044  -1.97926 119 DC A C6    
165 P P     . DG A 9  ? 5.29324 3.92969 4.40836 -1.46935 2.03322  -1.43572 120 DG A P     
166 O OP1   . DG A 9  ? 5.22912 3.76740 4.23904 -1.47033 1.97775  -1.34233 120 DG A OP1   
167 O OP2   . DG A 9  ? 5.30223 3.75330 4.45153 -1.59748 2.13108  -1.37092 120 DG A OP2   
168 O "O5'" . DG A 9  ? 5.41460 4.16026 4.45840 -1.26068 2.04894  -1.45619 120 DG A "O5'" 
169 C "C5'" . DG A 9  ? 5.50260 4.06053 4.46450 -1.21098 2.12741  -1.35353 120 DG A "C5'" 
170 C "C4'" . DG A 9  ? 5.52174 3.93646 4.31818 -1.11319 2.10716  -1.22353 120 DG A "C4'" 
171 O "O4'" . DG A 9  ? 5.48952 4.12212 4.24778 -0.99221 2.02936  -1.25776 120 DG A "O4'" 
172 C "C3'" . DG A 9  ? 5.62567 3.99002 4.35096 -0.97231 2.17608  -1.13404 120 DG A "C3'" 
173 O "O3'" . DG A 9  ? 5.64912 3.65712 4.28945 -1.05806 2.20428  -1.02029 120 DG A "O3'" 
174 C "C2'" . DG A 9  ? 5.63451 4.20254 4.27884 -0.77263 2.13518  -1.10081 120 DG A "C2'" 
175 C "C1'" . DG A 9  ? 5.56195 4.35257 4.25869 -0.78533 2.05263  -1.21909 120 DG A "C1'" 
176 N N9    . DG A 9  ? 5.58555 4.71651 4.38939 -0.69575 2.05699  -1.34443 120 DG A N9    
177 C C8    . DG A 9  ? 5.55285 4.80619 4.50089 -0.80186 2.04379  -1.48338 120 DG A C8    
178 N N7    . DG A 9  ? 5.58089 5.15623 4.61229 -0.69206 2.04433  -1.58147 120 DG A N7    
179 C C5    . DG A 9  ? 5.63437 5.31817 4.56763 -0.49415 2.06335  -1.49516 120 DG A C5    
180 C C6    . DG A 9  ? 5.67851 5.70662 4.64949 -0.31039 2.07691  -1.53233 120 DG A C6    
181 O O6    . DG A 9  ? 5.67638 5.98832 4.78332 -0.29464 2.06749  -1.66139 120 DG A O6    
182 N N1    . DG A 9  ? 5.72185 5.76548 4.57073 -0.13848 2.10045  -1.40194 120 DG A N1    
183 C C2    . DG A 9  ? 5.71988 5.47653 4.43403 -0.15211 2.10364  -1.26043 120 DG A C2    
184 N N2    . DG A 9  ? 5.75715 5.59373 4.38369 0.02188  2.12123  -1.15143 120 DG A N2    
185 N N3    . DG A 9  ? 5.67766 5.10611 4.35875 -0.33091 2.08627  -1.22989 120 DG A N3    
186 C C4    . DG A 9  ? 5.63767 5.05038 4.43045 -0.49192 2.07036  -1.34834 120 DG A C4    
187 P P     . DT A 10 ? 5.85331 3.67473 4.49597 -1.06593 2.29761  -0.97217 121 DT A P     
188 O OP1   . DT A 10 ? 5.89229 3.42239 4.40407 -1.04671 2.29454  -0.85204 121 DT A OP1   
189 O OP2   . DT A 10 ? 5.84023 3.56801 4.58453 -1.24513 2.32953  -1.04574 121 DT A OP2   
190 O "O5'" . DT A 10 ? 5.92082 4.05317 4.61129 -0.86601 2.34720  -0.98758 121 DT A "O5'" 
191 C "C5'" . DT A 10 ? 5.97872 4.14257 4.58550 -0.69299 2.36788  -0.88005 121 DT A "C5'" 
192 C "C4'" . DT A 10 ? 5.95470 4.48608 4.57064 -0.51923 2.32985  -0.91322 121 DT A "C4'" 
193 O "O4'" . DT A 10 ? 5.91792 4.69942 4.65451 -0.54725 2.31278  -1.05855 121 DT A "O4'" 
194 C "C3'" . DT A 10 ? 6.03122 4.75900 4.64665 -0.31441 2.38668  -0.84479 121 DT A "C3'" 
195 O "O3'" . DT A 10 ? 6.02450 4.74754 4.52943 -0.20613 2.34874  -0.74772 121 DT A "O3'" 
196 C "C2'" . DT A 10 ? 6.02187 5.15293 4.75495 -0.21804 2.38728  -0.96405 121 DT A "C2'" 
197 C "C1'" . DT A 10 ? 5.93499 5.06888 4.69654 -0.35737 2.30857  -1.08529 121 DT A "C1'" 
198 N N1    . DT A 10 ? 5.91459 5.31870 4.82511 -0.37971 2.30262  -1.24337 121 DT A N1    
199 C C2    . DT A 10 ? 5.93949 5.71786 4.91939 -0.21019 2.31350  -1.29408 121 DT A C2    
200 O O2    . DT A 10 ? 5.98036 5.89636 4.90893 -0.03216 2.33630  -1.21001 121 DT A O2    
201 N N3    . DT A 10 ? 5.91131 5.90977 5.03892 -0.26352 2.29554  -1.44929 121 DT A N3    
202 C C4    . DT A 10 ? 5.85944 5.74600 5.07019 -0.46372 2.26697  -1.55500 121 DT A C4    
203 O O4    . DT A 10 ? 5.83269 5.94548 5.18929 -0.50369 2.24594  -1.69667 121 DT A O4    
204 C C5    . DT A 10 ? 5.83427 5.33362 4.96156 -0.62635 2.26131  -1.48598 121 DT A C5    
205 C C7    . DT A 10 ? 5.77326 5.13750 4.98943 -0.84673 2.23703  -1.57666 121 DT A C7    
206 C C6    . DT A 10 ? 5.86274 5.14462 4.84569 -0.57734 2.27798  -1.33759 121 DT A C6    
207 P P     . DC A 11 ? 6.22003 4.60263 4.62267 -0.22224 2.37396  -0.60166 122 DC A P     
208 O OP1   . DC A 11 ? 6.21312 4.70197 4.53662 -0.07579 2.33729  -0.52030 122 DC A OP1   
209 O OP2   . DC A 11 ? 6.18673 4.21924 4.55640 -0.42258 2.34891  -0.61060 122 DC A OP2   
210 O "O5'" . DC A 11 ? 6.32670 4.69867 4.78855 -0.16759 2.47834  -0.56061 122 DC A "O5'" 
211 C "C5'" . DC A 11 ? 6.39434 4.88940 4.84192 0.00624  2.52000  -0.46745 122 DC A "C5'" 
212 C "C4'" . DC A 11 ? 6.45444 5.20157 5.02248 0.09879  2.59692  -0.50147 122 DC A "C4'" 
213 O "O4'" . DC A 11 ? 6.39607 5.35217 5.06185 0.04646  2.57626  -0.64282 122 DC A "O4'" 
214 C "C3'" . DC A 11 ? 6.55028 5.07120 5.15096 0.04356  2.68749  -0.45866 122 DC A "C3'" 
215 O "O3'" . DC A 11 ? 6.62049 5.38766 5.30939 0.19225  2.75814  -0.43442 122 DC A "O3'" 
216 C "C2'" . DC A 11 ? 6.50969 4.97147 5.17943 -0.12024 2.68395  -0.57564 122 DC A "C2'" 
217 C "C1'" . DC A 11 ? 6.44532 5.31611 5.19986 -0.03453 2.64725  -0.67739 122 DC A "C1'" 
218 N N1    . DC A 11 ? 6.37729 5.27758 5.20358 -0.17640 2.61261  -0.81478 122 DC A N1    
219 C C2    . DC A 11 ? 6.34432 5.61176 5.28762 -0.10916 2.60139  -0.92857 122 DC A C2    
220 O O2    . DC A 11 ? 6.36984 5.93858 5.35149 0.07258  2.62089  -0.90875 122 DC A O2    
221 N N3    . DC A 11 ? 6.28554 5.57063 5.30506 -0.24902 2.56716  -1.05984 122 DC A N3    
222 C C4    . DC A 11 ? 6.25685 5.22015 5.23972 -0.44539 2.54772  -1.07146 122 DC A C4    
223 N N4    . DC A 11 ? 6.19661 5.19559 5.26894 -0.58462 2.51372  -1.20060 122 DC A N4    
224 C C5    . DC A 11 ? 6.28925 4.88496 5.15153 -0.51025 2.56087  -0.95361 122 DC A C5    
225 C C6    . DC A 11 ? 6.35077 4.92437 5.13900 -0.37263 2.59221  -0.83232 122 DC A C6    
226 P P     . DA A 12 ? 6.58547 5.23396 5.23902 0.30083  2.82707  -0.29385 123 DA A P     
227 O OP1   . DA A 12 ? 6.57410 5.46209 5.20266 0.46811  2.79443  -0.24010 123 DA A OP1   
228 O OP2   . DA A 12 ? 6.62670 4.83026 5.18381 0.17281  2.83597  -0.23681 123 DA A OP2   
229 O "O5'" . DA A 12 ? 6.66482 5.46772 5.45485 0.35577  2.92297  -0.31086 123 DA A "O5'" 
230 C "C5'" . DA A 12 ? 6.62832 5.54146 5.52647 0.27090  2.93458  -0.43002 123 DA A "C5'" 
231 C "C4'" . DA A 12 ? 6.55554 5.91676 5.55450 0.37350  2.89760  -0.52325 123 DA A "C4'" 
232 O "O4'" . DA A 12 ? 6.45431 5.81130 5.44545 0.24636  2.82387  -0.63986 123 DA A "O4'" 
233 C "C3'" . DA A 12 ? 6.59047 6.22593 5.75883 0.44040  2.96477  -0.57464 123 DA A "C3'" 
234 O "O3'" . DA A 12 ? 6.54579 6.62082 5.79899 0.59330  2.93556  -0.62229 123 DA A "O3'" 
235 C "C2'" . DA A 12 ? 6.54507 6.07085 5.76454 0.26212  2.95613  -0.69117 123 DA A "C2'" 
236 C "C1'" . DA A 12 ? 6.44429 5.91151 5.56954 0.17857  2.85406  -0.74823 123 DA A "C1'" 
237 N N9    . DA A 12 ? 6.41343 5.55729 5.50043 -0.03602 2.83161  -0.79919 123 DA A N9    
238 C C8    . DA A 12 ? 6.44992 5.18490 5.42968 -0.15301 2.84187  -0.72615 123 DA A C8    
239 N N7    . DA A 12 ? 6.40699 4.93225 5.38381 -0.34120 2.81407  -0.79778 123 DA A N7    
240 C C5    . DA A 12 ? 6.33897 5.14680 5.43065 -0.35403 2.78450  -0.92709 123 DA A C5    
241 C C6    . DA A 12 ? 6.27093 5.04494 5.42601 -0.52186 2.74642  -1.05076 123 DA A C6    
242 N N6    . DA A 12 ? 6.25832 4.69203 5.36489 -0.71116 2.73428  -1.05602 123 DA A N6    
243 N N1    . DA A 12 ? 6.21810 5.32635 5.49696 -0.48966 2.71991  -1.17254 123 DA A N1    
244 C C2    . DA A 12 ? 6.23276 5.68933 5.56400 -0.29672 2.73131  -1.16853 123 DA A C2    
245 N N3    . DA A 12 ? 6.29182 5.82666 5.57263 -0.12265 2.76856  -1.05216 123 DA A N3    
246 C C4    . DA A 12 ? 6.34343 5.53373 5.50380 -0.16555 2.79394  -0.93381 123 DA A C4    
247 P P     . DC B 1  ? 7.36512 3.40034 7.35936 0.06021  2.91526  -1.15981 131 DC B P     
248 O OP1   . DC B 1  ? 7.48088 3.39345 7.31100 0.06166  2.96357  -1.11167 131 DC B OP1   
249 O OP2   . DC B 1  ? 7.35588 3.39092 7.36231 0.14093  2.88416  -1.12160 131 DC B OP2   
250 O "O5'" . DC B 1  ? 7.18930 3.38678 7.38194 0.02900  2.91833  -1.17342 131 DC B "O5'" 
251 C "C5'" . DC B 1  ? 7.16100 3.36776 7.35342 0.01165  2.96486  -1.13540 131 DC B "C5'" 
252 C "C4'" . DC B 1  ? 7.02973 3.33386 7.34801 0.06373  2.96784  -1.07190 131 DC B "C4'" 
253 O "O4'" . DC B 1  ? 6.88569 3.34051 7.39934 0.03838  2.92777  -1.12762 131 DC B "O4'" 
254 C "C3'" . DC B 1  ? 7.05288 3.31454 7.32517 0.16061  2.96099  -0.98934 131 DC B "C3'" 
255 O "O3'" . DC B 1  ? 6.97943 3.28431 7.30090 0.20033  2.98810  -0.91060 131 DC B "O3'" 
256 C "C2'" . DC B 1  ? 6.97256 3.32330 7.37332 0.17217  2.90441  -1.03260 131 DC B "C2'" 
257 C "C1'" . DC B 1  ? 6.83396 3.32617 7.41120 0.10880  2.89316  -1.09096 131 DC B "C1'" 
258 N N1    . DC B 1  ? 6.77235 3.35145 7.46727 0.07890  2.83898  -1.17499 131 DC B N1    
259 C C2    . DC B 1  ? 6.61958 3.34752 7.50763 0.06989  2.80810  -1.19986 131 DC B C2    
260 O O2    . DC B 1  ? 6.53632 3.32039 7.49612 0.08780  2.82576  -1.14874 131 DC B O2    
261 N N3    . DC B 1  ? 6.56950 3.37572 7.56023 0.04322  2.75661  -1.27971 131 DC B N3    
262 C C4    . DC B 1  ? 6.66308 3.40566 7.57237 0.02402  2.73782  -1.33203 131 DC B C4    
263 N N4    . DC B 1  ? 6.61007 3.43601 7.62569 -0.00161 2.68612  -1.41028 131 DC B N4    
264 C C5    . DC B 1  ? 6.81842 3.40808 7.53213 0.03096  2.76858  -1.30689 131 DC B C5    
265 C C6    . DC B 1  ? 6.86849 3.38123 7.48094 0.05867  2.81779  -1.22967 131 DC B C6    
266 P P     . DA B 2  ? 7.13576 3.37603 7.36864 0.29784  3.00425  -0.80394 132 DA B P     
267 O OP1   . DA B 2  ? 7.05160 3.34961 7.34884 0.31756  3.03457  -0.73557 132 DA B OP1   
268 O OP2   . DA B 2  ? 7.30698 3.39295 7.33458 0.31481  3.02342  -0.79068 132 DA B OP2   
269 O "O5'" . DA B 2  ? 7.07986 3.37902 7.40331 0.34454  2.95334  -0.80739 132 DA B "O5'" 
270 C "C5'" . DA B 2  ? 6.97261 3.35895 7.41068 0.39671  2.94400  -0.74602 132 DA B "C5'" 
271 C "C4'" . DA B 2  ? 6.81727 3.34700 7.45101 0.34930  2.92223  -0.78931 132 DA B "C4'" 
272 O "O4'" . DA B 2  ? 6.80295 3.36899 7.49304 0.28608  2.88630  -0.89476 132 DA B "O4'" 
273 C "C3'" . DA B 2  ? 6.70133 3.33153 7.47857 0.39717  2.88983  -0.74975 132 DA B "C3'" 
274 O "O3'" . DA B 2  ? 6.57318 3.31377 7.49540 0.36587  2.89077  -0.75255 132 DA B "O3'" 
275 C "C2'" . DA B 2  ? 6.68836 3.34961 7.52561 0.38665  2.83337  -0.82324 132 DA B "C2'" 
276 C "C1'" . DA B 2  ? 6.70368 3.36916 7.54046 0.30180  2.83298  -0.91973 132 DA B "C1'" 
277 N N9    . DA B 2  ? 6.75818 3.39746 7.56947 0.27872  2.79557  -0.99753 132 DA B N9    
278 C C8    . DA B 2  ? 6.90012 3.41648 7.54891 0.27581  2.80592  -1.01356 132 DA B C8    
279 N N7    . DA B 2  ? 6.91886 3.44205 7.58555 0.24790  2.76480  -1.09084 132 DA B N7    
280 C C5    . DA B 2  ? 6.77895 3.44122 7.63350 0.23242  2.72454  -1.12966 132 DA B C5    
281 C C6    . DA B 2  ? 6.72554 3.46524 7.68867 0.20364  2.66910  -1.21286 132 DA B C6    
282 N N6    . DA B 2  ? 6.80946 3.49478 7.70459 0.18283  2.64560  -1.27279 132 DA B N6    
283 N N1    . DA B 2  ? 6.58441 3.45986 7.72859 0.19763  2.63642  -1.23223 132 DA B N1    
284 C C2    . DA B 2  ? 6.50359 3.43051 7.71437 0.21788  2.65769  -1.17132 132 DA B C2    
285 N N3    . DA B 2  ? 6.53943 3.40578 7.66419 0.24361  2.71001  -1.09062 132 DA B N3    
286 C C4    . DA B 2  ? 6.67957 3.41343 7.62486 0.25049  2.74193  -1.07387 132 DA B C4    
287 P P     . DC B 3  ? 6.64126 3.40893 7.59027 0.41110  2.92219  -0.64985 133 DC B P     
288 O OP1   . DC B 3  ? 6.56458 3.39639 7.59223 0.35405  2.94102  -0.67221 133 DC B OP1   
289 O OP2   . DC B 3  ? 6.76388 3.41332 7.53931 0.46758  2.96170  -0.57247 133 DC B OP2   
290 O "O5'" . DC B 3  ? 6.53781 3.39994 7.63092 0.45700  2.87478  -0.62216 133 DC B "O5'" 
291 C "C5'" . DC B 3  ? 6.48291 3.41069 7.68448 0.43544  2.81683  -0.69951 133 DC B "C5'" 
292 C "C4'" . DC B 3  ? 6.52320 3.41865 7.69610 0.49798  2.78729  -0.67041 133 DC B "C4'" 
293 O "O4'" . DC B 3  ? 6.56794 3.44075 7.72193 0.47070  2.75251  -0.75658 133 DC B "O4'" 
294 C "C3'" . DC B 3  ? 6.64283 3.42422 7.64596 0.55960  2.82770  -0.58748 133 DC B "C3'" 
295 O "O3'" . DC B 3  ? 6.59617 3.41070 7.63532 0.61639  2.84265  -0.48698 133 DC B "O3'" 
296 C "C2'" . DC B 3  ? 6.72092 3.44490 7.66055 0.58645  2.79562  -0.61637 133 DC B "C2'" 
297 C "C1'" . DC B 3  ? 6.64559 3.44981 7.71595 0.53139  2.74147  -0.71957 133 DC B "C1'" 
298 N N1    . DC B 3  ? 6.73853 3.47454 7.72301 0.50411  2.72391  -0.79698 133 DC B N1    
299 C C2    . DC B 3  ? 6.68561 3.48650 7.77666 0.47523  2.66690  -0.87946 133 DC B C2    
300 O O2    . DC B 3  ? 6.56519 3.47604 7.81705 0.47411  2.63125  -0.88748 133 DC B O2    
301 N N3    . DC B 3  ? 6.77063 3.51124 7.78451 0.44970  2.65036  -0.94802 133 DC B N3    
302 C C4    . DC B 3  ? 6.90486 3.52213 7.74203 0.45214  2.68698  -0.93590 133 DC B C4    
303 N N4    . DC B 3  ? 6.98769 3.54728 7.75402 0.42484  2.66662  -1.00453 133 DC B N4    
304 C C5    . DC B 3  ? 6.96297 3.51005 7.68732 0.48305  2.74373  -0.85312 133 DC B C5    
305 C C6    . DC B 3  ? 6.87629 3.48733 7.67937 0.50933  2.76072  -0.78543 133 DC B C6    
306 P P     . DA B 4  ? 6.25926 3.14609 7.41525 0.66949  2.79923  -0.44387 134 DA B P     
307 O OP1   . DA B 4  ? 6.15520 3.12519 7.41927 0.67395  2.80970  -0.38553 134 DA B OP1   
308 O OP2   . DA B 4  ? 6.36240 3.16629 7.39659 0.73532  2.80662  -0.39203 134 DA B OP2   
309 O "O5'" . DA B 4  ? 6.18768 3.14731 7.47638 0.62905  2.73357  -0.54295 134 DA B "O5'" 
310 C "C5'" . DA B 4  ? 6.05417 3.13225 7.52644 0.62512  2.68972  -0.54609 134 DA B "C5'" 
311 C "C4'" . DA B 4  ? 6.03497 3.14102 7.57764 0.64443  2.62751  -0.58187 134 DA B "C4'" 
312 O "O4'" . DA B 4  ? 6.11573 3.16162 7.57838 0.61686  2.61526  -0.66391 134 DA B "O4'" 
313 C "C3'" . DA B 4  ? 6.06788 3.14474 7.57817 0.72165  2.62356  -0.49390 134 DA B "C3'" 
314 O "O3'" . DA B 4  ? 5.96989 3.13623 7.63784 0.73603  2.56506  -0.49319 134 DA B "O3'" 
315 C "C2'" . DA B 4  ? 6.19357 3.16754 7.56189 0.73842  2.62490  -0.52222 134 DA B "C2'" 
316 C "C1'" . DA B 4  ? 6.18215 3.17374 7.58575 0.66898  2.59520  -0.64198 134 DA B "C1'" 
317 N N9    . DA B 4  ? 6.30847 3.19408 7.55633 0.65582  2.61384  -0.68419 134 DA B N9    
318 C C8    . DA B 4  ? 6.41516 3.20080 7.49896 0.66435  2.67042  -0.64814 134 DA B C8    
319 N N7    . DA B 4  ? 6.51950 3.22018 7.48749 0.64627  2.67073  -0.70208 134 DA B N7    
320 C C5    . DA B 4  ? 6.47640 3.22762 7.54012 0.62417  2.61167  -0.77879 134 DA B C5    
321 C C6    . DA B 4  ? 6.54135 3.24926 7.55828 0.59773  2.58165  -0.86024 134 DA B C6    
322 N N6    . DA B 4  ? 6.67088 3.26637 7.52423 0.58833  2.60791  -0.87687 134 DA B N6    
323 N N1    . DA B 4  ? 6.47066 3.25438 7.61488 0.58155  2.52112  -0.92360 134 DA B N1    
324 C C2    . DA B 4  ? 6.34625 3.23786 7.65147 0.59194  2.49114  -0.90654 134 DA B C2    
325 N N3    . DA B 4  ? 6.27630 3.21576 7.64076 0.61494  2.51325  -0.83251 134 DA B N3    
326 C C4    . DA B 4  ? 6.34646 3.21200 7.58313 0.63007  2.57542  -0.77023 134 DA B C4    
327 P P     . DC B 5  ? 5.54732 2.80122 7.34127 0.75634  2.56125  -0.41508 135 DC B P     
328 O OP1   . DC B 5  ? 5.44858 2.79375 7.41142 0.74835  2.48847  -0.45457 135 DC B OP1   
329 O OP2   . DC B 5  ? 5.52127 2.78865 7.30527 0.72240  2.60746  -0.40253 135 DC B OP2   
330 O "O5'" . DC B 5  ? 5.60809 2.81249 7.31887 0.83357  2.58964  -0.29846 135 DC B "O5'" 
331 C "C5'" . DC B 5  ? 5.67583 2.83106 7.33240 0.87722  2.56825  -0.29038 135 DC B "C5'" 
332 C "C4'" . DC B 5  ? 5.71563 2.84680 7.31399 0.94933  2.59906  -0.16917 135 DC B "C4'" 
333 O "O4'" . DC B 5  ? 5.82388 2.86441 7.24646 0.96862  2.66589  -0.12979 135 DC B "O4'" 
334 C "C3'" . DC B 5  ? 5.61713 2.83483 7.33297 0.96424  2.59893  -0.08822 135 DC B "C3'" 
335 O "O3'" . DC B 5  ? 5.59335 2.84464 7.37820 1.01162  2.56212  -0.03230 135 DC B "O3'" 
336 C "C2'" . DC B 5  ? 5.67090 2.84695 7.27025 0.98954  2.67238  -0.00388 135 DC B "C2'" 
337 C "C1'" . DC B 5  ? 5.79197 2.86036 7.21822 0.97941  2.70958  -0.05046 135 DC B "C1'" 
338 N N1    . DC B 5  ? 5.79007 2.84362 7.18331 0.92137  2.74076  -0.10140 135 DC B N1    
339 C C2    . DC B 5  ? 5.76469 2.83631 7.15050 0.92056  2.78625  -0.03936 135 DC B C2    
340 O O2    . DC B 5  ? 5.74019 2.84530 7.15124 0.96671  2.79987  0.05691  135 DC B O2    
341 N N3    . DC B 5  ? 5.76917 2.82211 7.12088 0.86832  2.81357  -0.08595 135 DC B N3    
342 C C4    . DC B 5  ? 5.79810 2.81877 7.12339 0.81781  2.79895  -0.18712 135 DC B C4    
343 N N4    . DC B 5  ? 5.80406 2.80811 7.09591 0.76621  2.82823  -0.22677 135 DC B N4    
344 C C5    . DC B 5  ? 5.82447 2.82887 7.15580 0.81734  2.75370  -0.25085 135 DC B C5    
345 C C6    . DC B 5  ? 5.82009 2.83938 7.18379 0.87010  2.72601  -0.20589 135 DC B C6    
346 P P     . DC B 6  ? 5.69727 3.06071 7.66979 1.00891  2.51844  0.00737  136 DC B P     
347 O OP1   . DC B 6  ? 5.70027 3.07733 7.71413 1.06035  2.48270  0.06516  136 DC B OP1   
348 O OP2   . DC B 6  ? 5.61266 3.03323 7.70175 0.94406  2.47493  -0.09462 136 DC B OP2   
349 O "O5'" . DC B 6  ? 5.68004 3.06223 7.62862 1.02080  2.57713  0.10006  136 DC B "O5'" 
350 C "C5'" . DC B 6  ? 5.69755 3.08832 7.62389 1.08045  2.60195  0.22109  136 DC B "C5'" 
351 C "C4'" . DC B 6  ? 5.62396 3.07868 7.61564 1.07234  2.62593  0.28723  136 DC B "C4'" 
352 O "O4'" . DC B 6  ? 5.65123 3.06733 7.55731 1.03847  2.67797  0.25643  136 DC B "O4'" 
353 C "C3'" . DC B 6  ? 5.49429 3.04803 7.67751 1.03633  2.56501  0.26265  136 DC B "C3'" 
354 O "O3'" . DC B 6  ? 5.44040 3.05632 7.69104 1.06119  2.57217  0.36758  136 DC B "O3'" 
355 C "C2'" . DC B 6  ? 5.46040 3.01820 7.65588 0.97184  2.57381  0.17269  136 DC B "C2'" 
356 C "C1'" . DC B 6  ? 5.55237 3.03216 7.57812 0.98056  2.65331  0.20033  136 DC B "C1'" 
357 N N1    . DC B 6  ? 5.59017 3.01918 7.54807 0.93006  2.66634  0.09638  136 DC B N1    
358 C C2    . DC B 6  ? 5.60332 3.00971 7.49805 0.90015  2.71780  0.09237  136 DC B C2    
359 O O2    . DC B 6  ? 5.58256 3.01079 7.47752 0.91731  2.75236  0.17433  136 DC B O2    
360 N N3    . DC B 6  ? 5.64022 3.00183 7.47529 0.85159  2.72762  -0.00122 136 DC B N3    
361 C C4    . DC B 6  ? 5.66179 3.00503 7.50000 0.83316  2.68888  -0.08783 136 DC B C4    
362 N N4    . DC B 6  ? 5.69938 3.00249 7.47876 0.78297  2.70039  -0.17610 136 DC B N4    
363 C C5    . DC B 6  ? 5.64773 3.01326 7.54963 0.86430  2.63587  -0.08684 136 DC B C5    
364 C C6    . DC B 6  ? 5.61267 3.01897 7.57228 0.91178  2.62638  0.00606  136 DC B C6    
365 P P     . DG B 7  ? 5.46515 3.17884 7.90916 1.05479  2.49621  0.38533  137 DG B P     
366 O OP1   . DG B 7  ? 5.44724 3.20494 7.91561 1.09605  2.51425  0.51551  137 DG B OP1   
367 O OP2   . DG B 7  ? 5.47418 3.17710 7.95818 1.05713  2.43452  0.32314  137 DG B OP2   
368 O "O5'" . DG B 7  ? 5.37391 3.13888 7.91887 0.99035  2.47534  0.30895  137 DG B "O5'" 
369 C "C5'" . DG B 7  ? 5.28854 3.12762 7.93630 0.98032  2.46915  0.36548  137 DG B "C5'" 
370 C "C4'" . DG B 7  ? 5.31053 3.12626 7.86874 0.96979  2.54376  0.39454  137 DG B "C4'" 
371 O "O4'" . DG B 7  ? 5.37874 3.12003 7.81880 0.94349  2.57925  0.30901  137 DG B "O4'" 
372 C "C3'" . DG B 7  ? 5.21458 3.09809 7.88048 0.92828  2.53311  0.38648  137 DG B "C3'" 
373 O "O3'" . DG B 7  ? 5.24096 3.10670 7.82330 0.93796  2.60341  0.45592  137 DG B "O3'" 
374 C "C2'" . DG B 7  ? 5.20410 3.07282 7.87623 0.87230  2.51777  0.25427  137 DG B "C2'" 
375 C "C1'" . DG B 7  ? 5.32053 3.09038 7.81250 0.88580  2.57807  0.24001  137 DG B "C1'" 
376 N N9    . DG B 7  ? 5.35091 3.08266 7.80737 0.84748  2.56514  0.12108  137 DG B N9    
377 C C8    . DG B 7  ? 5.36466 3.08782 7.84505 0.84843  2.51499  0.05651  137 DG B C8    
378 N N7    . DG B 7  ? 5.39584 3.08482 7.82896 0.80833  2.51743  -0.04507 137 DG B N7    
379 C C5    . DG B 7  ? 5.40617 3.07659 7.77731 0.77901  2.57347  -0.04617 137 DG B C5    
380 C C6    . DG B 7  ? 5.43993 3.07351 7.74270 0.72895  2.60088  -0.13085 137 DG B C6    
381 O O6    . DG B 7  ? 5.46755 3.08022 7.75059 0.69912  2.58122  -0.22506 137 DG B O6    
382 N N1    . DG B 7  ? 5.44232 3.06439 7.69651 0.71310  2.65647  -0.09571 137 DG B N1    
383 C C2    . DG B 7  ? 5.41397 3.05962 7.68453 0.74243  2.68200  0.00666  137 DG B C2    
384 N N2    . DG B 7  ? 5.42292 3.05077 7.63898 0.72140  2.73455  0.02582  137 DG B N2    
385 N N3    . DG B 7  ? 5.38124 3.06582 7.71675 0.78843  2.65734  0.08670  137 DG B N3    
386 C C4    . DG B 7  ? 5.37970 3.07377 7.76265 0.80386  2.60335  0.05508  137 DG B C4    
387 P P     . DT B 8  ? 5.42723 3.36964 8.10924 0.92891  2.60334  0.52568  138 DT B P     
388 O OP1   . DT B 8  ? 5.48094 3.40111 8.05988 0.96975  2.67169  0.63442  138 DT B OP1   
389 O OP2   . DT B 8  ? 5.34144 3.36250 8.18831 0.92771  2.52328  0.53421  138 DT B OP2   
390 O "O5'" . DT B 8  ? 5.39023 3.33394 8.08596 0.86755  2.61548  0.43816  138 DT B "O5'" 
391 C "C5'" . DT B 8  ? 5.29436 3.30555 8.13845 0.82443  2.55292  0.37004  138 DT B "C5'" 
392 C "C4'" . DT B 8  ? 5.29102 3.28330 8.10794 0.76887  2.57311  0.27013  138 DT B "C4'" 
393 O "O4'" . DT B 8  ? 5.37274 3.29252 8.08007 0.76327  2.59043  0.19889  138 DT B "O4'" 
394 C "C3'" . DT B 8  ? 5.19750 3.26065 8.16150 0.72231  2.50825  0.18326  138 DT B "C3'" 
395 O "O3'" . DT B 8  ? 5.12192 3.24516 8.17311 0.70885  2.50418  0.22660  138 DT B "O3'" 
396 C "C2'" . DT B 8  ? 5.23327 3.25547 8.12632 0.67587  2.53418  0.07516  138 DT B "C2'" 
397 C "C1'" . DT B 8  ? 5.34688 3.27616 8.08061 0.70525  2.57909  0.08714  138 DT B "C1'" 
398 N N1    . DT B 8  ? 5.37476 3.28525 8.10528 0.69620  2.53999  -0.00297 138 DT B N1    
399 C C2    . DT B 8  ? 5.42279 3.28837 8.07409 0.65707  2.56362  -0.09325 138 DT B C2    
400 O O2    . DT B 8  ? 5.44597 3.28292 8.02747 0.62884  2.61514  -0.10311 138 DT B O2    
401 N N3    . DT B 8  ? 5.44517 3.30010 8.10146 0.65084  2.52354  -0.17113 138 DT B N3    
402 C C4    . DT B 8  ? 5.42580 3.30645 8.15552 0.68003  2.46276  -0.16940 138 DT B C4    
403 O O4    . DT B 8  ? 5.45021 3.31756 8.17676 0.67126  2.42955  -0.24473 138 DT B O4    
404 C C5    . DT B 8  ? 5.37700 3.30126 8.18719 0.72012  2.43999  -0.07155 138 DT B C5    
405 C C7    . DT B 8  ? 5.35616 3.30802 8.24973 0.75277  2.37254  -0.05773 138 DT B C7    
406 C C6    . DT B 8  ? 5.35352 3.29239 8.16109 0.72566  2.47940  0.00658  138 DT B C6    
407 O "O5'" . DC C 1  ? 4.55025 8.50734 5.38742 2.11891  -0.40965 -1.49048 200 DC D "O5'" 
408 C "C5'" . DC C 1  ? 4.55945 8.57199 5.43300 2.12852  -0.42848 -1.49526 200 DC D "C5'" 
409 C "C4'" . DC C 1  ? 4.58950 8.55229 5.52434 2.14668  -0.46996 -1.54581 200 DC D "C4'" 
410 O "O4'" . DC C 1  ? 4.59887 8.54966 5.55496 2.14173  -0.47258 -1.59108 200 DC D "O4'" 
411 C "C3'" . DC C 1  ? 4.61246 8.41003 5.51850 2.17320  -0.49787 -1.53289 200 DC D "C3'" 
412 O "O3'" . DC C 1  ? 4.63401 8.45141 5.58321 2.19299  -0.53496 -1.54015 200 DC D "O3'" 
413 C "C2'" . DC C 1  ? 4.63346 8.33449 5.55093 2.17918  -0.51335 -1.57496 200 DC D "C2'" 
414 C "C1'" . DC C 1  ? 4.62941 8.46512 5.60572 2.16346  -0.50832 -1.62095 200 DC D "C1'" 
415 N N1    . DC C 1  ? 4.63823 8.42923 5.61589 2.15921  -0.50764 -1.65642 200 DC D N1    
416 C C2    . DC C 1  ? 4.67327 8.35276 5.66703 2.17948  -0.54053 -1.69211 200 DC D C2    
417 O O2    . DC C 1  ? 4.69961 8.31447 5.70375 2.20277  -0.57284 -1.69444 200 DC D O2    
418 N N3    . DC C 1  ? 4.68230 8.32763 5.67791 2.17509  -0.53910 -1.72418 200 DC D N3    
419 C C4    . DC C 1  ? 4.65906 8.37780 5.64435 2.15343  -0.51061 -1.72315 200 DC D C4    
420 N N4    . DC C 1  ? 4.67165 8.35832 5.66274 2.15150  -0.51376 -1.75741 200 DC D N4    
421 C C5    . DC C 1  ? 4.62742 8.45671 5.59411 2.13523  -0.48073 -1.68868 200 DC D C5    
422 C C6    . DC C 1  ? 4.61770 8.47881 5.58003 2.13804  -0.47855 -1.65576 200 DC D C6    
423 P P     . DT C 2  ? 4.66135 8.48704 5.69974 2.21092  -0.58359 -1.59973 201 DT D P     
424 O OP1   . DT C 2  ? 4.67343 8.62138 5.77383 2.19323  -0.56818 -1.64212 201 DT D OP1   
425 O OP2   . DT C 2  ? 4.66117 8.51159 5.73636 2.22853  -0.61902 -1.58732 201 DT D OP2   
426 O "O5'" . DT C 2  ? 4.70134 8.33884 5.70028 2.23495  -0.61097 -1.61707 201 DT D "O5'" 
427 C "C5'" . DT C 2  ? 4.70225 8.19316 5.62089 2.25381  -0.61479 -1.57703 201 DT D "C5'" 
428 C "C4'" . DT C 2  ? 4.74313 8.06210 5.62792 2.27290  -0.63299 -1.59886 201 DT D "C4'" 
429 O "O4'" . DT C 2  ? 4.72241 8.06324 5.62125 2.24947  -0.60623 -1.62348 201 DT D "O4'" 
430 C "C3'" . DT C 2  ? 4.74872 7.90058 5.53742 2.28956  -0.61815 -1.55207 201 DT D "C3'" 
431 O "O3'" . DT C 2  ? 4.82552 7.83718 5.58894 2.33119  -0.67166 -1.56515 201 DT D "O3'" 
432 C "C2'" . DT C 2  ? 4.72452 7.80827 5.49294 2.27070  -0.58151 -1.55492 201 DT D "C2'" 
433 C "C1'" . DT C 2  ? 4.73314 7.90900 5.57746 2.25858  -0.60010 -1.61569 201 DT D "C1'" 
434 N N1    . DT C 2  ? 4.69466 7.90693 5.54794 2.22894  -0.56324 -1.62360 201 DT D N1    
435 C C2    . DT C 2  ? 4.72485 7.85248 5.58639 2.23304  -0.57391 -1.66003 201 DT D C2    
436 O O2    . DT C 2  ? 4.78428 7.79820 5.63899 2.25983  -0.61001 -1.68498 201 DT D O2    
437 N N3    . DT C 2  ? 4.68950 7.86764 5.56437 2.20667  -0.54354 -1.66680 201 DT D N3    
438 C C4    . DT C 2  ? 4.63381 7.93108 5.51042 2.17966  -0.50821 -1.64278 201 DT D C4    
439 O O4    . DT C 2  ? 4.61391 7.94616 5.50153 2.16154  -0.48968 -1.65387 201 DT D O4    
440 C C5    . DT C 2  ? 4.60797 7.98376 5.46977 2.17692  -0.49767 -1.60471 201 DT D C5    
441 C C7    . DT C 2  ? 4.55769 8.05811 5.41137 2.15145  -0.46211 -1.57674 201 DT D C7    
442 C C6    . DT C 2  ? 4.63683 7.97059 5.49046 2.20024  -0.52389 -1.59703 201 DT D C6    
443 P P     . DG C 3  ? 4.64466 7.68800 5.42635 2.35951  -0.72550 -1.55982 202 DG D P     
444 O OP1   . DG C 3  ? 4.73738 7.97284 5.63058 2.34101  -0.74147 -1.58999 202 DG D OP1   
445 O OP2   . DG C 3  ? 4.64434 7.64041 5.34246 2.37017  -0.70139 -1.49788 202 DG D OP2   
446 O "O5'" . DG C 3  ? 4.73667 7.59589 5.49267 2.40530  -0.79452 -1.59355 202 DG D "O5'" 
447 C "C5'" . DG C 3  ? 4.76644 7.50266 5.49788 2.40795  -0.78952 -1.62308 202 DG D "C5'" 
448 C "C4'" . DG C 3  ? 4.79850 7.34549 5.41493 2.41858  -0.75165 -1.58092 202 DG D "C4'" 
449 O "O4'" . DG C 3  ? 4.72972 7.33526 5.35201 2.37595  -0.67671 -1.55906 202 DG D "O4'" 
450 C "C3'" . DG C 3  ? 4.82672 7.30267 5.35891 2.44422  -0.74923 -1.52568 202 DG D "C3'" 
451 O "O3'" . DG C 3  ? 4.93691 7.15684 5.35812 2.48869  -0.77601 -1.51830 202 DG D "O3'" 
452 C "C2'" . DG C 3  ? 4.75523 7.29464 5.26526 2.40837  -0.66323 -1.47462 202 DG D "C2'" 
453 C "C1'" . DG C 3  ? 4.73545 7.24793 5.27219 2.38028  -0.63005 -1.49793 202 DG D "C1'" 
454 N N9    . DG C 3  ? 4.65690 7.27612 5.21580 2.33656  -0.56162 -1.46758 202 DG D N9    
455 C C8    . DG C 3  ? 4.60012 7.35360 5.16233 2.31735  -0.52879 -1.42793 202 DG D C8    
456 N N7    . DG C 3  ? 4.54820 7.36123 5.12624 2.28226  -0.47670 -1.40831 202 DG D N7    
457 C C5    . DG C 3  ? 4.56709 7.28521 5.15955 2.27670  -0.47266 -1.43563 202 DG D C5    
458 C C6    . DG C 3  ? 4.53414 7.26348 5.15401 2.24607  -0.43094 -1.43198 202 DG D C6    
459 O O6    . DG C 3  ? 4.48366 7.30749 5.11813 2.21907  -0.39223 -1.40398 202 DG D O6    
460 N N1    . DG C 3  ? 4.57231 7.18680 5.20211 2.25128  -0.44098 -1.46608 202 DG D N1    
461 C C2    . DG C 3  ? 4.63910 7.13591 5.24714 2.28279  -0.48705 -1.49994 202 DG D C2    
462 N N2    . DG C 3  ? 4.67421 7.06717 5.29009 2.28272  -0.48821 -1.52944 202 DG D N2    
463 N N3    . DG C 3  ? 4.67573 7.15457 5.25530 2.31436  -0.53216 -1.50487 202 DG D N3    
464 C C4    . DG C 3  ? 4.63386 7.23131 5.21153 2.30886  -0.52165 -1.47178 202 DG D C4    
465 P P     . DA C 4  ? 4.88527 6.97699 5.22223 2.54380  -0.84206 -1.49692 203 DA D P     
466 O OP1   . DA C 4  ? 4.90521 7.07710 5.33227 2.55851  -0.93470 -1.54428 203 DA D OP1   
467 O OP2   . DA C 4  ? 4.84820 6.99746 5.14045 2.54072  -0.79506 -1.43555 203 DA D OP2   
468 O "O5'" . DA C 4  ? 5.02667 6.78482 5.21031 2.58239  -0.84796 -1.48966 203 DA D "O5'" 
469 C "C5'" . DA C 4  ? 5.09399 6.73526 5.28096 2.59265  -0.89353 -1.54116 203 DA D "C5'" 
470 C "C4'" . DA C 4  ? 5.07894 6.64443 5.24930 2.55966  -0.81616 -1.53938 203 DA D "C4'" 
471 O "O4'" . DA C 4  ? 4.93910 6.71895 5.19737 2.50858  -0.73766 -1.51809 203 DA D "O4'" 
472 C "C3'" . DA C 4  ? 5.19546 6.46179 5.20030 2.57332  -0.76683 -1.49471 203 DA D "C3'" 
473 O "O3'" . DA C 4  ? 5.22315 6.38541 5.22827 2.55203  -0.73903 -1.51670 203 DA D "O3'" 
474 C "C2'" . DA C 4  ? 5.10715 6.47279 5.11538 2.54512  -0.67453 -1.43566 203 DA D "C2'" 
475 C "C1'" . DA C 4  ? 4.95345 6.60493 5.12832 2.49607  -0.65381 -1.46330 203 DA D "C1'" 
476 N N9    . DA C 4  ? 4.84224 6.68976 5.06818 2.46529  -0.59960 -1.42423 203 DA D N9    
477 C C8    . DA C 4  ? 4.81517 6.76998 5.03543 2.47783  -0.61266 -1.39767 203 DA D C8    
478 N N7    . DA C 4  ? 4.71715 6.83958 4.98419 2.44073  -0.55513 -1.36527 203 DA D N7    
479 C C5    . DA C 4  ? 4.67744 6.80320 4.98873 2.40317  -0.50737 -1.37251 203 DA D C5    
480 C C6    . DA C 4  ? 4.58921 6.84295 4.95770 2.35733  -0.44681 -1.35066 203 DA D C6    
481 N N6    . DA C 4  ? 4.52552 6.92794 4.90762 2.33988  -0.41973 -1.31498 203 DA D N6    
482 N N1    . DA C 4  ? 4.57800 6.79316 4.98489 2.33215  -0.41858 -1.36669 203 DA D N1    
483 C C2    . DA C 4  ? 4.64784 6.71140 5.03540 2.34905  -0.44397 -1.40177 203 DA D C2    
484 N N3    . DA C 4  ? 4.73818 6.66451 5.06475 2.39023  -0.49915 -1.42436 203 DA D N3    
485 C C4    . DA C 4  ? 4.74898 6.71465 5.04081 2.41700  -0.53188 -1.40875 203 DA D C4    
486 P P     . DC C 5  ? 5.14123 5.95448 4.97896 2.55477  -0.68893 -1.48321 204 DC D P     
487 O OP1   . DC C 5  ? 5.24432 5.90218 5.05009 2.56567  -0.74397 -1.52935 204 DC D OP1   
488 O OP2   . DC C 5  ? 5.24154 5.87447 4.92495 2.58254  -0.67747 -1.42958 204 DC D OP2   
489 O "O5'" . DC C 5  ? 5.04179 5.93274 4.94714 2.50128  -0.57585 -1.45431 204 DC D "O5'" 
490 C "C5'" . DC C 5  ? 5.10793 5.80213 4.90624 2.48865  -0.48623 -1.39502 204 DC D "C5'" 
491 C "C4'" . DC C 5  ? 5.04028 5.77438 4.92218 2.44033  -0.39988 -1.38723 204 DC D "C4'" 
492 O "O4'" . DC C 5  ? 4.86836 5.91004 4.90159 2.41322  -0.38429 -1.38843 204 DC D "O4'" 
493 C "C3'" . DC C 5  ? 5.11146 5.63954 4.89990 2.42245  -0.29526 -1.32538 204 DC D "C3'" 
494 O "O3'" . DC C 5  ? 5.10922 5.58217 4.95006 2.38567  -0.23264 -1.33222 204 DC D "O3'" 
495 C "C2'" . DC C 5  ? 4.98942 5.72109 4.84418 2.41270  -0.25456 -1.28464 204 DC D "C2'" 
496 C "C1'" . DC C 5  ? 4.83365 5.87201 4.86271 2.39073  -0.29346 -1.32928 204 DC D "C1'" 
497 N N1    . DC C 5  ? 4.71915 5.99866 4.81156 2.38686  -0.30233 -1.31102 204 DC D N1    
498 C C2    . DC C 5  ? 4.59901 6.07047 4.80417 2.34644  -0.25712 -1.29776 204 DC D C2    
499 O O2    . DC C 5  ? 4.58528 6.03157 4.84521 2.31864  -0.21455 -1.30423 204 DC D O2    
500 N N3    . DC C 5  ? 4.51081 6.18328 4.75703 2.33922  -0.26401 -1.27902 204 DC D N3    
501 C C4    . DC C 5  ? 4.53091 6.22764 4.72084 2.37043  -0.30783 -1.27287 204 DC D C4    
502 N N4    . DC C 5  ? 4.44689 6.34207 4.67785 2.35862  -0.30768 -1.25342 204 DC D N4    
503 C C5    . DC C 5  ? 4.64802 6.15982 4.73285 2.41580  -0.35753 -1.28754 204 DC D C5    
504 C C6    . DC C 5  ? 4.74367 6.04362 4.77660 2.42242  -0.35497 -1.30593 204 DC D C6    
505 P P     . DG C 6  ? 5.11222 5.39556 4.89870 2.35690  -0.10957 -1.27433 205 DG D P     
506 O OP1   . DG C 6  ? 5.17274 5.31690 4.97093 2.32959  -0.07123 -1.29702 205 DG D OP1   
507 O OP2   . DG C 6  ? 5.24109 5.30874 4.85014 2.38084  -0.09674 -1.22690 205 DG D OP2   
508 O "O5'" . DG C 6  ? 4.94490 5.49101 4.88070 2.33226  -0.05825 -1.24877 205 DG D "O5'" 
509 C "C5'" . DG C 6  ? 4.83800 5.55504 4.92704 2.30026  -0.04301 -1.27627 205 DG D "C5'" 
510 C "C4'" . DG C 6  ? 4.76145 5.56482 4.93339 2.27250  0.04316  -1.23052 205 DG D "C4'" 
511 O "O4'" . DG C 6  ? 4.67916 5.65603 4.86556 2.28171  0.02552  -1.20052 205 DG D "O4'" 
512 C "C3'" . DG C 6  ? 4.86334 5.42658 4.96374 2.26279  0.14589  -1.18150 205 DG D "C3'" 
513 O "O3'" . DG C 6  ? 4.78753 5.44611 5.01796 2.23194  0.21664  -1.16501 205 DG D "O3'" 
514 C "C2'" . DG C 6  ? 4.89539 5.41778 4.88813 2.28827  0.14838  -1.13226 205 DG D "C2'" 
515 C "C1'" . DG C 6  ? 4.74175 5.57602 4.84075 2.28939  0.09506  -1.13837 205 DG D "C1'" 
516 N N9    . DG C 6  ? 4.74774 5.62427 4.76116 2.32209  0.04402  -1.12230 205 DG D N9    
517 C C8    . DG C 6  ? 4.86196 5.57384 4.72955 2.35912  -0.00444 -1.12847 205 DG D C8    
518 N N7    . DG C 6  ? 4.83477 5.64969 4.66513 2.38533  -0.04607 -1.11348 205 DG D N7    
519 C C5    . DG C 6  ? 4.69396 5.75598 4.64944 2.35969  -0.02180 -1.09580 205 DG D C5    
520 C C6    . DG C 6  ? 4.61262 5.87180 4.58874 2.36612  -0.04204 -1.07382 205 DG D C6    
521 O O6    . DG C 6  ? 4.64181 5.90944 4.53808 2.39943  -0.08471 -1.06645 205 DG D O6    
522 N N1    . DG C 6  ? 4.49573 5.95042 4.59568 2.32932  -0.00897 -1.06022 205 DG D N1    
523 C C2    . DG C 6  ? 4.46128 5.92306 4.65843 2.29557  0.03475  -1.06777 205 DG D C2    
524 N N2    . DG C 6  ? 4.36110 6.01081 4.66097 2.26705  0.05312  -1.05350 205 DG D N2    
525 N N3    . DG C 6  ? 4.52865 5.82111 4.71924 2.29088  0.05655  -1.08941 205 DG D N3    
526 C C4    . DG C 6  ? 4.64341 5.74041 4.70849 2.32192  0.02864  -1.10158 205 DG D C4    
527 P P     . DT C 7  ? 4.80084 5.25351 5.02225 2.21102  0.33736  -1.12560 206 DT D P     
528 O OP1   . DT C 7  ? 4.77763 5.25330 5.11556 2.18421  0.36957  -1.15789 206 DT D OP1   
529 O OP2   . DT C 7  ? 4.96300 5.12405 5.00497 2.22340  0.36157  -1.10518 206 DT D OP2   
530 O "O5'" . DT C 7  ? 4.71284 5.31238 5.00614 2.20704  0.38119  -1.07294 206 DT D "O5'" 
531 C "C5'" . DT C 7  ? 4.57654 5.43118 5.02722 2.19075  0.36656  -1.08117 206 DT D "C5'" 
532 C "C4'" . DT C 7  ? 4.50973 5.49489 4.98737 2.19406  0.38394  -1.03007 206 DT D "C4'" 
533 O "O4'" . DT C 7  ? 4.50965 5.53431 4.88021 2.22015  0.32166  -1.02102 206 DT D "O4'" 
534 C "C3'" . DT C 7  ? 4.57481 5.40677 5.03428 2.19108  0.48661  -0.97469 206 DT D "C3'" 
535 O "O3'" . DT C 7  ? 4.48206 5.49128 5.05873 2.18105  0.50994  -0.94314 206 DT D "O3'" 
536 C "C2'" . DT C 7  ? 4.65911 5.35757 4.94046 2.21993  0.47468  -0.94341 206 DT D "C2'" 
537 C "C1'" . DT C 7  ? 4.55979 5.48761 4.85099 2.23322  0.37750  -0.96081 206 DT D "C1'" 
538 N N1    . DT C 7  ? 4.62490 5.47421 4.75562 2.26727  0.32906  -0.95229 206 DT D N1    
539 C C2    . DT C 7  ? 4.54721 5.58850 4.67704 2.28060  0.27447  -0.94268 206 DT D C2    
540 O O2    . DT C 7  ? 4.43369 5.69677 4.67663 2.26247  0.26232  -0.94093 206 DT D O2    
541 N N3    . DT C 7  ? 4.61814 5.57440 4.60265 2.31576  0.23332  -0.93587 206 DT D N3    
542 C C4    . DT C 7  ? 4.76856 5.45485 4.59547 2.33963  0.23522  -0.93611 206 DT D C4    
543 O O4    . DT C 7  ? 4.83516 5.45440 4.53070 2.37488  0.18971  -0.92974 206 DT D O4    
544 C C5    . DT C 7  ? 4.85352 5.33278 4.67476 2.31895  0.29341  -0.94477 206 DT D C5    
545 C C7    . DT C 7  ? 5.03992 5.19348 4.67412 2.33416  0.29906  -0.94376 206 DT D C7    
546 C C6    . DT C 7  ? 4.77275 5.35046 4.75254 2.28399  0.34021  -0.95336 206 DT D C6    
547 P P     . DG C 8  ? 4.34168 5.29120 5.03018 2.16307  0.61259  -0.91505 207 DG D P     
548 O OP1   . DG C 8  ? 4.23457 5.41009 5.04651 2.15722  0.60289  -0.89212 207 DG D OP1   
549 O OP2   . DG C 8  ? 4.38431 5.22851 5.12597 2.14573  0.64226  -0.95718 207 DG D OP2   
550 O "O5'" . DG C 8  ? 4.45909 5.18296 5.01441 2.17638  0.68113  -0.86762 207 DG D "O5'" 
551 C "C5'" . DG C 8  ? 4.44491 5.21675 4.99481 2.18683  0.71391  -0.81026 207 DG D "C5'" 
552 C "C4'" . DG C 8  ? 4.37557 5.31834 4.86670 2.20629  0.63614  -0.79468 207 DG D "C4'" 
553 O "O4'" . DG C 8  ? 4.41918 5.29267 4.77453 2.22312  0.57264  -0.82168 207 DG D "O4'" 
554 C "C3'" . DG C 8  ? 4.40578 5.32810 4.80957 2.22683  0.66751  -0.72911 207 DG D "C3'" 
555 O "O3'" . DG C 8  ? 4.32673 5.41046 4.87126 2.21656  0.69155  -0.70410 207 DG D "O3'" 
556 C "C2'" . DG C 8  ? 4.37494 5.39722 4.67321 2.24832  0.58275  -0.73239 207 DG D "C2'" 
557 C "C1'" . DG C 8  ? 4.40499 5.35293 4.66086 2.24800  0.53075  -0.79102 207 DG D "C1'" 
558 N N9    . DG C 8  ? 4.53695 5.25818 4.59504 2.27538  0.52849  -0.77947 207 DG D N9    
559 C C8    . DG C 8  ? 4.67038 5.12386 4.63428 2.27388  0.56782  -0.78787 207 DG D C8    
560 N N7    . DG C 8  ? 4.79022 5.06228 4.55697 2.30198  0.54767  -0.77198 207 DG D N7    
561 C C5    . DG C 8  ? 4.72281 5.16635 4.46415 2.32652  0.49430  -0.75427 207 DG D C5    
562 C C6    . DG C 8  ? 4.80028 5.16560 4.36293 2.36511  0.45230  -0.73383 207 DG D C6    
563 O O6    . DG C 8  ? 4.95953 5.06294 4.33203 2.38595  0.44953  -0.72480 207 DG D O6    
564 N N1    . DG C 8  ? 4.68791 5.30137 4.29873 2.37732  0.40880  -0.72337 207 DG D N1    
565 C C2    . DG C 8  ? 4.53235 5.41798 4.32396 2.35128  0.40317  -0.72945 207 DG D C2    
566 N N2    . DG C 8  ? 4.45523 5.54062 4.25285 2.36222  0.36046  -0.71677 207 DG D N2    
567 N N3    . DG C 8  ? 4.46971 5.41532 4.41645 2.31645  0.43673  -0.74656 207 DG D N3    
568 C C4    . DG C 8  ? 4.56521 5.28915 4.48463 2.30762  0.48261  -0.75901 207 DG D C4    
569 P P     . DT C 9  ? 4.20367 5.17241 4.79189 2.21479  0.79254  -0.65979 208 DT D P     
570 O OP1   . DT C 9  ? 4.13089 5.21847 4.93497 2.19047  0.81166  -0.68597 208 DT D OP1   
571 O OP2   . DT C 9  ? 4.35209 5.03647 4.77962 2.22384  0.84628  -0.64571 208 DT D OP2   
572 O "O5'" . DT C 9  ? 4.18741 5.24759 4.72192 2.23691  0.79360  -0.59503 208 DT D "O5'" 
573 C "C5'" . DT C 9  ? 4.27611 5.20691 4.60210 2.26568  0.79963  -0.54886 208 DT D "C5'" 
574 C "C4'" . DT C 9  ? 4.20042 5.31580 4.47842 2.27943  0.71955  -0.54557 208 DT D "C4'" 
575 O "O4'" . DT C 9  ? 4.18744 5.30884 4.41464 2.27893  0.64864  -0.59908 208 DT D "O4'" 
576 C "C3'" . DT C 9  ? 4.27288 5.31697 4.37408 2.31250  0.73948  -0.47723 208 DT D "C3'" 
577 O "O3'" . DT C 9  ? 4.23418 5.39818 4.39848 2.31688  0.76609  -0.42873 208 DT D "O3'" 
578 C "C2'" . DT C 9  ? 4.22861 5.38288 4.25443 2.32413  0.65131  -0.50450 208 DT D "C2'" 
579 C "C1'" . DT C 9  ? 4.22398 5.32859 4.28725 2.30813  0.61330  -0.57519 208 DT D "C1'" 
580 N N1    . DT C 9  ? 4.37057 5.19403 4.25906 2.32713  0.63841  -0.56981 208 DT D N1    
581 C C2    . DT C 9  ? 4.44250 5.18721 4.14743 2.36069  0.60910  -0.54812 208 DT D C2    
582 O O2    . DT C 9  ? 4.38440 5.29033 4.07022 2.37558  0.56690  -0.53429 208 DT D O2    
583 N N3    . DT C 9  ? 4.59868 5.05517 4.13397 2.37539  0.63161  -0.54304 208 DT D N3    
584 C C4    . DT C 9  ? 4.68549 4.93469 4.21761 2.35543  0.68097  -0.55809 208 DT D C4    
585 O O4    . DT C 9  ? 4.84243 4.81930 4.19712 2.36514  0.69577  -0.54960 208 DT D O4    
586 C C5    . DT C 9  ? 4.59105 4.95633 4.33526 2.32033  0.71341  -0.58377 208 DT D C5    
587 C C7    . DT C 9  ? 4.67218 4.84328 4.44067 2.29517  0.77064  -0.60562 208 DT D C7    
588 C C6    . DT C 9  ? 4.44175 5.08198 4.35104 2.30994  0.68961  -0.58796 208 DT D C6    
589 P P     . DG C 10 ? 4.61927 6.08296 4.95409 2.29896  0.70487  -0.45348 209 DG D P     
590 O OP1   . DG C 10 ? 4.58152 6.17313 4.82057 2.31223  0.63822  -0.45007 209 DG D OP1   
591 O OP2   . DG C 10 ? 4.54415 6.09673 5.05739 2.26690  0.68058  -0.51672 209 DG D OP2   
592 O "O5'" . DG C 10 ? 4.63694 6.11444 5.02994 2.30844  0.76767  -0.39354 209 DG D "O5'" 
593 C "C5'" . DG C 10 ? 4.75378 6.05017 5.00394 2.33632  0.84048  -0.32153 209 DG D "C5'" 
594 C "C4'" . DG C 10 ? 4.79337 6.02037 5.14882 2.33351  0.91817  -0.29452 209 DG D "C4'" 
595 O "O4'" . DG C 10 ? 4.82220 5.92362 5.24881 2.31094  0.94975  -0.34082 209 DG D "O4'" 
596 C "C3'" . DG C 10 ? 4.69247 6.13911 5.24818 2.32330  0.89485  -0.30553 209 DG D "C3'" 
597 O "O3'" . DG C 10 ? 4.69186 6.23057 5.18790 2.34898  0.88853  -0.24669 209 DG D "O3'" 
598 C "C2'" . DG C 10 ? 4.74282 6.07976 5.41482 2.31626  0.97202  -0.30253 209 DG D "C2'" 
599 C "C1'" . DG C 10 ? 4.80030 5.95078 5.41291 2.30009  0.99197  -0.34391 209 DG D "C1'" 
600 N N9    . DG C 10 ? 4.72029 5.95519 5.50964 2.26807  0.96125  -0.42160 209 DG D N9    
601 C C8    . DG C 10 ? 4.70176 5.90725 5.46133 2.25147  0.91959  -0.47729 209 DG D C8    
602 N N7    . DG C 10 ? 4.63739 5.92349 5.56846 2.22585  0.90524  -0.53326 209 DG D N7    
603 C C5    . DG C 10 ? 4.60835 5.98855 5.70285 2.22510  0.93662  -0.51704 209 DG D C5    
604 C C6    . DG C 10 ? 4.54728 6.03491 5.86263 2.20532  0.93914  -0.55526 209 DG D C6    
605 O O6    . DG C 10 ? 4.50892 6.02313 5.90643 2.18382  0.91769  -0.60769 209 DG D O6    
606 N N1    . DG C 10 ? 4.54098 6.10552 5.97941 2.21631  0.97004  -0.52305 209 DG D N1    
607 C C2    . DG C 10 ? 4.59152 6.12725 5.93976 2.24408  0.99783  -0.45835 209 DG D C2    
608 N N2    . DG C 10 ? 4.58316 6.20546 6.07512 2.25535  1.02194  -0.43469 209 DG D N2    
609 N N3    . DG C 10 ? 4.65391 6.07942 5.78142 2.26276  1.00192  -0.41589 209 DG D N3    
610 C C4    . DG C 10 ? 4.65784 6.01112 5.67233 2.25150  0.96975  -0.44990 209 DG D C4    
611 P P     . DC C 11 ? 4.63888 6.42672 5.15186 2.34571  0.79476  -0.26768 210 DC D P     
612 O OP1   . DC C 11 ? 4.67830 6.43504 4.98992 2.36872  0.77922  -0.23233 210 DC D OP1   
613 O OP2   . DC C 11 ? 4.54993 6.44513 5.19119 2.31170  0.73521  -0.34781 210 DC D OP2   
614 O "O5'" . DC C 11 ? 4.61433 6.53919 5.23592 2.35869  0.80192  -0.23052 210 DC D "O5'" 
615 C "C5'" . DC C 11 ? 4.53411 6.61439 5.35676 2.33791  0.76715  -0.27429 210 DC D "C5'" 
616 C "C4'" . DC C 11 ? 4.57066 6.60004 5.53071 2.34579  0.83296  -0.24896 210 DC D "C4'" 
617 O "O4'" . DC C 11 ? 4.60842 6.47423 5.61548 2.32815  0.88592  -0.27859 210 DC D "O4'" 
618 C "C3'" . DC C 11 ? 4.49904 6.72028 5.65834 2.33833  0.79320  -0.27188 210 DC D "C3'" 
619 O "O3'" . DC C 11 ? 4.53346 6.79849 5.70687 2.37062  0.81600  -0.21078 210 DC D "O3'" 
620 C "C2'" . DC C 11 ? 4.49178 6.65583 5.83000 2.31508  0.82891  -0.31576 210 DC D "C2'" 
621 C "C1'" . DC C 11 ? 4.55125 6.50284 5.77516 2.30547  0.87687  -0.32794 210 DC D "C1'" 
622 N N1    . DC C 11 ? 4.50444 6.45223 5.74058 2.27408  0.83677  -0.39730 210 DC D N1    
623 C C2    . DC C 11 ? 4.44629 6.47714 5.86828 2.24939  0.81818  -0.45067 210 DC D C2    
624 O O2    . DC C 11 ? 4.42720 6.54712 6.01567 2.25245  0.82923  -0.44403 210 DC D O2    
625 N N3    . DC C 11 ? 4.41848 6.42950 5.82795 2.22593  0.78668  -0.50577 210 DC D N3    
626 C C4    . DC C 11 ? 4.44360 6.36219 5.68043 2.22654  0.77032  -0.51292 210 DC D C4    
627 N N4    . DC C 11 ? 4.42034 6.32361 5.65172 2.20672  0.73631  -0.56777 210 DC D N4    
628 C C5    . DC C 11 ? 4.50071 6.33765 5.55932 2.25111  0.78694  -0.46151 210 DC D C5    
629 C C6    . DC C 11 ? 4.53070 6.38160 5.59047 2.27374  0.82221  -0.40366 210 DC D C6    
630 P P     . DT C 12 ? 4.44335 6.91123 5.58580 2.38877  0.74600  -0.19105 211 DT D P     
631 O OP1   . DT C 12 ? 4.47526 6.98957 5.72041 2.41851  0.77349  -0.14284 211 DT D OP1   
632 O OP2   . DT C 12 ? 4.46312 6.90603 5.38620 2.40001  0.72888  -0.16729 211 DT D OP2   
633 O "O5'" . DT C 12 ? 4.35038 6.98826 5.61261 2.35693  0.66405  -0.26511 211 DT D "O5'" 
634 C "C5'" . DT C 12 ? 4.31662 7.11652 5.73832 2.36143  0.62617  -0.27330 211 DT D "C5'" 
635 C "C4'" . DT C 12 ? 4.29170 7.07771 5.91564 2.33808  0.64224  -0.31579 211 DT D "C4'" 
636 O "O4'" . DT C 12 ? 4.30227 6.92695 5.89109 2.31475  0.68388  -0.34472 211 DT D "O4'" 
637 C "C3'" . DT C 12 ? 4.22612 7.17839 5.94745 2.31715  0.56401  -0.37200 211 DT D "C3'" 
638 O "O3'" . DT C 12 ? 4.22515 7.31663 6.07184 2.33804  0.53768  -0.35131 211 DT D "O3'" 
639 C "C2'" . DT C 12 ? 4.21151 7.07875 6.05600 2.28893  0.59543  -0.41610 211 DT D "C2'" 
640 C "C1'" . DT C 12 ? 4.25827 6.91702 5.99577 2.28635  0.66711  -0.40225 211 DT D "C1'" 
641 N N1    . DT C 12 ? 4.23963 6.83555 5.86803 2.26173  0.64540  -0.44731 211 DT D N1    
642 C C2    . DT C 12 ? 4.21340 6.79406 5.94345 2.23592  0.64207  -0.50012 211 DT D C2    
643 O O2    . DT C 12 ? 4.20291 6.82260 6.11164 2.23136  0.65778  -0.51085 211 DT D O2    
644 N N3    . DT C 12 ? 4.20443 6.72362 5.81996 2.21836  0.61928  -0.53839 211 DT D N3    
645 C C4    . DT C 12 ? 4.21590 6.69470 5.64335 2.22333  0.59816  -0.53060 211 DT D C4    
646 O O4    . DT C 12 ? 4.20776 6.63880 5.56170 2.20828  0.57434  -0.56996 211 DT D O4    
647 C C5    . DT C 12 ? 4.24199 6.74172 5.57464 2.24978  0.60577  -0.47311 211 DT D C5    
648 C C7    . DT C 12 ? 4.25915 6.72293 5.39278 2.25901  0.58626  -0.45823 211 DT D C7    
649 C C6    . DT C 12 ? 4.25386 6.80774 5.68439 2.26783  0.62940  -0.43417 211 DT D C6    
650 P P     . DC C 13 ? 4.31590 7.62005 6.17181 2.33620  0.43823  -0.38554 212 DC D P     
651 O OP1   . DC C 13 ? 4.33888 7.74455 6.31307 2.36747  0.42835  -0.34612 212 DC D OP1   
652 O OP2   . DC C 13 ? 4.30538 7.64100 5.95399 2.33219  0.39595  -0.39935 212 DC D OP2   
653 O "O5'" . DC C 13 ? 4.27365 7.60048 6.25221 2.30240  0.41479  -0.45157 212 DC D "O5'" 
654 C "C5'" . DC C 13 ? 4.27793 7.55953 6.46053 2.29796  0.46132  -0.45037 212 DC D "C5'" 
655 C "C4'" . DC C 13 ? 4.24373 7.52598 6.48848 2.26640  0.44279  -0.51241 212 DC D "C4'" 
656 O "O4'" . DC C 13 ? 4.24213 7.38280 6.35518 2.24608  0.47078  -0.53518 212 DC D "O4'" 
657 C "C3'" . DC C 13 ? 4.21207 7.66484 6.43120 2.25760  0.34672  -0.56301 212 DC D "C3'" 
658 O "O3'" . DC C 13 ? 4.19716 7.69221 6.57494 2.24397  0.33599  -0.59896 212 DC D "O3'" 
659 C "C2'" . DC C 13 ? 4.19579 7.60260 6.22100 2.23855  0.32326  -0.60075 212 DC D "C2'" 
660 C "C1'" . DC C 13 ? 4.20777 7.42305 6.24144 2.22573  0.40106  -0.59451 212 DC D "C1'" 
661 N N1    . DC C 13 ? 4.21015 7.32692 6.05539 2.21659  0.40509  -0.60273 212 DC D N1    
662 C C2    . DC C 13 ? 4.19319 7.25990 5.98754 2.19241  0.38789  -0.65697 212 DC D C2    
663 O O2    . DC C 13 ? 4.17743 7.28039 6.07069 2.17872  0.37055  -0.69929 212 DC D O2    
664 N N3    . DC C 13 ? 4.19904 7.18131 5.83501 2.18735  0.38818  -0.66116 212 DC D N3    
665 C C4    . DC C 13 ? 4.22113 7.16922 5.74764 2.20482  0.40668  -0.61355 212 DC D C4    
666 N N4    . DC C 13 ? 4.22937 7.10008 5.60724 2.20134  0.40368  -0.61813 212 DC D N4    
667 C C5    . DC C 13 ? 4.24111 7.23415 5.80488 2.22983  0.42758  -0.55795 212 DC D C5    
668 C C6    . DC C 13 ? 4.23447 7.31073 5.95960 2.23498  0.42495  -0.55519 212 DC D C6    
669 O "O5'" . DG D 1  ? 4.77866 8.10923 4.63283 0.86184  -0.00331 -3.14976 103 DG X "O5'" 
670 C "C5'" . DG D 1  ? 4.99544 8.14714 4.64899 0.76159  -0.03109 -3.19836 103 DG X "C5'" 
671 C "C4'" . DG D 1  ? 5.46614 8.16453 4.66902 0.77591  -0.05002 -3.21955 103 DG X "C4'" 
672 O "O4'" . DG D 1  ? 5.56346 8.21529 4.66087 0.63682  -0.08797 -3.24621 103 DG X "O4'" 
673 C "C3'" . DG D 1  ? 5.77286 8.18712 4.69198 0.70581  -0.09720 -3.25502 103 DG X "C3'" 
674 O "O3'" . DG D 1  ? 5.88801 8.14711 4.71601 0.88630  -0.05627 -3.23047 103 DG X "O3'" 
675 C "C2'" . DG D 1  ? 6.18294 8.22629 4.70993 0.60380  -0.14628 -3.28567 103 DG X "C2'" 
676 C "C1'" . DG D 1  ? 5.93143 8.25608 4.68208 0.48865  -0.15558 -3.28248 103 DG X "C1'" 
677 N N9    . DG D 1  ? 5.74902 8.30085 4.67099 0.25097  -0.21966 -3.28912 103 DG X N9    
678 C C8    . DG D 1  ? 5.30512 8.31080 4.64637 0.18578  -0.20038 -3.27570 103 DG X C8    
679 N N7    . DG D 1  ? 5.23854 8.36411 4.65068 -0.06996 -0.27467 -3.25966 103 DG X N7    
680 C C5    . DG D 1  ? 5.66327 8.38932 4.68182 -0.19370 -0.36040 -3.25580 103 DG X C5    
681 C C6    . DG D 1  ? 5.79911 8.36773 4.79359 -0.49029 -0.45802 -3.06016 103 DG X C6    
682 O O6    . DG D 1  ? 5.55383 8.34861 4.86226 -0.70056 -0.48735 -2.88461 103 DG X O6    
683 N N1    . DG D 1  ? 6.28208 8.37043 4.83837 -0.53485 -0.52050 -3.05672 103 DG X N1    
684 C C2    . DG D 1  ? 6.59952 8.39512 4.78023 -0.31175 -0.48939 -3.23564 103 DG X C2    
685 N N2    . DG D 1  ? 7.07616 8.39153 4.85330 -0.40015 -0.56017 -3.19973 103 DG X N2    
686 N N3    . DG D 1  ? 6.46887 8.36172 4.73061 -0.02233 -0.37936 -3.30682 103 DG X N3    
687 C C4    . DG D 1  ? 5.99280 8.35029 4.69299 0.01440  -0.32176 -3.29048 103 DG X C4    
688 P P     . DG D 2  ? 6.00086 8.22613 4.79369 0.87549  -0.08806 -3.24587 104 DG X P     
689 O OP1   . DG D 2  ? 6.26992 8.19808 4.83366 1.05575  -0.05390 -3.22598 104 DG X OP1   
690 O OP2   . DG D 2  ? 5.54377 8.22337 4.76767 0.86160  -0.06333 -3.22473 104 DG X OP2   
691 O "O5'" . DG D 2  ? 6.28761 8.29573 4.79504 0.61351  -0.20762 -3.29896 104 DG X "O5'" 
692 C "C5'" . DG D 2  ? 6.79732 8.30904 4.83658 0.58399  -0.26009 -3.32568 104 DG X "C5'" 
693 C "C4'" . DG D 2  ? 7.01202 8.30373 4.92590 0.26303  -0.38694 -3.19947 104 DG X "C4'" 
694 O "O4'" . DG D 2  ? 6.71016 8.31988 4.91318 0.06201  -0.40974 -3.14454 104 DG X "O4'" 
695 C "C3'" . DG D 2  ? 7.03239 8.22065 5.05845 0.15041  -0.44283 -2.95423 104 DG X "C3'" 
696 O "O3'" . DG D 2  ? 7.45017 8.21562 5.16463 -0.08992 -0.55515 -2.83933 104 DG X "O3'" 
697 C "C2'" . DG D 2  ? 6.55377 8.19250 5.07215 0.02300  -0.43569 -2.81101 104 DG X "C2'" 
698 C "C1'" . DG D 2  ? 6.49953 8.25302 5.01667 -0.12394 -0.45331 -2.89711 104 DG X "C1'" 
699 N N9    . DG D 2  ? 6.00919 8.25494 4.97198 -0.12635 -0.39918 -2.88923 104 DG X N9    
700 C C8    . DG D 2  ? 5.70826 8.27521 4.86769 0.11438  -0.29636 -3.04840 104 DG X C8    
701 N N7    . DG D 2  ? 5.30944 8.27130 4.86251 0.04540  -0.26952 -3.00010 104 DG X N7    
702 C C5    . DG D 2  ? 5.33567 8.24960 4.96787 -0.25528 -0.35555 -2.78924 104 DG X C5    
703 C C6    . DG D 2  ? 5.00761 8.24259 5.01767 -0.44496 -0.36503 -2.64532 104 DG X C6    
704 O O6    . DG D 2  ? 4.63082 8.24554 4.98397 -0.38276 -0.29984 -2.68369 104 DG X O6    
705 N N1    . DG D 2  ? 5.16421 8.23990 5.12270 -0.73677 -0.46059 -2.43415 104 DG X N1    
706 C C2    . DG D 2  ? 5.59763 8.24208 5.17504 -0.83985 -0.54267 -2.37581 104 DG X C2    
707 N N2    . DG D 2  ? 5.69353 8.25510 5.27538 -1.14143 -0.63170 -2.15747 104 DG X N2    
708 N N3    . DG D 2  ? 5.92362 8.23976 5.13743 -0.66254 -0.53651 -2.51648 104 DG X N3    
709 C C4    . DG D 2  ? 5.76190 8.24384 5.03249 -0.36907 -0.43792 -2.71755 104 DG X C4    
710 P P     . DA D 3  ? 7.51076 8.08847 5.25013 -0.25219 -0.64025 -2.56648 105 DA X P     
711 O OP1   . DA D 3  ? 8.01888 8.08613 5.30795 -0.18664 -0.67596 -2.60702 105 DA X OP1   
712 O OP2   . DA D 3  ? 7.07682 8.04202 5.25593 -0.15625 -0.58884 -2.44489 105 DA X OP2   
713 O "O5'" . DA D 3  ? 7.56158 8.10825 5.32553 -0.62982 -0.74704 -2.39123 105 DA X "O5'" 
714 C "C5'" . DA D 3  ? 7.18450 8.13382 5.27591 -0.74236 -0.72679 -2.38032 105 DA X "C5'" 
715 C "C4'" . DA D 3  ? 6.91403 8.10607 5.36755 -0.95621 -0.77066 -2.09382 105 DA X "C4'" 
716 O "O4'" . DA D 3  ? 6.39979 8.09943 5.30684 -0.88668 -0.68980 -2.10922 105 DA X "O4'" 
717 C "C3'" . DA D 3  ? 6.94704 8.05331 5.45856 -0.91612 -0.79368 -1.90249 105 DA X "C3'" 
718 O "O3'" . DA D 3  ? 7.04549 8.06828 5.57649 -1.22895 -0.89987 -1.62510 105 DA X "O3'" 
719 C "C2'" . DA D 3  ? 6.44518 8.01877 5.41066 -0.72067 -0.69297 -1.89942 105 DA X "C2'" 
720 C "C1'" . DA D 3  ? 6.13552 8.04982 5.36321 -0.84080 -0.66779 -1.92756 105 DA X "C1'" 
721 N N9    . DA D 3  ? 5.70843 8.03494 5.27942 -0.62283 -0.55512 -2.04750 105 DA X N9    
722 C C8    . DA D 3  ? 5.65761 8.02958 5.18485 -0.31598 -0.46569 -2.26472 105 DA X C8    
723 N N7    . DA D 3  ? 5.24888 8.02633 5.12787 -0.18739 -0.37789 -2.32942 105 DA X N7    
724 C C5    . DA D 3  ? 5.01796 8.02236 5.19501 -0.41795 -0.40871 -2.14276 105 DA X C5    
725 C C6    . DA D 3  ? 4.58756 8.01729 5.19311 -0.42363 -0.34943 -2.10456 105 DA X C6    
726 N N6    . DA D 3  ? 4.31174 8.01513 5.11612 -0.19054 -0.24900 -2.26459 105 DA X N6    
727 N N1    . DA D 3  ? 4.46125 8.02293 5.27959 -0.68188 -0.39588 -1.88999 105 DA X N1    
728 C C2    . DA D 3  ? 4.74420 8.04104 5.35464 -0.92605 -0.49830 -1.72518 105 DA X C2    
729 N N3    . DA D 3  ? 5.16791 8.04768 5.36510 -0.95676 -0.56769 -1.74592 105 DA X N3    
730 C C4    . DA D 3  ? 5.28773 8.03277 5.28462 -0.68697 -0.51585 -1.96377 105 DA X C4    
731 P P     . DG D 4  ? 7.20852 8.23852 5.88510 -1.26724 -0.94362 -1.34706 106 DG X P     
732 O OP1   . DG D 4  ? 7.57278 8.26089 5.97766 -1.57247 -1.07534 -1.15463 106 DG X OP1   
733 O OP2   . DG D 4  ? 7.27034 8.25831 5.92522 -0.95543 -0.87985 -1.44489 106 DG X OP2   
734 O "O5'" . DG D 4  ? 6.71269 8.26598 5.91658 -1.33204 -0.90134 -1.17827 106 DG X "O5'" 
735 C "C5'" . DG D 4  ? 6.49618 8.20414 5.82867 -1.61245 -0.94186 -1.06029 106 DG X "C5'" 
736 C "C4'" . DG D 4  ? 6.01160 8.22849 5.85629 -1.59839 -0.87185 -0.94739 106 DG X "C4'" 
737 O "O4'" . DG D 4  ? 5.70712 8.16304 5.72597 -1.30829 -0.75318 -1.19048 106 DG X "O4'" 
738 C "C3'" . DG D 4  ? 5.93078 8.30481 6.02881 -1.59917 -0.88122 -0.67375 106 DG X "C3'" 
739 O "O3'" . DG D 4  ? 5.52675 8.22883 5.96289 -1.80133 -0.88400 -0.45269 106 DG X "O3'" 
740 C "C2'" . DG D 4  ? 5.77162 8.35184 6.06745 -1.25207 -0.76839 -0.83162 106 DG X "C2'" 
741 C "C1'" . DG D 4  ? 5.40900 8.18577 5.80428 -1.18443 -0.69209 -1.06994 106 DG X "C1'" 
742 N N9    . DG D 4  ? 5.16668 8.09116 5.65165 -0.85990 -0.58309 -1.31048 106 DG X N9    
743 C C8    . DG D 4  ? 5.37026 8.06694 5.57782 -0.63200 -0.55573 -1.52160 106 DG X C8    
744 N N7    . DG D 4  ? 5.10900 8.04993 5.49157 -0.37248 -0.44949 -1.70062 106 DG X N7    
745 C C5    . DG D 4  ? 4.71520 8.04899 5.51028 -0.43363 -0.40650 -1.60815 106 DG X C5    
746 C C6    . DG D 4  ? 4.33220 8.04003 5.45579 -0.24905 -0.29865 -1.72009 106 DG X C6    
747 O O6    . DG D 4  ? 4.25184 8.03915 5.36894 0.00860  -0.21836 -1.92827 106 DG X O6    
748 N N1    . DG D 4  ? 4.03270 8.04225 5.51681 -0.39658 -0.28664 -1.56077 106 DG X N1    
749 C C2    . DG D 4  ? 4.08289 8.06080 5.61166 -0.68371 -0.36535 -1.31553 106 DG X C2    
750 N N2    . DG D 4  ? 3.76391 8.06888 5.66575 -0.78224 -0.33164 -1.18040 106 DG X N2    
751 N N3    . DG D 4  ? 4.43098 8.07924 5.65560 -0.86549 -0.46843 -1.20563 106 DG X N3    
752 C C4    . DG D 4  ? 4.73840 8.06755 5.60363 -0.72697 -0.48468 -1.36621 106 DG X C4    
753 P P     . DC D 5  ? 5.60662 8.53211 6.34248 -1.85052 -0.89538 -0.12326 107 DC X P     
754 O OP1   . DC D 5  ? 5.47975 8.43447 6.24114 -2.19814 -0.97853 0.14561  107 DC X OP1   
755 O OP2   . DC D 5  ? 5.94127 8.65782 6.51989 -1.68766 -0.91895 -0.09687 107 DC X OP2   
756 O "O5'" . DC D 5  ? 5.08418 8.47658 6.28359 -1.66332 -0.76693 -0.17647 107 DC X "O5'" 
757 C "C5'" . DC D 5  ? 4.75503 8.42859 6.29058 -1.62914 -0.73754 0.06275  107 DC X "C5'" 
758 C "C4'" . DC D 5  ? 4.19613 8.28863 6.14811 -1.53494 -0.62474 0.01459  107 DC X "C4'" 
759 O "O4'" . DC D 5  ? 4.17419 8.28787 6.10090 -1.28614 -0.54048 -0.32653 107 DC X "O4'" 
760 C "C3'" . DC D 5  ? 3.83102 8.21587 6.12986 -1.41230 -0.56745 0.20095  107 DC X "C3'" 
761 O "O3'" . DC D 5  ? 3.43325 8.17206 6.10062 -1.46783 -0.49718 0.27305  107 DC X "O3'" 
762 C "C2'" . DC D 5  ? 3.88829 8.26719 6.16978 -1.07508 -0.49084 -0.05083 107 DC X "C2'" 
763 C "C1'" . DC D 5  ? 3.86990 8.21517 6.05303 -1.02600 -0.44811 -0.36334 107 DC X "C1'" 
764 N N1    . DC D 5  ? 4.08416 8.26667 6.05286 -0.76440 -0.41158 -0.64298 107 DC X N1    
765 C C2    . DC D 5  ? 3.70078 8.12153 5.87220 -0.50054 -0.29794 -0.84256 107 DC X C2    
766 O O2    . DC D 5  ? 3.23606 7.98157 5.75926 -0.48743 -0.23001 -0.79349 107 DC X O2    
767 N N3    . DC D 5  ? 3.87033 8.15669 5.83923 -0.26765 -0.26328 -1.08362 107 DC X N3    
768 C C4    . DC D 5  ? 4.38507 8.30555 5.97086 -0.28286 -0.33332 -1.12784 107 DC X C4    
769 N N4    . DC D 5  ? 4.49468 8.30370 5.89578 -0.04215 -0.28844 -1.35787 107 DC X N4    
770 C C5    . DC D 5  ? 4.78584 8.43700 6.15511 -0.54791 -0.45054 -0.93479 107 DC X C5    
771 C C6    . DC D 5  ? 4.62310 8.42325 6.19306 -0.78483 -0.48728 -0.69719 107 DC X C6    
772 P P     . DT D 6  ? 3.26683 8.33447 6.31950 -1.42159 -0.44352 0.53821  108 DT X P     
773 O OP1   . DT D 6  ? 3.09039 8.27792 6.26607 -1.71885 -0.48812 0.83234  108 DT X OP1   
774 O OP2   . DT D 6  ? 3.47741 8.45407 6.45341 -1.25220 -0.46154 0.60456  108 DT X OP2   
775 O "O5'" . DT D 6  ? 2.80261 8.16893 6.17118 -1.20896 -0.30736 0.33221  108 DT X "O5'" 
776 C "C5'" . DT D 6  ? 2.85886 8.18458 6.16049 -0.92471 -0.24410 0.02843  108 DT X "C5'" 
777 C "C4'" . DT D 6  ? 2.40202 8.05587 6.06711 -0.71946 -0.12151 -0.02609 108 DT X "C4'" 
778 O "O4'" . DT D 6  ? 2.38362 8.00635 5.96805 -0.44569 -0.06012 -0.33083 108 DT X "O4'" 
779 C "C3'" . DT D 6  ? 2.29960 8.07409 6.15718 -0.64354 -0.09976 0.22396  108 DT X "C3'" 
780 O "O3'" . DT D 6  ? 2.20299 7.84801 6.19336 -0.48706 0.01344  0.17398  108 DT X "O3'" 
781 C "C2'" . DT D 6  ? 2.43736 8.09291 6.11750 -0.42441 -0.11040 0.10388  108 DT X "C2'" 
782 C "C1'" . DT D 6  ? 2.37544 8.01423 5.98466 -0.25497 -0.04372 -0.26726 108 DT X "C1'" 
783 N N1    . DT D 6  ? 2.80389 8.16975 6.07244 -0.12782 -0.07866 -0.46049 108 DT X N1    
784 C C2    . DT D 6  ? 2.65466 8.07213 5.90642 0.11383  0.00175  -0.75724 108 DT X C2    
785 O O2    . DT D 6  ? 2.28429 7.95553 5.78457 0.22686  0.09579  -0.87122 108 DT X O2    
786 N N3    . DT D 6  ? 3.06478 8.22544 5.99314 0.21874  -0.03005 -0.91229 108 DT X N3    
787 C C4    . DT D 6  ? 3.59768 8.43636 6.21567 0.10731  -0.13420 -0.81083 108 DT X C4    
788 O O4    . DT D 6  ? 3.91286 8.52507 6.24975 0.22485  -0.14897 -0.96667 108 DT X O4    
789 C C5    . DT D 6  ? 3.72783 8.51597 6.37121 -0.15836 -0.22224 -0.50375 108 DT X C5    
790 C C7    . DT D 6  ? 4.26877 8.70494 6.57844 -0.31298 -0.34450 -0.36894 108 DT X C7    
791 C C6    . DT D 6  ? 3.32841 8.39091 6.29479 -0.26275 -0.18962 -0.34160 108 DT X C6    
792 P P     . DG D 7  ? 2.23778 7.81536 6.34174 -0.37735 0.06238  0.35641  109 DG X P     
793 O OP1   . DG D 7  ? 2.20213 7.62617 6.39977 -0.39982 0.13343  0.35529  109 DG X OP1   
794 O OP2   . DG D 7  ? 2.33705 7.97877 6.37844 -0.50616 -0.02836 0.64094  109 DG X OP2   
795 O "O5'" . DG D 7  ? 2.17813 7.74794 6.29401 -0.08672 0.12779  0.16563  109 DG X "O5'" 
796 C "C5'" . DG D 7  ? 2.15162 7.63993 6.20445 0.04151  0.18733  -0.10158 109 DG X "C5'" 
797 C "C4'" . DG D 7  ? 2.16161 7.54807 6.15334 0.29221  0.24879  -0.21652 109 DG X "C4'" 
798 O "O4'" . DG D 7  ? 2.22293 7.68826 6.03973 0.39200  0.21562  -0.38774 109 DG X "O4'" 
799 C "C3'" . DG D 7  ? 2.15793 7.51849 6.24844 0.36522  0.25747  -0.04852 109 DG X "C3'" 
800 O "O3'" . DG D 7  ? 2.16586 7.32904 6.22874 0.54007  0.34060  -0.14784 109 DG X "O3'" 
801 C "C2'" . DG D 7  ? 2.20817 7.73873 6.20800 0.39317  0.17904  -0.00434 109 DG X "C2'" 
802 C "C1'" . DG D 7  ? 2.24855 7.75078 6.07167 0.50354  0.19679  -0.28693 109 DG X "C1'" 
803 N N9    . DG D 7  ? 2.30012 7.98443 6.02145 0.49713  0.11421  -0.34783 109 DG X N9    
804 C C8    . DG D 7  ? 2.51312 8.25525 6.19566 0.32168  0.00294  -0.13326 109 DG X C8    
805 N N7    . DG D 7  ? 2.98856 8.43854 6.33765 0.32578  -0.06099 -0.24188 109 DG X N7    
806 C C5    . DG D 7  ? 2.84293 8.32454 6.15240 0.54446  0.02068  -0.56289 109 DG X C5    
807 C C6    . DG D 7  ? 3.15900 8.41580 6.16717 0.65961  0.01236  -0.79762 109 DG X C6    
808 O O6    . DG D 7  ? 3.71228 8.66280 6.41042 0.59336  -0.07125 -0.77890 109 DG X O6    
809 N N1    . DG D 7  ? 2.80434 8.22240 5.89102 0.87468  0.11777  -1.07579 109 DG X N1    
810 C C2    . DG D 7  ? 2.52315 7.89141 5.71235 0.89751  0.19988  -1.05475 109 DG X C2    
811 N N2    . DG D 7  ? 2.60461 7.73195 5.58915 1.01051  0.26029  -1.23717 109 DG X N2    
812 N N3    . DG D 7  ? 2.42326 7.82814 5.80851 0.78310  0.20765  -0.83008 109 DG X N3    
813 C C4    . DG D 7  ? 2.37302 8.01327 5.91101 0.63911  0.12437  -0.62059 109 DG X C4    
814 P P     . DT D 8  ? 2.31227 7.38202 6.47777 0.61976  0.37012  -0.04153 110 DT X P     
815 O OP1   . DT D 8  ? 2.33960 7.19713 6.43272 0.75945  0.45263  -0.15752 110 DT X OP1   
816 O OP2   . DT D 8  ? 2.27704 7.38663 6.57820 0.48463  0.35864  0.09324  110 DT X OP2   
817 O "O5'" . DT D 8  ? 2.36216 7.57013 6.45214 0.67360  0.29868  0.04284  110 DT X "O5'" 
818 C "C5'" . DT D 8  ? 2.39960 7.52320 6.46938 0.80318  0.31369  0.06693  110 DT X "C5'" 
819 C "C4'" . DT D 8  ? 2.46402 7.51667 6.36997 0.95117  0.32752  -0.07472 110 DT X "C4'" 
820 O "O4'" . DT D 8  ? 2.48762 7.70747 6.29705 0.92589  0.26470  -0.11715 110 DT X "O4'" 
821 C "C3'" . DT D 8  ? 2.51855 7.53113 6.38544 1.06495  0.31243  -0.01562 110 DT X "C3'" 
822 O "O3'" . DT D 8  ? 2.56560 7.36694 6.32739 1.17627  0.38427  -0.15658 110 DT X "O3'" 
823 C "C2'" . DT D 8  ? 2.56477 7.75311 6.34152 1.08603  0.22932  0.03329  110 DT X "C2'" 
824 C "C1'" . DT D 8  ? 2.56312 7.78530 6.25319 1.05693  0.23781  -0.14081 110 DT X "C1'" 
825 N N1    . DT D 8  ? 2.58598 8.03753 6.23136 1.01397  0.14370  -0.10712 110 DT X N1    
826 C C2    . DT D 8  ? 2.64821 8.09383 6.12425 1.08778  0.14295  -0.34241 110 DT X C2    
827 O O2    . DT D 8  ? 2.69689 7.93935 6.02884 1.17425  0.21630  -0.55367 110 DT X O2    
828 N N3    . DT D 8  ? 3.01966 8.69778 6.47773 1.04064  0.04071  -0.31039 110 DT X N3    
829 C C4    . DT D 8  ? 3.35415 8.92925 6.75883 0.84032  -0.06864 -0.00578 110 DT X C4    
830 O O4    . DT D 8  ? 3.91988 9.18589 7.03002 0.70163  -0.16649 0.03269  110 DT X O4    
831 C C5    . DT D 8  ? 2.96758 8.80280 6.66741 0.80301  -0.05844 0.26819  110 DT X C5    
832 C C7    . DT D 8  ? 3.21148 8.96976 6.87219 0.58382  -0.17218 0.62718  110 DT X C7    
833 C C6    . DT D 8  ? 2.60348 8.24945 6.34835 0.89040  0.05061  0.17233  110 DT X C6    
834 P P     . DG D 9  ? 2.46923 7.08507 6.32017 1.18197  0.45981  -0.16194 111 DG X P     
835 O OP1   . DG D 9  ? 2.41288 6.99747 6.33883 1.09569  0.50206  -0.18819 111 DG X OP1   
836 O OP2   . DG D 9  ? 2.46591 7.13719 6.41189 1.18665  0.41884  -0.03825 111 DG X OP2   
837 O "O5'" . DG D 9  ? 2.57418 7.06294 6.21074 1.30305  0.50979  -0.29724 111 DG X "O5'" 
838 C "C5'" . DG D 9  ? 2.62188 7.04898 6.05126 1.32699  0.52158  -0.44822 111 DG X "C5'" 
839 C "C4'" . DG D 9  ? 2.72434 7.11528 5.96280 1.43256  0.50468  -0.52810 111 DG X "C4'" 
840 O "O4'" . DG D 9  ? 2.74327 7.17788 5.87406 1.43854  0.46261  -0.59935 111 DG X "O4'" 
841 C "C3'" . DG D 9  ? 2.73131 7.16582 6.05585 1.47854  0.47514  -0.40486 111 DG X "C3'" 
842 O "O3'" . DG D 9  ? 2.80954 7.26658 6.10508 1.54358  0.50479  -0.41929 111 DG X "O3'" 
843 C "C2'" . DG D 9  ? 2.79601 7.18586 5.95631 1.54729  0.44867  -0.46991 111 DG X "C2'" 
844 C "C1'" . DG D 9  ? 2.80360 7.27781 5.88033 1.52085  0.42330  -0.57059 111 DG X "C1'" 
845 N N9    . DG D 9  ? 2.77428 7.46878 5.95072 1.49799  0.34788  -0.47258 111 DG X N9    
846 C C8    . DG D 9  ? 2.69207 7.53420 6.07837 1.42129  0.30572  -0.28029 111 DG X C8    
847 N N7    . DG D 9  ? 2.68967 7.74218 6.10527 1.39390  0.22277  -0.19128 111 DG X N7    
848 C C5    . DG D 9  ? 2.77462 7.81258 6.00352 1.47694  0.21568  -0.36591 111 DG X C5    
849 C C6    . DG D 9  ? 2.81764 8.03730 5.99334 1.49580  0.13421  -0.37918 111 DG X C6    
850 O O6    . DG D 9  ? 2.89396 8.35203 6.18237 1.41341  0.03808  -0.19185 111 DG X O6    
851 N N1    . DG D 9  ? 2.93091 8.02695 5.88365 1.60629  0.16001  -0.61894 111 DG X N1    
852 C C2    . DG D 9  ? 2.99253 7.83301 5.78114 1.65846  0.24288  -0.78077 111 DG X C2    
853 N N2    . DG D 9  ? 3.12040 7.85644 5.68094 1.74402  0.24725  -0.97682 111 DG X N2    
854 N N3    . DG D 9  ? 2.94133 7.64257 5.78242 1.61972  0.30575  -0.73715 111 DG X N3    
855 C C4    . DG D 9  ? 2.83414 7.63979 5.90240 1.54096  0.29322  -0.54301 111 DG X C4    
# 
